data_8ITF
#
_entry.id   8ITF
#
loop_
_entity.id
_entity.type
_entity.pdbx_description
1 polymer 'Guanine nucleotide-binding protein G(s) subunit alpha isoforms short'
2 polymer 'Guanine nucleotide-binding protein G(I)/G(S)/G(T) subunit beta-1'
3 polymer 'Guanine nucleotide-binding protein G(I)/G(S)/G(O) subunit gamma-2'
4 polymer 'Trace amine-associated receptor 9'
5 polymer scFv16
6 polymer Nanobody-35
7 non-polymer ~{N},~{N}-dimethylcyclohexanamine
#
loop_
_entity_poly.entity_id
_entity_poly.type
_entity_poly.pdbx_seq_one_letter_code
_entity_poly.pdbx_strand_id
1 'polypeptide(L)'
;MMGCTLSAEDKAAVERSKMIEKQLQKDKQVYRATHRLLLLGADNSGKSTIVKQMRIYHVNGYSEEECKQYKAVVYSNTIQ
SIIAIIRAMGRLKIDFGDSARADDARQLFVLAGAAEEGFMTAELAGVIKRLWKDSGVQACFNRSREYQLNDSAAYYLNDL
DRIAQPNYIPTQQDVLRTRVKTSGIFETKFQVDKVNFHMFDVGAQRDERRKWIQCFNDVTAIIFVVDSSDYNRLQEALND
FKSIWNNRWLRTISVILFLNKQDLLAEKVLAGKSKIEDYFPEFARYTTPEDATPEPGEDPRVTRAKYFIRDEFLRISTAS
GDGRHYCYPHFTCSVDTENARRIFNDCRDIIQRMHLRQYELL
;
A
2 'polypeptide(L)'
;MHHHHHHGSLLQSELDQLRQEAEQLKNQIRDARKACADATLSQITNNIDPVGRIQMRTRRTLRGHLAKIYAMHWGTDSRL
LVSASQDGKLIIWDSYTTNKVHAIPLRSSWVMTCAYAPSGNYVACGGLDNICSIYNLKTREGNVRVSRELAGHTGYLSCC
RFLDDNQIVTSSGDTTCALWDIETGQQTTTFTGHTGDVMSLSLAPDTRLFVSGACDASAKLWDVREGMCRQTFTGHESDI
NAICFFPNGNAFATGSDDATCRLFDLRADQELMTYSHDNIICGITSVSFSKSGRLLLAGYDDFNCNVWDALKADRAGVLA
GHDNRVSCLGVTDDGMAVATGSWDSFLKIWNGSSGGGGSGGGGSSGVSGWRLFKKIS
;
B
3 'polypeptide(L)' NTASIAQARKLVEQLKMEANIDRIKVSKAAADLMAYCEAHAKEDPLLTPVPASENPFR C
4 'polypeptide(L)'
;MTSDFSPEPPMELCYENVNGSCIKSSYAPWPRAILYGVLGLGALLAVFGNLLVIIAILHFKQLHTPTNFLVASLACADFL
VGVTVMPFSTVRSVESCWYFGESYCKFHTCFDTSFCFASLFHLCCISIDRYIAVTDPLTYPTKFTVSVSGLCIALSWFFS
VTYSFSIFYTGANEEGIEELVVALTCVGGCQAPLNQNWVLLCFLLFFLPTVVMVFLYGRIFLVAKYQARKIEGTANQAQA
SSESYKERVAKRERKAAKTLGIAMAAFLVSWLPYIIDAVIDAYMNFITPAYVYEILVWCVYYNSAMNPLIYAFFYPWFRK
AIKLIVSGKVFRADSSTTNLFSEEAGAG
;
R
5 'polypeptide(L)'
;MLLVNQSHQGFNKEHTSKMVSAIVLYVLLAAAAHSAFAVQLVESGGGLVQPGGSRKLSCSASGFAFSSFGMHWVRQAPEK
GLEWVAYISSGSGTIYYADTVKGRFTISRDDPKNTLFLQMTSLRSEDTAMYYCVRSIYYYGSSPFDFWGQGTTLTVSAGG
GGSGGGGSGGGGSADIVMTQATSSVPVTPGESVSISCRSSKSLLHSNGNTYLYWFLQRPGQSPQLLIYRMSNLASGVPDR
FSGSGSGTAFTLTISRLEAEDVGVYYCMQHLEYPLTFGAGTKLEL
;
S
6 'polypeptide(L)'
;QVQLQESGGGLVQPGGSLRLSCAASGFTFSNYKMNWVRQAPGKGLEWVSDISQSGASISYTGSVKGRFTISRDNAKNTLY
LQMNSLKPEDTAVYYCARCPAPFTRDCFDVTSTTYAYRGQGTQVTVSS
;
N
#
# COMPACT_ATOMS: atom_id res chain seq x y z
N THR A 5 -6.43 -6.08 32.13
CA THR A 5 -6.86 -4.70 32.31
C THR A 5 -7.89 -4.30 31.27
N LEU A 6 -8.51 -5.30 30.65
CA LEU A 6 -9.52 -5.10 29.62
C LEU A 6 -10.85 -5.66 30.08
N SER A 7 -11.93 -5.18 29.47
CA SER A 7 -13.27 -5.61 29.81
C SER A 7 -13.59 -6.91 29.08
N ALA A 8 -14.86 -7.32 29.12
CA ALA A 8 -15.28 -8.55 28.46
C ALA A 8 -15.34 -8.41 26.95
N GLU A 9 -15.79 -7.25 26.46
CA GLU A 9 -15.95 -7.05 25.01
C GLU A 9 -14.65 -6.67 24.33
N ASP A 10 -13.70 -6.06 25.05
CA ASP A 10 -12.42 -5.70 24.45
C ASP A 10 -11.65 -6.94 23.99
N LYS A 11 -11.68 -8.00 24.80
CA LYS A 11 -10.99 -9.23 24.43
C LYS A 11 -11.62 -9.87 23.20
N ALA A 12 -12.95 -9.87 23.10
CA ALA A 12 -13.60 -10.38 21.91
C ALA A 12 -13.30 -9.53 20.68
N ALA A 13 -13.23 -8.21 20.84
CA ALA A 13 -12.84 -7.35 19.72
C ALA A 13 -11.42 -7.64 19.26
N VAL A 14 -10.51 -7.87 20.21
CA VAL A 14 -9.14 -8.21 19.86
C VAL A 14 -9.09 -9.55 19.13
N GLU A 15 -9.89 -10.52 19.60
CA GLU A 15 -9.94 -11.82 18.93
C GLU A 15 -10.45 -11.68 17.49
N ARG A 16 -11.48 -10.85 17.30
CA ARG A 16 -12.00 -10.62 15.95
C ARG A 16 -10.96 -9.93 15.07
N SER A 17 -10.23 -8.97 15.63
CA SER A 17 -9.16 -8.32 14.87
C SER A 17 -8.07 -9.30 14.47
N LYS A 18 -7.70 -10.22 15.38
CA LYS A 18 -6.72 -11.24 15.03
C LYS A 18 -7.24 -12.22 13.99
N MET A 19 -8.54 -12.52 14.00
CA MET A 19 -9.11 -13.34 12.94
C MET A 19 -9.05 -12.63 11.60
N ILE A 20 -9.35 -11.33 11.58
CA ILE A 20 -9.23 -10.56 10.35
C ILE A 20 -7.79 -10.54 9.86
N GLU A 21 -6.84 -10.43 10.80
CA GLU A 21 -5.43 -10.45 10.43
C GLU A 21 -5.04 -11.79 9.82
N LYS A 22 -5.56 -12.89 10.38
CA LYS A 22 -5.29 -14.20 9.81
C LYS A 22 -5.86 -14.33 8.41
N GLN A 23 -7.07 -13.80 8.20
CA GLN A 23 -7.66 -13.82 6.86
C GLN A 23 -6.82 -13.01 5.88
N LEU A 24 -6.34 -11.84 6.31
CA LEU A 24 -5.49 -11.02 5.44
C LEU A 24 -4.19 -11.74 5.11
N GLN A 25 -3.59 -12.42 6.10
CA GLN A 25 -2.38 -13.18 5.83
C GLN A 25 -2.63 -14.31 4.85
N LYS A 26 -3.77 -15.00 4.98
CA LYS A 26 -4.13 -16.03 4.02
C LYS A 26 -4.48 -15.45 2.65
N ASP A 27 -4.76 -14.15 2.57
CA ASP A 27 -5.10 -13.50 1.30
C ASP A 27 -3.87 -12.85 0.67
N LYS A 28 -2.68 -13.14 1.18
CA LYS A 28 -1.44 -12.58 0.67
C LYS A 28 -0.70 -13.52 -0.27
N GLN A 29 -0.76 -14.83 -0.01
CA GLN A 29 -0.08 -15.80 -0.87
C GLN A 29 -0.63 -15.77 -2.29
N VAL A 30 -1.93 -15.45 -2.44
CA VAL A 30 -2.53 -15.38 -3.77
C VAL A 30 -2.12 -14.11 -4.51
N TYR A 31 -1.59 -13.12 -3.81
CA TYR A 31 -1.23 -11.85 -4.43
C TYR A 31 0.17 -11.87 -5.02
N ARG A 32 1.17 -12.29 -4.24
CA ARG A 32 2.55 -12.31 -4.73
C ARG A 32 2.81 -13.45 -5.70
N ALA A 33 1.92 -14.43 -5.80
CA ALA A 33 2.06 -15.53 -6.74
C ALA A 33 1.44 -15.21 -8.10
N THR A 34 0.86 -14.03 -8.26
CA THR A 34 0.22 -13.62 -9.50
C THR A 34 0.97 -12.41 -10.07
N HIS A 35 1.18 -12.41 -11.38
CA HIS A 35 1.90 -11.35 -12.07
C HIS A 35 0.93 -10.52 -12.91
N ARG A 36 1.07 -9.21 -12.83
CA ARG A 36 0.20 -8.28 -13.55
C ARG A 36 0.99 -7.58 -14.65
N LEU A 37 0.30 -7.25 -15.74
CA LEU A 37 0.93 -6.67 -16.92
C LEU A 37 0.03 -5.59 -17.48
N LEU A 38 0.62 -4.48 -17.91
CA LEU A 38 -0.13 -3.37 -18.49
C LEU A 38 0.04 -3.37 -19.99
N LEU A 39 -1.07 -3.48 -20.73
CA LEU A 39 -1.03 -3.60 -22.19
C LEU A 39 -1.54 -2.31 -22.80
N LEU A 40 -0.64 -1.56 -23.43
CA LEU A 40 -0.96 -0.32 -24.11
C LEU A 40 -1.01 -0.57 -25.62
N GLY A 41 -1.15 0.51 -26.39
CA GLY A 41 -1.14 0.40 -27.84
C GLY A 41 -2.00 1.48 -28.47
N ALA A 42 -1.90 1.56 -29.79
CA ALA A 42 -2.66 2.53 -30.57
C ALA A 42 -3.97 1.90 -31.04
N ASP A 43 -4.66 2.57 -31.94
CA ASP A 43 -5.94 2.08 -32.46
C ASP A 43 -5.77 1.17 -33.67
N ASN A 44 -4.90 1.53 -34.60
CA ASN A 44 -4.70 0.74 -35.80
C ASN A 44 -3.89 -0.53 -35.55
N SER A 45 -3.23 -0.64 -34.41
CA SER A 45 -2.45 -1.84 -34.11
C SER A 45 -3.38 -3.01 -33.80
N GLY A 46 -2.84 -4.21 -33.91
CA GLY A 46 -3.60 -5.43 -33.68
C GLY A 46 -3.77 -5.76 -32.21
N LYS A 47 -4.21 -4.77 -31.43
CA LYS A 47 -4.41 -4.98 -29.99
C LYS A 47 -5.56 -5.97 -29.75
N SER A 48 -6.70 -5.74 -30.39
CA SER A 48 -7.85 -6.61 -30.20
C SER A 48 -7.58 -8.03 -30.70
N THR A 49 -6.77 -8.16 -31.76
CA THR A 49 -6.42 -9.49 -32.25
C THR A 49 -5.63 -10.27 -31.20
N ILE A 50 -4.64 -9.63 -30.59
CA ILE A 50 -3.86 -10.29 -29.54
C ILE A 50 -4.74 -10.63 -28.35
N VAL A 51 -5.62 -9.70 -27.95
CA VAL A 51 -6.51 -9.98 -26.82
C VAL A 51 -7.41 -11.16 -27.12
N LYS A 52 -7.94 -11.25 -28.35
CA LYS A 52 -8.82 -12.36 -28.71
C LYS A 52 -8.06 -13.68 -28.82
N GLN A 53 -6.80 -13.66 -29.27
CA GLN A 53 -6.00 -14.87 -29.37
C GLN A 53 -5.37 -15.27 -28.05
N MET A 54 -5.48 -14.43 -27.02
CA MET A 54 -5.05 -14.81 -25.68
C MET A 54 -6.12 -15.57 -24.91
N ARG A 55 -7.34 -15.68 -25.46
CA ARG A 55 -8.44 -16.33 -24.76
C ARG A 55 -8.36 -17.86 -24.81
N ILE A 56 -7.24 -18.43 -25.25
CA ILE A 56 -7.11 -19.89 -25.29
C ILE A 56 -7.19 -20.48 -23.89
N TYR A 57 -6.52 -19.86 -22.93
CA TYR A 57 -6.54 -20.28 -21.53
C TYR A 57 -6.08 -21.73 -21.37
N VAL A 180 -23.07 -3.54 -18.20
CA VAL A 180 -21.67 -3.30 -18.52
C VAL A 180 -21.56 -2.73 -19.93
N LYS A 181 -21.62 -1.40 -20.04
CA LYS A 181 -21.50 -0.73 -21.32
C LYS A 181 -20.62 0.50 -21.29
N THR A 182 -20.08 0.88 -20.13
CA THR A 182 -19.22 2.05 -20.04
C THR A 182 -18.02 1.79 -19.12
N SER A 183 -17.67 0.52 -18.93
CA SER A 183 -16.54 0.18 -18.09
C SER A 183 -15.23 0.66 -18.70
N GLY A 184 -14.35 1.18 -17.86
CA GLY A 184 -13.11 1.77 -18.30
C GLY A 184 -11.89 0.88 -18.26
N ILE A 185 -12.03 -0.38 -17.86
CA ILE A 185 -10.90 -1.30 -17.79
C ILE A 185 -11.40 -2.71 -18.07
N PHE A 186 -10.55 -3.51 -18.72
CA PHE A 186 -10.86 -4.88 -19.05
C PHE A 186 -9.72 -5.77 -18.57
N GLU A 187 -10.10 -6.97 -18.11
CA GLU A 187 -9.18 -7.87 -17.43
C GLU A 187 -9.19 -9.22 -18.13
N THR A 188 -8.01 -9.81 -18.29
CA THR A 188 -7.85 -11.09 -18.97
C THR A 188 -6.97 -11.99 -18.11
N LYS A 189 -7.36 -13.26 -18.01
CA LYS A 189 -6.66 -14.27 -17.21
C LYS A 189 -6.15 -15.37 -18.13
N PHE A 190 -4.89 -15.76 -17.95
CA PHE A 190 -4.34 -16.89 -18.69
C PHE A 190 -3.22 -17.53 -17.87
N GLN A 191 -3.15 -18.87 -17.95
CA GLN A 191 -2.20 -19.65 -17.16
C GLN A 191 -1.30 -20.42 -18.11
N VAL A 192 0.01 -20.28 -17.94
CA VAL A 192 1.00 -21.04 -18.68
C VAL A 192 2.04 -21.55 -17.69
N ASP A 193 2.48 -22.80 -17.90
CA ASP A 193 3.52 -23.42 -17.07
C ASP A 193 3.16 -23.37 -15.59
N LYS A 194 1.88 -23.59 -15.29
CA LYS A 194 1.36 -23.62 -13.92
C LYS A 194 1.56 -22.30 -13.19
N VAL A 195 1.68 -21.20 -13.93
CA VAL A 195 1.68 -19.87 -13.34
C VAL A 195 0.70 -19.00 -14.13
N ASN A 196 -0.08 -18.19 -13.41
CA ASN A 196 -1.17 -17.44 -14.00
C ASN A 196 -0.84 -15.95 -14.03
N PHE A 197 -1.35 -15.25 -15.04
CA PHE A 197 -1.06 -13.84 -15.25
C PHE A 197 -2.36 -13.05 -15.30
N HIS A 198 -2.23 -11.75 -15.06
CA HIS A 198 -3.33 -10.79 -15.16
C HIS A 198 -2.98 -9.74 -16.21
N MET A 199 -3.88 -9.51 -17.15
CA MET A 199 -3.66 -8.54 -18.21
C MET A 199 -4.76 -7.49 -18.18
N PHE A 200 -4.37 -6.22 -18.24
CA PHE A 200 -5.31 -5.11 -18.15
C PHE A 200 -5.23 -4.25 -19.40
N ASP A 201 -6.40 -3.80 -19.87
CA ASP A 201 -6.45 -2.93 -21.04
C ASP A 201 -7.53 -1.88 -20.85
N VAL A 202 -7.21 -0.64 -21.17
CA VAL A 202 -8.17 0.45 -21.03
C VAL A 202 -8.96 0.61 -22.33
N GLY A 203 -10.26 0.91 -22.18
CA GLY A 203 -11.12 1.01 -23.34
C GLY A 203 -12.16 2.11 -23.31
N ALA A 204 -12.22 2.89 -22.24
CA ALA A 204 -13.26 3.92 -22.15
C ALA A 204 -12.77 5.26 -21.61
N GLN A 205 -11.47 5.49 -21.51
CA GLN A 205 -10.97 6.77 -21.03
C GLN A 205 -10.88 7.77 -22.18
N ARG A 206 -10.31 8.93 -21.92
CA ARG A 206 -10.14 9.97 -22.91
C ARG A 206 -8.69 9.95 -23.39
N ASP A 207 -8.38 10.80 -24.37
CA ASP A 207 -7.03 10.83 -24.95
C ASP A 207 -5.98 11.22 -23.91
N GLU A 208 -6.29 12.20 -23.06
CA GLU A 208 -5.35 12.63 -22.05
C GLU A 208 -5.10 11.50 -21.05
N ARG A 209 -3.83 11.21 -20.80
CA ARG A 209 -3.46 10.03 -20.01
C ARG A 209 -2.29 10.29 -19.07
N ARG A 210 -2.09 11.53 -18.65
CA ARG A 210 -0.96 11.86 -17.79
C ARG A 210 -1.28 11.72 -16.31
N LYS A 211 -2.51 11.36 -15.95
CA LYS A 211 -2.90 11.27 -14.55
C LYS A 211 -3.29 9.87 -14.11
N TRP A 212 -3.85 9.04 -14.98
CA TRP A 212 -4.20 7.68 -14.61
C TRP A 212 -3.09 6.68 -14.92
N ILE A 213 -1.98 7.13 -15.51
CA ILE A 213 -0.84 6.24 -15.75
C ILE A 213 0.00 6.04 -14.50
N GLN A 214 -0.21 6.86 -13.47
CA GLN A 214 0.53 6.72 -12.22
C GLN A 214 0.04 5.57 -11.36
N CYS A 215 -1.13 5.01 -11.67
CA CYS A 215 -1.62 3.87 -10.90
C CYS A 215 -0.75 2.63 -11.13
N PHE A 216 -0.22 2.47 -12.33
CA PHE A 216 0.59 1.30 -12.67
C PHE A 216 2.06 1.61 -12.37
N ASN A 217 2.42 1.48 -11.10
CA ASN A 217 3.80 1.59 -10.67
C ASN A 217 4.34 0.29 -10.09
N ASP A 218 3.48 -0.70 -9.87
CA ASP A 218 3.89 -2.02 -9.38
C ASP A 218 3.55 -3.12 -10.38
N VAL A 219 3.65 -2.80 -11.67
CA VAL A 219 3.33 -3.74 -12.73
C VAL A 219 4.62 -4.34 -13.26
N THR A 220 4.61 -5.65 -13.50
CA THR A 220 5.82 -6.34 -13.92
C THR A 220 6.34 -5.82 -15.25
N ALA A 221 5.45 -5.64 -16.23
CA ALA A 221 5.90 -5.19 -17.54
C ALA A 221 4.78 -4.48 -18.28
N ILE A 222 5.19 -3.66 -19.24
CA ILE A 222 4.28 -2.94 -20.13
C ILE A 222 4.46 -3.49 -21.54
N ILE A 223 3.39 -4.02 -22.11
CA ILE A 223 3.42 -4.64 -23.43
C ILE A 223 3.03 -3.56 -24.44
N PHE A 224 4.03 -2.97 -25.07
CA PHE A 224 3.79 -1.99 -26.12
C PHE A 224 3.62 -2.70 -27.47
N VAL A 225 2.72 -2.17 -28.29
CA VAL A 225 2.41 -2.74 -29.60
C VAL A 225 2.55 -1.63 -30.65
N VAL A 226 3.28 -1.91 -31.72
CA VAL A 226 3.52 -0.96 -32.79
C VAL A 226 3.19 -1.61 -34.12
N ASP A 227 2.53 -0.83 -35.00
CA ASP A 227 2.13 -1.29 -36.32
C ASP A 227 3.12 -0.73 -37.33
N SER A 228 3.89 -1.61 -37.97
CA SER A 228 4.97 -1.17 -38.86
C SER A 228 4.45 -0.64 -40.18
N SER A 229 3.20 -0.92 -40.54
CA SER A 229 2.66 -0.45 -41.80
C SER A 229 1.89 0.85 -41.63
N ARG A 233 2.85 7.29 -39.08
CA ARG A 233 2.28 6.94 -37.79
C ARG A 233 3.32 6.31 -36.87
N LEU A 234 4.49 6.00 -37.43
CA LEU A 234 5.56 5.41 -36.63
C LEU A 234 6.21 6.42 -35.70
N GLN A 235 6.33 7.67 -36.15
CA GLN A 235 6.93 8.70 -35.30
C GLN A 235 6.11 8.94 -34.05
N GLU A 236 4.78 8.84 -34.16
CA GLU A 236 3.93 8.97 -32.98
C GLU A 236 4.21 7.86 -31.98
N ALA A 237 4.40 6.63 -32.47
CA ALA A 237 4.76 5.54 -31.58
C ALA A 237 6.12 5.77 -30.95
N LEU A 238 7.07 6.31 -31.71
CA LEU A 238 8.37 6.64 -31.15
C LEU A 238 8.26 7.67 -30.03
N ASN A 239 7.44 8.71 -30.25
CA ASN A 239 7.24 9.72 -29.21
C ASN A 239 6.57 9.14 -27.98
N ASP A 240 5.58 8.27 -28.17
CA ASP A 240 4.92 7.63 -27.04
C ASP A 240 5.90 6.78 -26.24
N PHE A 241 6.74 6.01 -26.94
CA PHE A 241 7.74 5.20 -26.25
C PHE A 241 8.73 6.07 -25.48
N LYS A 242 9.16 7.19 -26.10
CA LYS A 242 10.08 8.09 -25.42
C LYS A 242 9.44 8.70 -24.18
N SER A 243 8.17 9.06 -24.26
CA SER A 243 7.48 9.63 -23.11
C SER A 243 7.31 8.61 -21.99
N ILE A 244 6.98 7.37 -22.33
CA ILE A 244 6.78 6.35 -21.31
C ILE A 244 8.11 5.96 -20.66
N TRP A 245 9.16 5.85 -21.46
CA TRP A 245 10.45 5.40 -20.94
C TRP A 245 11.04 6.38 -19.95
N ASN A 246 10.78 7.67 -20.10
CA ASN A 246 11.41 8.71 -19.30
C ASN A 246 10.51 9.23 -18.18
N ASN A 247 9.41 8.55 -17.89
CA ASN A 247 8.52 9.00 -16.83
C ASN A 247 9.15 8.75 -15.47
N ARG A 248 8.88 9.65 -14.53
CA ARG A 248 9.48 9.55 -13.20
C ARG A 248 8.94 8.33 -12.45
N TRP A 249 7.62 8.17 -12.42
CA TRP A 249 7.00 7.10 -11.67
C TRP A 249 7.00 5.77 -12.40
N LEU A 250 7.32 5.75 -13.70
CA LEU A 250 7.30 4.54 -14.50
C LEU A 250 8.68 3.88 -14.61
N ARG A 251 9.67 4.40 -13.88
CA ARG A 251 10.97 3.73 -13.86
C ARG A 251 10.88 2.39 -13.15
N THR A 252 11.95 1.60 -13.28
CA THR A 252 12.02 0.23 -12.76
C THR A 252 10.94 -0.67 -13.35
N ILE A 253 10.28 -0.24 -14.41
CA ILE A 253 9.28 -1.02 -15.11
C ILE A 253 9.82 -1.33 -16.50
N SER A 254 9.80 -2.61 -16.87
CA SER A 254 10.33 -3.01 -18.16
C SER A 254 9.23 -2.99 -19.23
N VAL A 255 9.66 -2.89 -20.48
CA VAL A 255 8.76 -2.79 -21.62
C VAL A 255 9.05 -3.95 -22.57
N ILE A 256 8.01 -4.70 -22.90
CA ILE A 256 8.07 -5.74 -23.91
C ILE A 256 7.50 -5.15 -25.19
N LEU A 257 8.33 -5.04 -26.22
CA LEU A 257 7.93 -4.41 -27.47
C LEU A 257 7.51 -5.46 -28.48
N PHE A 258 6.33 -5.25 -29.07
CA PHE A 258 5.82 -6.07 -30.16
C PHE A 258 5.72 -5.21 -31.41
N LEU A 259 6.29 -5.70 -32.51
CA LEU A 259 6.19 -5.04 -33.81
C LEU A 259 5.27 -5.90 -34.65
N ASN A 260 3.97 -5.63 -34.54
CA ASN A 260 2.96 -6.47 -35.16
C ASN A 260 2.81 -6.12 -36.64
N LYS A 261 2.02 -6.95 -37.33
CA LYS A 261 1.73 -6.78 -38.76
C LYS A 261 3.02 -6.75 -39.59
N GLN A 262 3.81 -7.79 -39.42
CA GLN A 262 5.03 -7.98 -40.21
C GLN A 262 4.75 -8.61 -41.57
N ASP A 263 3.56 -9.17 -41.77
CA ASP A 263 3.22 -9.74 -43.07
C ASP A 263 3.02 -8.63 -44.11
N LEU A 264 2.33 -7.56 -43.73
CA LEU A 264 2.05 -6.49 -44.68
C LEU A 264 3.29 -5.66 -45.01
N LEU A 265 4.27 -5.62 -44.10
CA LEU A 265 5.48 -4.84 -44.36
C LEU A 265 6.25 -5.39 -45.56
N ALA A 266 6.35 -6.71 -45.66
CA ALA A 266 7.05 -7.33 -46.79
C ALA A 266 6.35 -6.99 -48.09
N GLU A 267 5.02 -7.10 -48.13
CA GLU A 267 4.29 -6.77 -49.35
C GLU A 267 4.46 -5.30 -49.71
N LYS A 268 4.40 -4.41 -48.71
CA LYS A 268 4.53 -2.99 -48.98
C LYS A 268 5.92 -2.65 -49.54
N VAL A 269 6.97 -3.22 -48.95
CA VAL A 269 8.32 -2.90 -49.42
C VAL A 269 8.58 -3.53 -50.79
N LEU A 270 8.05 -4.73 -51.04
CA LEU A 270 8.20 -5.37 -52.34
C LEU A 270 7.50 -4.57 -53.43
N ALA A 271 6.30 -4.06 -53.13
CA ALA A 271 5.55 -3.25 -54.09
C ALA A 271 6.36 -2.08 -54.60
N GLY A 272 7.03 -1.38 -53.69
CA GLY A 272 7.91 -0.29 -54.06
C GLY A 272 7.22 1.02 -54.37
N LYS A 273 5.89 1.08 -54.27
CA LYS A 273 5.18 2.32 -54.59
C LYS A 273 5.47 3.41 -53.56
N SER A 274 5.73 3.03 -52.30
CA SER A 274 6.00 3.98 -51.24
C SER A 274 7.40 3.71 -50.69
N LYS A 275 8.28 4.70 -50.78
CA LYS A 275 9.63 4.58 -50.29
C LYS A 275 9.71 5.00 -48.82
N ILE A 276 10.53 4.28 -48.06
CA ILE A 276 10.71 4.61 -46.65
C ILE A 276 11.61 5.82 -46.46
N GLU A 277 12.53 6.07 -47.40
CA GLU A 277 13.44 7.20 -47.28
C GLU A 277 12.71 8.54 -47.31
N ASP A 278 11.50 8.58 -47.86
CA ASP A 278 10.74 9.83 -47.89
C ASP A 278 10.44 10.33 -46.49
N TYR A 279 10.03 9.42 -45.60
CA TYR A 279 9.72 9.81 -44.23
C TYR A 279 10.94 9.82 -43.33
N PHE A 280 11.95 9.00 -43.62
CA PHE A 280 13.17 8.93 -42.82
C PHE A 280 14.38 9.17 -43.70
N PRO A 281 15.07 10.30 -43.55
CA PRO A 281 16.22 10.57 -44.43
C PRO A 281 17.44 9.72 -44.12
N GLU A 282 17.64 9.33 -42.87
CA GLU A 282 18.84 8.59 -42.48
C GLU A 282 18.80 7.13 -42.88
N PHE A 283 17.83 6.71 -43.69
CA PHE A 283 17.76 5.30 -44.10
C PHE A 283 18.88 4.93 -45.05
N ALA A 284 19.39 5.89 -45.82
CA ALA A 284 20.44 5.59 -46.80
C ALA A 284 21.72 5.12 -46.13
N ARG A 285 22.11 5.77 -45.03
CA ARG A 285 23.36 5.45 -44.34
C ARG A 285 23.13 4.36 -43.29
N TYR A 286 22.63 3.22 -43.76
CA TYR A 286 22.35 2.09 -42.89
C TYR A 286 22.75 0.80 -43.58
N THR A 287 23.24 -0.16 -42.79
CA THR A 287 23.65 -1.46 -43.28
C THR A 287 23.10 -2.54 -42.36
N THR A 288 22.79 -3.70 -42.95
CA THR A 288 22.30 -4.82 -42.16
C THR A 288 23.40 -5.29 -41.20
N PRO A 289 23.12 -5.37 -39.90
CA PRO A 289 24.18 -5.76 -38.96
C PRO A 289 24.54 -7.23 -39.09
N GLU A 290 25.79 -7.55 -38.73
CA GLU A 290 26.27 -8.91 -38.80
C GLU A 290 25.51 -9.82 -37.83
N ASP A 291 25.18 -9.30 -36.64
CA ASP A 291 24.47 -10.08 -35.64
C ASP A 291 23.03 -10.39 -36.03
N ALA A 292 22.51 -9.77 -37.08
CA ALA A 292 21.15 -10.03 -37.53
C ALA A 292 21.09 -11.39 -38.24
N THR A 293 20.15 -12.23 -37.81
CA THR A 293 19.99 -13.56 -38.39
C THR A 293 18.52 -13.77 -38.73
N PRO A 294 18.14 -13.74 -40.01
CA PRO A 294 16.74 -14.00 -40.37
C PRO A 294 16.47 -15.48 -40.49
N GLU A 295 15.32 -15.91 -39.97
CA GLU A 295 14.97 -17.33 -40.01
C GLU A 295 14.58 -17.77 -41.42
N PRO A 296 13.60 -17.16 -42.09
CA PRO A 296 13.25 -17.63 -43.43
C PRO A 296 14.09 -16.97 -44.51
N GLY A 297 14.32 -17.72 -45.58
CA GLY A 297 15.07 -17.23 -46.71
C GLY A 297 14.18 -16.52 -47.72
N GLU A 298 13.70 -15.33 -47.37
CA GLU A 298 12.78 -14.59 -48.21
C GLU A 298 13.47 -13.49 -49.03
N ASP A 299 14.11 -12.54 -48.35
CA ASP A 299 14.67 -11.38 -49.03
C ASP A 299 15.54 -10.57 -48.06
N PRO A 300 16.58 -9.89 -48.53
CA PRO A 300 17.40 -9.07 -47.62
C PRO A 300 16.83 -7.68 -47.37
N ARG A 301 16.05 -7.16 -48.33
CA ARG A 301 15.49 -5.82 -48.17
C ARG A 301 14.49 -5.78 -47.02
N VAL A 302 13.68 -6.82 -46.88
CA VAL A 302 12.72 -6.86 -45.76
C VAL A 302 13.47 -6.90 -44.44
N THR A 303 14.59 -7.62 -44.39
CA THR A 303 15.39 -7.66 -43.17
C THR A 303 15.98 -6.28 -42.86
N ARG A 304 16.47 -5.59 -43.89
CA ARG A 304 17.00 -4.24 -43.68
C ARG A 304 15.93 -3.31 -43.14
N ALA A 305 14.73 -3.36 -43.74
CA ALA A 305 13.63 -2.51 -43.28
C ALA A 305 13.23 -2.84 -41.85
N LYS A 306 13.16 -4.12 -41.51
CA LYS A 306 12.78 -4.52 -40.16
C LYS A 306 13.81 -4.05 -39.14
N TYR A 307 15.09 -4.30 -39.39
CA TYR A 307 16.11 -3.95 -38.42
C TYR A 307 16.35 -2.45 -38.34
N PHE A 308 16.03 -1.70 -39.39
CA PHE A 308 16.08 -0.24 -39.27
C PHE A 308 15.11 0.24 -38.19
N ILE A 309 13.85 -0.24 -38.24
CA ILE A 309 12.87 0.15 -37.24
C ILE A 309 13.27 -0.37 -35.86
N ARG A 310 13.79 -1.60 -35.81
CA ARG A 310 14.18 -2.16 -34.51
C ARG A 310 15.28 -1.32 -33.86
N ASP A 311 16.28 -0.91 -34.66
CA ASP A 311 17.36 -0.10 -34.13
C ASP A 311 16.87 1.30 -33.77
N GLU A 312 15.96 1.85 -34.56
CA GLU A 312 15.37 3.15 -34.22
C GLU A 312 14.67 3.10 -32.87
N PHE A 313 13.99 1.99 -32.59
CA PHE A 313 13.33 1.84 -31.30
C PHE A 313 14.34 1.65 -30.17
N LEU A 314 15.36 0.81 -30.38
CA LEU A 314 16.33 0.58 -29.31
C LEU A 314 17.22 1.77 -29.03
N ARG A 315 17.34 2.70 -29.98
CA ARG A 315 18.16 3.88 -29.74
C ARG A 315 17.63 4.71 -28.57
N ILE A 316 16.32 4.78 -28.42
CA ILE A 316 15.73 5.50 -27.28
C ILE A 316 16.08 4.78 -25.98
N SER A 317 15.97 3.46 -25.96
CA SER A 317 16.24 2.70 -24.73
C SER A 317 17.71 2.76 -24.34
N THR A 318 18.60 2.87 -25.34
CA THR A 318 20.02 2.85 -25.06
C THR A 318 20.44 4.05 -24.21
N ALA A 319 19.89 5.23 -24.50
CA ALA A 319 20.27 6.46 -23.82
C ALA A 319 19.65 6.51 -22.42
N SER A 320 20.19 5.66 -21.55
CA SER A 320 19.74 5.59 -20.17
C SER A 320 20.87 5.01 -19.32
N GLY A 321 20.67 5.01 -18.01
CA GLY A 321 21.66 4.53 -17.08
C GLY A 321 21.04 3.72 -15.95
N ASP A 322 21.92 3.16 -15.13
CA ASP A 322 21.64 2.41 -13.91
C ASP A 322 21.09 1.01 -14.20
N GLY A 323 20.78 0.68 -15.46
CA GLY A 323 20.30 -0.64 -15.81
C GLY A 323 19.08 -1.09 -15.04
N ARG A 324 18.21 -0.15 -14.67
CA ARG A 324 17.04 -0.50 -13.88
C ARG A 324 15.99 -1.22 -14.71
N HIS A 325 15.81 -0.80 -15.97
CA HIS A 325 14.81 -1.39 -16.86
C HIS A 325 15.40 -1.52 -18.25
N TYR A 326 15.12 -2.65 -18.90
CA TYR A 326 15.61 -2.95 -20.24
C TYR A 326 14.44 -3.08 -21.21
N CYS A 327 14.77 -3.43 -22.46
CA CYS A 327 13.79 -3.61 -23.50
C CYS A 327 13.96 -4.99 -24.13
N TYR A 328 12.85 -5.58 -24.56
CA TYR A 328 12.82 -6.93 -25.12
C TYR A 328 12.03 -6.91 -26.42
N PRO A 329 12.64 -6.47 -27.52
CA PRO A 329 11.93 -6.43 -28.80
C PRO A 329 11.65 -7.83 -29.34
N HIS A 330 10.57 -7.93 -30.12
CA HIS A 330 10.19 -9.18 -30.76
C HIS A 330 9.56 -8.87 -32.11
N PHE A 331 9.60 -9.86 -33.00
CA PHE A 331 8.93 -9.81 -34.30
C PHE A 331 7.79 -10.82 -34.25
N THR A 332 6.57 -10.32 -34.11
CA THR A 332 5.40 -11.18 -33.95
C THR A 332 4.26 -10.69 -34.84
N CYS A 333 3.37 -11.61 -35.17
CA CYS A 333 2.18 -11.32 -35.95
C CYS A 333 0.93 -11.51 -35.09
N SER A 334 -0.19 -10.97 -35.57
CA SER A 334 -1.45 -11.07 -34.85
C SER A 334 -2.00 -12.49 -34.80
N VAL A 335 -1.49 -13.40 -35.63
CA VAL A 335 -1.99 -14.77 -35.67
C VAL A 335 -1.05 -15.74 -34.97
N ASP A 336 0.15 -15.32 -34.60
CA ASP A 336 1.11 -16.22 -33.96
C ASP A 336 0.57 -16.75 -32.64
N THR A 337 0.82 -18.03 -32.38
CA THR A 337 0.32 -18.71 -31.19
C THR A 337 1.39 -18.86 -30.11
N GLU A 338 2.57 -18.28 -30.29
CA GLU A 338 3.65 -18.39 -29.34
C GLU A 338 3.80 -17.15 -28.47
N ASN A 339 2.80 -16.26 -28.47
CA ASN A 339 2.91 -15.02 -27.71
C ASN A 339 2.95 -15.29 -26.21
N ALA A 340 2.18 -16.27 -25.74
CA ALA A 340 2.13 -16.55 -24.31
C ALA A 340 3.50 -16.95 -23.77
N ARG A 341 4.23 -17.78 -24.52
CA ARG A 341 5.57 -18.15 -24.09
C ARG A 341 6.56 -17.00 -24.28
N ARG A 342 6.31 -16.13 -25.26
CA ARG A 342 7.15 -14.95 -25.43
C ARG A 342 7.07 -14.04 -24.22
N ILE A 343 5.88 -13.87 -23.64
CA ILE A 343 5.76 -13.09 -22.42
C ILE A 343 6.37 -13.84 -21.24
N PHE A 344 6.20 -15.16 -21.18
CA PHE A 344 6.74 -15.95 -20.07
C PHE A 344 8.25 -15.84 -19.99
N ASN A 345 8.93 -15.95 -21.14
CA ASN A 345 10.39 -15.86 -21.16
C ASN A 345 10.86 -14.49 -20.71
N ASP A 346 10.19 -13.43 -21.17
CA ASP A 346 10.59 -12.08 -20.77
C ASP A 346 10.38 -11.85 -19.28
N CYS A 347 9.26 -12.33 -18.74
CA CYS A 347 9.02 -12.18 -17.30
C CYS A 347 10.05 -12.95 -16.49
N ARG A 348 10.38 -14.16 -16.93
CA ARG A 348 11.41 -14.94 -16.23
C ARG A 348 12.75 -14.22 -16.26
N ASP A 349 13.11 -13.66 -17.41
CA ASP A 349 14.36 -12.91 -17.50
C ASP A 349 14.36 -11.70 -16.59
N ILE A 350 13.25 -10.98 -16.52
CA ILE A 350 13.18 -9.80 -15.66
C ILE A 350 13.35 -10.19 -14.19
N ILE A 351 12.63 -11.22 -13.75
CA ILE A 351 12.73 -11.65 -12.36
C ILE A 351 14.15 -12.15 -12.06
N GLN A 352 14.73 -12.92 -12.98
CA GLN A 352 16.08 -13.44 -12.76
C GLN A 352 17.10 -12.32 -12.65
N ARG A 353 16.98 -11.31 -13.53
CA ARG A 353 17.91 -10.18 -13.47
C ARG A 353 17.74 -9.40 -12.17
N MET A 354 16.51 -9.19 -11.72
CA MET A 354 16.29 -8.50 -10.45
C MET A 354 16.92 -9.27 -9.29
N HIS A 355 16.70 -10.58 -9.23
CA HIS A 355 17.28 -11.39 -8.16
C HIS A 355 18.81 -11.38 -8.21
N LEU A 356 19.37 -11.50 -9.41
CA LEU A 356 20.82 -11.50 -9.55
C LEU A 356 21.42 -10.16 -9.11
N ARG A 357 20.78 -9.06 -9.50
CA ARG A 357 21.28 -7.74 -9.11
C ARG A 357 21.15 -7.52 -7.60
N GLN A 358 20.12 -8.10 -6.98
CA GLN A 358 19.94 -7.92 -5.55
C GLN A 358 21.09 -8.54 -4.75
N TYR A 359 21.55 -9.73 -5.16
CA TYR A 359 22.56 -10.47 -4.42
C TYR A 359 23.98 -10.15 -4.86
N GLU A 360 24.20 -8.99 -5.50
CA GLU A 360 25.54 -8.54 -5.89
C GLU A 360 26.24 -9.54 -6.79
N LEU A 361 25.47 -10.19 -7.67
CA LEU A 361 26.02 -11.13 -8.65
C LEU A 361 26.04 -10.58 -10.05
N LEU A 362 25.73 -9.30 -10.25
CA LEU A 362 25.72 -8.70 -11.57
C LEU A 362 26.06 -7.21 -11.51
N GLU B 14 -18.27 36.84 -37.75
CA GLU B 14 -17.81 35.47 -37.58
C GLU B 14 -17.40 35.20 -36.13
N LEU B 15 -16.42 34.31 -35.96
CA LEU B 15 -15.93 34.02 -34.61
C LEU B 15 -15.02 35.13 -34.09
N ASP B 16 -14.52 35.97 -34.99
CA ASP B 16 -13.61 37.03 -34.59
C ASP B 16 -14.29 38.03 -33.66
N GLN B 17 -15.53 38.42 -33.96
CA GLN B 17 -16.24 39.36 -33.11
C GLN B 17 -16.53 38.75 -31.74
N LEU B 18 -16.87 37.46 -31.71
CA LEU B 18 -17.11 36.78 -30.45
C LEU B 18 -15.83 36.74 -29.61
N ARG B 19 -14.70 36.45 -30.25
CA ARG B 19 -13.43 36.42 -29.53
C ARG B 19 -13.07 37.80 -29.01
N GLN B 20 -13.31 38.84 -29.81
CA GLN B 20 -13.04 40.20 -29.36
C GLN B 20 -13.91 40.58 -28.16
N GLU B 21 -15.20 40.22 -28.22
CA GLU B 21 -16.08 40.51 -27.10
C GLU B 21 -15.65 39.77 -25.84
N ALA B 22 -15.25 38.50 -25.99
CA ALA B 22 -14.78 37.74 -24.83
C ALA B 22 -13.52 38.36 -24.24
N GLU B 23 -12.58 38.77 -25.10
CA GLU B 23 -11.36 39.40 -24.61
C GLU B 23 -11.66 40.70 -23.89
N GLN B 24 -12.57 41.52 -24.44
CA GLN B 24 -12.95 42.76 -23.79
C GLN B 24 -13.60 42.51 -22.44
N LEU B 25 -14.48 41.51 -22.37
CA LEU B 25 -15.12 41.18 -21.10
C LEU B 25 -14.08 40.71 -20.07
N LYS B 26 -13.13 39.87 -20.49
CA LYS B 26 -12.10 39.42 -19.57
C LYS B 26 -11.24 40.57 -19.08
N ASN B 27 -10.89 41.50 -19.99
CA ASN B 27 -10.10 42.66 -19.60
C ASN B 27 -10.87 43.53 -18.61
N GLN B 28 -12.17 43.71 -18.83
CA GLN B 28 -12.97 44.52 -17.90
C GLN B 28 -13.07 43.85 -16.53
N ILE B 29 -13.23 42.52 -16.50
CA ILE B 29 -13.26 41.81 -15.23
C ILE B 29 -11.93 41.95 -14.50
N ARG B 30 -10.81 41.82 -15.23
CA ARG B 30 -9.50 41.98 -14.61
C ARG B 30 -9.30 43.40 -14.07
N ASP B 31 -9.74 44.41 -14.82
CA ASP B 31 -9.63 45.79 -14.36
C ASP B 31 -10.47 46.02 -13.10
N ALA B 32 -11.69 45.49 -13.07
CA ALA B 32 -12.53 45.62 -11.89
C ALA B 32 -11.90 44.92 -10.69
N ARG B 33 -11.37 43.72 -10.89
CA ARG B 33 -10.73 42.99 -9.79
C ARG B 33 -9.52 43.74 -9.26
N LYS B 34 -8.73 44.33 -10.16
CA LYS B 34 -7.59 45.14 -9.71
C LYS B 34 -8.06 46.37 -8.96
N ALA B 35 -9.15 47.00 -9.41
CA ALA B 35 -9.67 48.18 -8.74
C ALA B 35 -10.21 47.84 -7.35
N CYS B 36 -10.71 46.64 -7.15
CA CYS B 36 -11.21 46.23 -5.84
C CYS B 36 -10.09 45.87 -4.86
N ALA B 37 -8.85 45.81 -5.32
CA ALA B 37 -7.70 45.48 -4.48
C ALA B 37 -7.07 46.78 -4.00
N ASP B 38 -6.95 46.93 -2.67
CA ASP B 38 -6.41 48.15 -2.08
C ASP B 38 -5.27 47.90 -1.09
N ALA B 39 -5.06 46.66 -0.65
CA ALA B 39 -4.02 46.37 0.33
C ALA B 39 -3.64 44.90 0.23
N THR B 40 -2.50 44.58 0.84
CA THR B 40 -1.98 43.22 0.88
C THR B 40 -2.09 42.68 2.30
N LEU B 41 -2.57 41.43 2.43
CA LEU B 41 -2.72 40.83 3.74
C LEU B 41 -1.39 40.67 4.46
N SER B 42 -0.29 40.57 3.71
CA SER B 42 1.02 40.49 4.34
C SER B 42 1.35 41.77 5.10
N GLN B 43 1.00 42.92 4.53
CA GLN B 43 1.23 44.19 5.21
C GLN B 43 0.38 44.29 6.48
N ILE B 44 -0.88 43.86 6.40
CA ILE B 44 -1.76 43.91 7.57
C ILE B 44 -1.25 42.98 8.65
N THR B 45 -0.84 41.77 8.27
CA THR B 45 -0.37 40.77 9.23
C THR B 45 1.10 41.00 9.54
N ASN B 46 1.37 42.14 10.19
CA ASN B 46 2.71 42.49 10.63
C ASN B 46 2.77 42.74 12.13
N ASN B 47 1.71 42.44 12.87
CA ASN B 47 1.68 42.64 14.31
C ASN B 47 1.27 41.41 15.08
N ILE B 48 0.70 40.39 14.43
CA ILE B 48 0.30 39.17 15.13
C ILE B 48 1.54 38.40 15.55
N ASP B 49 1.53 37.91 16.79
CA ASP B 49 2.67 37.16 17.30
C ASP B 49 2.87 35.88 16.50
N PRO B 50 4.12 35.47 16.27
CA PRO B 50 4.36 34.23 15.50
C PRO B 50 3.81 33.01 16.22
N VAL B 51 3.42 32.02 15.43
CA VAL B 51 2.87 30.79 16.01
C VAL B 51 3.94 30.02 16.77
N GLY B 52 5.20 30.15 16.37
CA GLY B 52 6.29 29.46 17.03
C GLY B 52 6.50 28.06 16.48
N ARG B 53 7.63 27.47 16.87
CA ARG B 53 7.96 26.12 16.43
C ARG B 53 6.98 25.12 17.01
N ILE B 54 6.44 24.27 16.16
CA ILE B 54 5.46 23.25 16.55
C ILE B 54 6.06 21.89 16.29
N GLN B 55 6.12 21.05 17.32
CA GLN B 55 6.67 19.71 17.21
C GLN B 55 5.56 18.68 17.28
N MET B 56 5.64 17.67 16.42
CA MET B 56 4.63 16.61 16.36
C MET B 56 5.33 15.27 16.36
N ARG B 57 4.70 14.29 17.00
CA ARG B 57 5.27 12.95 17.12
C ARG B 57 4.23 11.92 16.75
N THR B 58 4.69 10.82 16.17
CA THR B 58 3.79 9.73 15.84
C THR B 58 3.29 9.04 17.10
N ARG B 59 2.01 8.68 17.10
CA ARG B 59 1.38 8.00 18.23
C ARG B 59 1.01 6.57 17.91
N ARG B 60 0.38 6.34 16.76
CA ARG B 60 -0.01 5.01 16.33
C ARG B 60 0.49 4.76 14.91
N THR B 61 0.61 3.47 14.57
CA THR B 61 1.01 3.05 13.23
C THR B 61 0.09 1.93 12.80
N LEU B 62 -0.76 2.19 11.80
CA LEU B 62 -1.80 1.26 11.39
C LEU B 62 -1.27 0.42 10.24
N ARG B 63 -0.88 -0.82 10.51
CA ARG B 63 -0.34 -1.73 9.52
C ARG B 63 -1.36 -2.81 9.20
N GLY B 64 -1.22 -3.39 8.01
CA GLY B 64 -2.14 -4.44 7.58
C GLY B 64 -2.48 -4.42 6.10
N HIS B 65 -2.20 -3.29 5.44
CA HIS B 65 -2.45 -3.20 4.00
C HIS B 65 -1.31 -3.84 3.22
N LEU B 66 -1.65 -4.36 2.03
CA LEU B 66 -0.69 -5.02 1.17
C LEU B 66 -0.08 -4.07 0.14
N ALA B 67 -0.92 -3.45 -0.69
CA ALA B 67 -0.48 -2.53 -1.71
C ALA B 67 -0.54 -1.10 -1.18
N LYS B 68 -0.30 -0.14 -2.07
CA LYS B 68 -0.29 1.27 -1.67
C LYS B 68 -1.70 1.73 -1.28
N ILE B 69 -1.75 2.69 -0.37
CA ILE B 69 -2.99 3.28 0.12
C ILE B 69 -3.22 4.58 -0.64
N TYR B 70 -4.44 4.76 -1.14
CA TYR B 70 -4.70 5.90 -2.01
C TYR B 70 -5.59 6.98 -1.41
N ALA B 71 -6.51 6.63 -0.50
CA ALA B 71 -7.38 7.64 0.08
C ALA B 71 -7.90 7.16 1.43
N MET B 72 -8.37 8.12 2.23
CA MET B 72 -8.99 7.81 3.51
C MET B 72 -9.94 8.95 3.87
N HIS B 73 -10.79 8.68 4.85
CA HIS B 73 -11.72 9.69 5.34
C HIS B 73 -12.02 9.41 6.81
N TRP B 74 -12.09 10.48 7.60
CA TRP B 74 -12.42 10.37 9.01
C TRP B 74 -13.92 10.22 9.20
N GLY B 75 -14.30 9.75 10.39
CA GLY B 75 -15.70 9.65 10.75
C GLY B 75 -16.21 10.90 11.43
N THR B 76 -17.53 10.95 11.62
CA THR B 76 -18.15 12.09 12.30
C THR B 76 -17.82 12.11 13.79
N ASP B 77 -17.59 10.94 14.40
CA ASP B 77 -17.31 10.86 15.83
C ASP B 77 -15.83 10.93 16.16
N SER B 78 -14.96 11.12 15.16
CA SER B 78 -13.52 11.25 15.35
C SER B 78 -12.90 10.02 16.00
N ARG B 79 -13.52 8.86 15.80
CA ARG B 79 -13.01 7.60 16.33
C ARG B 79 -12.67 6.60 15.24
N LEU B 80 -13.54 6.43 14.26
CA LEU B 80 -13.34 5.46 13.18
C LEU B 80 -12.87 6.15 11.90
N LEU B 81 -12.12 5.40 11.10
CA LEU B 81 -11.66 5.88 9.81
C LEU B 81 -11.67 4.71 8.82
N VAL B 82 -11.70 5.05 7.54
CA VAL B 82 -11.74 4.07 6.47
C VAL B 82 -10.57 4.34 5.53
N SER B 83 -9.97 3.26 5.03
CA SER B 83 -8.81 3.36 4.14
C SER B 83 -9.00 2.45 2.93
N ALA B 84 -8.48 2.90 1.79
CA ALA B 84 -8.63 2.21 0.52
C ALA B 84 -7.26 1.89 -0.06
N SER B 85 -7.08 0.64 -0.49
CA SER B 85 -5.81 0.20 -1.04
C SER B 85 -6.01 -0.32 -2.46
N GLN B 86 -4.90 -0.38 -3.19
CA GLN B 86 -4.91 -0.90 -4.55
C GLN B 86 -4.94 -2.43 -4.61
N ASP B 87 -4.77 -3.10 -3.47
CA ASP B 87 -4.94 -4.54 -3.41
C ASP B 87 -6.41 -4.94 -3.51
N GLY B 88 -7.33 -3.99 -3.45
CA GLY B 88 -8.75 -4.28 -3.50
C GLY B 88 -9.37 -4.43 -2.14
N LYS B 89 -9.04 -3.51 -1.23
CA LYS B 89 -9.52 -3.61 0.14
C LYS B 89 -9.92 -2.24 0.67
N LEU B 90 -11.05 -2.22 1.39
CA LEU B 90 -11.45 -1.10 2.23
C LEU B 90 -11.44 -1.59 3.68
N ILE B 91 -10.64 -0.93 4.51
CA ILE B 91 -10.45 -1.36 5.90
C ILE B 91 -10.94 -0.25 6.82
N ILE B 92 -11.75 -0.63 7.80
CA ILE B 92 -12.28 0.30 8.80
C ILE B 92 -11.54 0.07 10.10
N TRP B 93 -10.87 1.12 10.59
CA TRP B 93 -10.00 1.00 11.75
C TRP B 93 -10.66 1.59 12.99
N ASP B 94 -10.04 1.33 14.14
CA ASP B 94 -10.39 1.95 15.42
C ASP B 94 -9.14 2.71 15.87
N SER B 95 -9.26 4.04 15.94
CA SER B 95 -8.07 4.88 16.14
C SER B 95 -7.48 4.70 17.54
N TYR B 96 -8.34 4.57 18.56
CA TYR B 96 -7.84 4.57 19.93
C TYR B 96 -7.03 3.32 20.24
N THR B 97 -7.55 2.14 19.91
CA THR B 97 -6.95 0.88 20.30
C THR B 97 -6.28 0.13 19.15
N THR B 98 -6.30 0.69 17.94
CA THR B 98 -5.67 0.07 16.77
C THR B 98 -6.22 -1.34 16.53
N ASN B 99 -7.53 -1.42 16.36
CA ASN B 99 -8.20 -2.67 16.03
C ASN B 99 -8.59 -2.67 14.55
N LYS B 100 -9.35 -3.69 14.14
CA LYS B 100 -9.83 -3.81 12.77
C LYS B 100 -11.27 -4.29 12.82
N VAL B 101 -12.20 -3.46 12.34
CA VAL B 101 -13.62 -3.77 12.41
C VAL B 101 -14.10 -4.44 11.13
N HIS B 102 -13.87 -3.82 9.98
CA HIS B 102 -14.36 -4.34 8.71
C HIS B 102 -13.23 -4.37 7.68
N ALA B 103 -13.29 -5.38 6.83
CA ALA B 103 -12.24 -5.69 5.85
C ALA B 103 -12.86 -5.92 4.47
N ILE B 104 -13.68 -4.97 4.03
CA ILE B 104 -14.51 -5.16 2.84
C ILE B 104 -13.64 -5.42 1.62
N PRO B 105 -13.87 -6.51 0.88
CA PRO B 105 -13.17 -6.72 -0.40
C PRO B 105 -13.98 -6.18 -1.57
N LEU B 106 -13.27 -5.59 -2.53
CA LEU B 106 -13.87 -4.91 -3.65
C LEU B 106 -13.75 -5.73 -4.92
N ARG B 107 -14.58 -5.38 -5.91
CA ARG B 107 -14.56 -6.09 -7.19
C ARG B 107 -13.40 -5.63 -8.05
N SER B 108 -13.35 -4.35 -8.38
CA SER B 108 -12.25 -3.77 -9.14
C SER B 108 -11.19 -3.26 -8.17
N SER B 109 -9.93 -3.61 -8.44
CA SER B 109 -8.82 -3.30 -7.54
C SER B 109 -8.02 -2.08 -8.00
N TRP B 110 -8.69 -1.10 -8.59
CA TRP B 110 -8.04 0.13 -9.06
C TRP B 110 -8.78 1.35 -8.52
N VAL B 111 -9.08 1.33 -7.23
CA VAL B 111 -9.85 2.40 -6.61
C VAL B 111 -8.96 3.63 -6.43
N MET B 112 -9.61 4.80 -6.39
CA MET B 112 -8.91 6.07 -6.22
C MET B 112 -9.55 7.00 -5.22
N THR B 113 -10.67 6.63 -4.61
CA THR B 113 -11.34 7.50 -3.66
C THR B 113 -12.21 6.67 -2.74
N CYS B 114 -12.55 7.26 -1.59
CA CYS B 114 -13.45 6.65 -0.62
C CYS B 114 -14.09 7.76 0.20
N ALA B 115 -15.24 7.44 0.79
CA ALA B 115 -15.97 8.41 1.59
C ALA B 115 -16.75 7.69 2.68
N TYR B 116 -16.88 8.34 3.83
CA TYR B 116 -17.58 7.79 4.97
C TYR B 116 -18.79 8.66 5.26
N ALA B 117 -19.94 8.02 5.46
CA ALA B 117 -21.19 8.76 5.60
C ALA B 117 -21.18 9.59 6.88
N PRO B 118 -21.87 10.75 6.86
CA PRO B 118 -21.91 11.60 8.05
C PRO B 118 -22.75 11.03 9.19
N SER B 119 -23.45 9.92 8.97
CA SER B 119 -24.22 9.27 10.03
C SER B 119 -23.61 7.94 10.48
N GLY B 120 -22.66 7.39 9.71
CA GLY B 120 -22.03 6.14 10.06
C GLY B 120 -22.73 4.90 9.56
N ASN B 121 -23.62 5.02 8.57
CA ASN B 121 -24.39 3.89 8.09
C ASN B 121 -23.95 3.36 6.74
N TYR B 122 -23.26 4.17 5.93
CA TYR B 122 -22.85 3.78 4.59
C TYR B 122 -21.39 4.14 4.37
N VAL B 123 -20.78 3.48 3.39
CA VAL B 123 -19.45 3.83 2.91
C VAL B 123 -19.50 3.81 1.39
N ALA B 124 -18.56 4.52 0.77
CA ALA B 124 -18.56 4.67 -0.69
C ALA B 124 -17.16 4.41 -1.23
N CYS B 125 -17.11 3.92 -2.47
CA CYS B 125 -15.82 3.70 -3.11
C CYS B 125 -15.99 3.84 -4.62
N GLY B 126 -14.86 4.05 -5.30
CA GLY B 126 -14.86 4.18 -6.75
C GLY B 126 -13.46 4.23 -7.29
N GLY B 127 -13.36 4.06 -8.60
CA GLY B 127 -12.06 4.07 -9.26
C GLY B 127 -12.10 4.08 -10.77
N LEU B 128 -11.21 3.33 -11.40
CA LEU B 128 -11.09 3.30 -12.85
C LEU B 128 -12.25 2.59 -13.52
N ASP B 129 -13.08 1.87 -12.78
CA ASP B 129 -14.22 1.17 -13.36
C ASP B 129 -15.35 2.11 -13.76
N ASN B 130 -15.25 3.40 -13.41
CA ASN B 130 -16.29 4.39 -13.69
C ASN B 130 -17.62 4.00 -13.02
N ILE B 131 -17.54 3.42 -11.84
CA ILE B 131 -18.70 2.99 -11.08
C ILE B 131 -18.48 3.36 -9.62
N CYS B 132 -19.51 3.95 -8.99
CA CYS B 132 -19.48 4.26 -7.57
C CYS B 132 -20.27 3.20 -6.82
N SER B 133 -19.61 2.55 -5.86
CA SER B 133 -20.23 1.47 -5.10
C SER B 133 -20.56 1.98 -3.70
N ILE B 134 -21.80 1.77 -3.26
CA ILE B 134 -22.25 2.12 -1.93
C ILE B 134 -22.41 0.84 -1.14
N TYR B 135 -21.72 0.76 0.00
CA TYR B 135 -21.76 -0.39 0.88
C TYR B 135 -22.48 -0.03 2.17
N ASN B 136 -23.27 -0.98 2.66
CA ASN B 136 -24.05 -0.81 3.89
C ASN B 136 -23.33 -1.54 5.03
N LEU B 137 -23.20 -0.85 6.17
CA LEU B 137 -22.46 -1.40 7.30
C LEU B 137 -23.36 -2.10 8.30
N LYS B 138 -24.38 -1.41 8.82
CA LYS B 138 -25.31 -1.98 9.79
C LYS B 138 -26.43 -2.69 9.03
N THR B 139 -26.40 -4.02 9.05
CA THR B 139 -27.41 -4.84 8.42
C THR B 139 -27.93 -5.87 9.42
N ARG B 140 -29.03 -6.53 9.05
CA ARG B 140 -29.60 -7.55 9.93
C ARG B 140 -28.63 -8.71 10.12
N GLU B 141 -27.97 -9.14 9.05
CA GLU B 141 -26.96 -10.17 9.14
C GLU B 141 -25.64 -9.54 9.59
N GLY B 142 -24.57 -10.33 9.60
CA GLY B 142 -23.29 -9.83 10.05
C GLY B 142 -22.27 -9.65 8.94
N ASN B 143 -22.75 -9.27 7.76
CA ASN B 143 -21.89 -9.08 6.60
C ASN B 143 -22.25 -7.78 5.89
N VAL B 144 -21.26 -7.23 5.17
CA VAL B 144 -21.46 -6.04 4.36
C VAL B 144 -21.73 -6.47 2.92
N ARG B 145 -22.74 -5.87 2.31
CA ARG B 145 -23.14 -6.19 0.94
C ARG B 145 -23.36 -4.92 0.15
N VAL B 146 -23.20 -5.02 -1.17
CA VAL B 146 -23.39 -3.89 -2.05
C VAL B 146 -24.85 -3.47 -2.04
N SER B 147 -25.09 -2.17 -1.85
CA SER B 147 -26.44 -1.62 -1.84
C SER B 147 -26.82 -0.95 -3.16
N ARG B 148 -25.91 -0.19 -3.74
CA ARG B 148 -26.17 0.47 -5.02
C ARG B 148 -24.87 0.61 -5.80
N GLU B 149 -24.99 0.47 -7.13
CA GLU B 149 -23.87 0.57 -8.06
C GLU B 149 -24.20 1.68 -9.06
N LEU B 150 -23.83 2.91 -8.71
CA LEU B 150 -24.04 4.05 -9.60
C LEU B 150 -23.11 3.95 -10.80
N ALA B 151 -23.66 4.08 -12.01
CA ALA B 151 -22.85 4.00 -13.22
C ALA B 151 -23.53 4.84 -14.29
N GLY B 152 -23.04 6.07 -14.46
CA GLY B 152 -23.53 6.94 -15.52
C GLY B 152 -22.44 7.82 -16.11
N HIS B 153 -21.20 7.61 -15.71
CA HIS B 153 -20.08 8.42 -16.14
C HIS B 153 -19.36 7.75 -17.32
N THR B 154 -18.47 8.52 -17.94
CA THR B 154 -17.67 8.03 -19.06
C THR B 154 -16.18 8.16 -18.82
N GLY B 155 -15.75 8.61 -17.65
CA GLY B 155 -14.34 8.74 -17.36
C GLY B 155 -13.91 7.89 -16.18
N TYR B 156 -13.16 8.48 -15.25
CA TYR B 156 -12.72 7.79 -14.05
C TYR B 156 -13.04 8.64 -12.83
N LEU B 157 -13.56 8.00 -11.78
CA LEU B 157 -13.94 8.72 -10.57
C LEU B 157 -12.70 9.23 -9.85
N SER B 158 -12.75 10.48 -9.39
CA SER B 158 -11.63 11.08 -8.66
C SER B 158 -11.96 11.45 -7.22
N CYS B 159 -13.21 11.80 -6.92
CA CYS B 159 -13.60 12.13 -5.56
C CYS B 159 -15.10 11.98 -5.42
N CYS B 160 -15.54 11.55 -4.23
CA CYS B 160 -16.95 11.42 -3.92
C CYS B 160 -17.19 11.94 -2.51
N ARG B 161 -18.32 12.62 -2.32
CA ARG B 161 -18.67 13.19 -1.03
C ARG B 161 -20.15 12.99 -0.77
N PHE B 162 -20.50 12.92 0.51
CA PHE B 162 -21.88 12.71 0.93
C PHE B 162 -22.50 14.03 1.38
N LEU B 163 -23.75 14.25 0.99
CA LEU B 163 -24.56 15.36 1.50
C LEU B 163 -25.53 14.89 2.57
N ASP B 164 -26.27 13.83 2.29
CA ASP B 164 -27.17 13.19 3.25
C ASP B 164 -27.06 11.69 3.03
N ASP B 165 -27.98 10.93 3.62
CA ASP B 165 -27.99 9.48 3.41
C ASP B 165 -28.55 9.08 2.05
N ASN B 166 -29.08 10.04 1.27
CA ASN B 166 -29.68 9.73 -0.02
C ASN B 166 -29.19 10.67 -1.12
N GLN B 167 -28.07 11.34 -0.90
CA GLN B 167 -27.50 12.25 -1.91
C GLN B 167 -25.99 12.10 -1.93
N ILE B 168 -25.41 12.11 -3.13
CA ILE B 168 -23.98 11.98 -3.31
C ILE B 168 -23.54 12.85 -4.49
N VAL B 169 -22.32 13.39 -4.37
CA VAL B 169 -21.72 14.24 -5.40
C VAL B 169 -20.45 13.56 -5.89
N THR B 170 -20.30 13.49 -7.21
CA THR B 170 -19.17 12.78 -7.80
C THR B 170 -18.41 13.68 -8.76
N SER B 171 -17.12 13.38 -8.91
CA SER B 171 -16.25 14.04 -9.88
C SER B 171 -15.56 12.97 -10.72
N SER B 172 -15.48 13.22 -12.02
CA SER B 172 -15.02 12.22 -12.98
C SER B 172 -13.92 12.77 -13.85
N GLY B 173 -13.25 11.87 -14.57
CA GLY B 173 -12.23 12.30 -15.52
C GLY B 173 -12.80 13.15 -16.64
N ASP B 174 -14.01 12.83 -17.09
CA ASP B 174 -14.69 13.70 -18.03
C ASP B 174 -15.00 15.04 -17.37
N THR B 175 -15.10 16.08 -18.19
CA THR B 175 -15.25 17.45 -17.69
C THR B 175 -16.66 17.70 -17.20
N THR B 176 -17.09 16.88 -16.23
CA THR B 176 -18.42 16.97 -15.66
C THR B 176 -18.37 16.61 -14.18
N CYS B 177 -19.38 17.09 -13.46
CA CYS B 177 -19.66 16.67 -12.09
C CYS B 177 -21.14 16.31 -12.00
N ALA B 178 -21.49 15.47 -11.03
CA ALA B 178 -22.85 14.96 -10.99
C ALA B 178 -23.35 14.88 -9.55
N LEU B 179 -24.67 15.04 -9.42
CA LEU B 179 -25.40 14.83 -8.17
C LEU B 179 -26.38 13.69 -8.37
N TRP B 180 -26.36 12.72 -7.48
CA TRP B 180 -27.16 11.50 -7.66
C TRP B 180 -28.19 11.36 -6.55
N ASP B 181 -29.13 10.45 -6.79
CA ASP B 181 -30.14 10.06 -5.82
C ASP B 181 -30.00 8.57 -5.61
N ILE B 182 -29.76 8.16 -4.36
CA ILE B 182 -29.44 6.77 -4.06
C ILE B 182 -30.66 5.87 -4.25
N GLU B 183 -31.83 6.36 -3.85
CA GLU B 183 -33.03 5.52 -3.88
C GLU B 183 -33.38 5.11 -5.30
N THR B 184 -33.29 6.04 -6.26
CA THR B 184 -33.61 5.74 -7.65
C THR B 184 -32.39 5.24 -8.42
N GLY B 185 -31.32 6.03 -8.44
CA GLY B 185 -30.13 5.67 -9.16
C GLY B 185 -29.93 6.44 -10.44
N GLN B 186 -30.38 7.69 -10.44
CA GLN B 186 -30.29 8.57 -11.60
C GLN B 186 -29.44 9.79 -11.26
N GLN B 187 -29.38 10.72 -12.21
CA GLN B 187 -28.63 11.97 -12.05
C GLN B 187 -29.63 13.12 -11.98
N THR B 188 -29.76 13.72 -10.79
CA THR B 188 -30.66 14.85 -10.64
C THR B 188 -30.09 16.10 -11.31
N THR B 189 -28.80 16.37 -11.10
CA THR B 189 -28.17 17.56 -11.65
C THR B 189 -26.78 17.20 -12.17
N THR B 190 -26.41 17.82 -13.30
CA THR B 190 -25.09 17.65 -13.90
C THR B 190 -24.48 19.03 -14.10
N PHE B 191 -23.23 19.19 -13.68
CA PHE B 191 -22.50 20.44 -13.79
C PHE B 191 -21.41 20.31 -14.84
N THR B 192 -21.36 21.26 -15.76
CA THR B 192 -20.38 21.27 -16.83
C THR B 192 -19.85 22.68 -17.04
N GLY B 193 -18.69 22.78 -17.66
CA GLY B 193 -18.05 24.06 -17.89
C GLY B 193 -16.54 24.02 -17.77
N HIS B 194 -16.01 22.88 -17.33
CA HIS B 194 -14.58 22.72 -17.22
C HIS B 194 -13.97 22.36 -18.57
N THR B 195 -12.64 22.30 -18.61
CA THR B 195 -11.91 21.91 -19.80
C THR B 195 -11.04 20.68 -19.62
N GLY B 196 -10.35 20.56 -18.48
CA GLY B 196 -9.55 19.40 -18.17
C GLY B 196 -10.24 18.48 -17.19
N ASP B 197 -9.46 17.55 -16.63
CA ASP B 197 -9.97 16.60 -15.67
C ASP B 197 -10.10 17.25 -14.29
N VAL B 198 -11.27 17.08 -13.69
CA VAL B 198 -11.53 17.58 -12.34
C VAL B 198 -11.10 16.49 -11.37
N MET B 199 -10.24 16.85 -10.41
CA MET B 199 -9.58 15.84 -9.59
C MET B 199 -9.86 15.96 -8.10
N SER B 200 -10.38 17.11 -7.64
CA SER B 200 -10.66 17.29 -6.23
C SER B 200 -12.04 17.90 -6.07
N LEU B 201 -12.59 17.78 -4.86
CA LEU B 201 -13.94 18.25 -4.58
C LEU B 201 -14.10 18.43 -3.08
N SER B 202 -14.54 19.61 -2.67
CA SER B 202 -14.74 19.93 -1.26
C SER B 202 -16.12 20.54 -1.08
N LEU B 203 -16.69 20.35 0.11
CA LEU B 203 -18.03 20.79 0.42
C LEU B 203 -18.00 21.83 1.54
N ALA B 204 -18.86 22.83 1.42
CA ALA B 204 -18.94 23.86 2.43
C ALA B 204 -19.78 23.38 3.62
N PRO B 205 -19.51 23.92 4.82
CA PRO B 205 -20.34 23.54 5.97
C PRO B 205 -21.81 23.88 5.80
N ASP B 206 -22.12 24.92 5.02
CA ASP B 206 -23.51 25.29 4.79
C ASP B 206 -24.27 24.29 3.95
N THR B 207 -23.58 23.34 3.32
CA THR B 207 -24.17 22.23 2.56
C THR B 207 -24.80 22.75 1.26
N ARG B 208 -24.74 24.07 1.04
CA ARG B 208 -25.36 24.66 -0.14
C ARG B 208 -24.38 24.88 -1.29
N LEU B 209 -23.11 25.12 -1.00
CA LEU B 209 -22.13 25.46 -2.02
C LEU B 209 -20.96 24.47 -1.96
N PHE B 210 -20.27 24.31 -3.09
CA PHE B 210 -19.10 23.45 -3.14
C PHE B 210 -18.16 23.88 -4.25
N VAL B 211 -16.88 23.61 -4.04
CA VAL B 211 -15.82 24.02 -4.94
C VAL B 211 -15.33 22.81 -5.73
N SER B 212 -14.71 23.09 -6.88
CA SER B 212 -14.14 22.05 -7.72
C SER B 212 -12.85 22.56 -8.34
N GLY B 213 -11.92 21.64 -8.53
CA GLY B 213 -10.63 21.96 -9.12
C GLY B 213 -10.23 20.97 -10.21
N ALA B 214 -9.83 21.50 -11.36
CA ALA B 214 -9.56 20.66 -12.52
C ALA B 214 -8.15 20.83 -13.06
N CYS B 215 -7.83 20.13 -14.13
CA CYS B 215 -6.51 20.19 -14.75
C CYS B 215 -6.47 21.28 -15.82
N ASP B 216 -6.89 22.49 -15.41
CA ASP B 216 -6.85 23.64 -16.29
C ASP B 216 -6.38 24.89 -15.56
N ALA B 217 -5.78 24.76 -14.38
CA ALA B 217 -5.36 25.89 -13.56
C ALA B 217 -6.52 26.84 -13.26
N SER B 218 -7.69 26.26 -13.02
CA SER B 218 -8.89 27.04 -12.72
C SER B 218 -9.71 26.32 -11.66
N ALA B 219 -10.22 27.10 -10.71
CA ALA B 219 -11.10 26.60 -9.66
C ALA B 219 -12.48 27.22 -9.83
N LYS B 220 -13.52 26.42 -9.57
CA LYS B 220 -14.89 26.87 -9.77
C LYS B 220 -15.73 26.62 -8.53
N LEU B 221 -16.79 27.43 -8.39
CA LEU B 221 -17.76 27.29 -7.32
C LEU B 221 -19.12 27.00 -7.94
N TRP B 222 -19.86 26.06 -7.36
CA TRP B 222 -21.14 25.64 -7.90
C TRP B 222 -22.23 25.80 -6.86
N ASP B 223 -23.48 25.68 -7.32
CA ASP B 223 -24.65 25.73 -6.46
C ASP B 223 -25.41 24.42 -6.63
N VAL B 224 -25.74 23.77 -5.52
CA VAL B 224 -26.37 22.45 -5.59
C VAL B 224 -27.80 22.57 -6.13
N ARG B 225 -28.56 23.53 -5.64
CA ARG B 225 -29.95 23.67 -6.08
C ARG B 225 -30.03 24.28 -7.47
N GLU B 226 -29.31 25.39 -7.70
CA GLU B 226 -29.38 26.05 -8.99
C GLU B 226 -28.75 25.20 -10.09
N GLY B 227 -27.63 24.55 -9.80
CA GLY B 227 -26.96 23.75 -10.80
C GLY B 227 -26.13 24.53 -11.79
N MET B 228 -25.80 25.79 -11.49
CA MET B 228 -25.03 26.64 -12.38
C MET B 228 -23.81 27.20 -11.64
N CYS B 229 -22.76 27.50 -12.39
CA CYS B 229 -21.55 28.04 -11.81
C CYS B 229 -21.76 29.49 -11.40
N ARG B 230 -20.93 29.96 -10.46
CA ARG B 230 -21.09 31.29 -9.91
C ARG B 230 -19.79 32.08 -9.90
N GLN B 231 -18.65 31.40 -9.81
CA GLN B 231 -17.35 32.06 -9.72
C GLN B 231 -16.31 31.24 -10.48
N THR B 232 -15.20 31.90 -10.80
CA THR B 232 -14.10 31.26 -11.51
C THR B 232 -12.80 31.95 -11.09
N PHE B 233 -11.86 31.17 -10.55
CA PHE B 233 -10.59 31.69 -10.06
C PHE B 233 -9.47 31.08 -10.88
N THR B 234 -8.58 31.94 -11.40
CA THR B 234 -7.45 31.52 -12.23
C THR B 234 -6.20 32.23 -11.72
N HIS B 236 -2.77 30.54 -11.01
CA HIS B 236 -2.16 29.21 -10.97
C HIS B 236 -1.44 28.86 -12.26
N GLU B 237 -0.45 27.98 -12.26
CA GLU B 237 0.34 27.78 -13.48
C GLU B 237 0.27 26.36 -14.02
N SER B 238 -0.19 25.39 -13.23
CA SER B 238 -0.25 24.00 -13.65
C SER B 238 -1.56 23.41 -13.14
N ASP B 239 -1.67 22.09 -13.19
CA ASP B 239 -2.88 21.41 -12.76
C ASP B 239 -3.04 21.51 -11.24
N ILE B 240 -4.28 21.40 -10.79
CA ILE B 240 -4.63 21.52 -9.38
C ILE B 240 -4.91 20.12 -8.83
N ASN B 241 -4.27 19.78 -7.71
CA ASN B 241 -4.36 18.45 -7.14
C ASN B 241 -5.28 18.34 -5.94
N ALA B 242 -5.40 19.38 -5.12
CA ALA B 242 -6.21 19.32 -3.92
C ALA B 242 -6.83 20.68 -3.63
N ILE B 243 -7.96 20.66 -2.92
CA ILE B 243 -8.66 21.87 -2.52
C ILE B 243 -9.37 21.59 -1.21
N CYS B 244 -9.54 22.63 -0.40
CA CYS B 244 -10.19 22.47 0.90
C CYS B 244 -10.78 23.81 1.34
N PHE B 245 -11.89 23.74 2.05
CA PHE B 245 -12.55 24.94 2.55
C PHE B 245 -11.90 25.44 3.85
N PHE B 246 -12.06 26.74 4.09
CA PHE B 246 -11.73 27.34 5.37
C PHE B 246 -12.89 27.07 6.33
N PRO B 247 -12.61 26.90 7.63
CA PRO B 247 -13.71 26.57 8.56
C PRO B 247 -14.82 27.61 8.62
N ASN B 248 -14.52 28.87 8.30
CA ASN B 248 -15.58 29.88 8.28
C ASN B 248 -16.56 29.61 7.15
N GLY B 249 -16.05 29.37 5.95
CA GLY B 249 -16.87 29.15 4.78
C GLY B 249 -16.83 30.26 3.74
N ASN B 250 -15.91 31.22 3.88
CA ASN B 250 -15.78 32.32 2.93
C ASN B 250 -14.44 32.32 2.20
N ALA B 251 -13.64 31.28 2.37
CA ALA B 251 -12.33 31.20 1.73
C ALA B 251 -11.97 29.74 1.53
N PHE B 252 -11.00 29.51 0.66
CA PHE B 252 -10.54 28.15 0.38
C PHE B 252 -9.08 28.17 -0.06
N ALA B 253 -8.48 26.98 -0.05
CA ALA B 253 -7.07 26.82 -0.37
C ALA B 253 -6.90 25.77 -1.45
N THR B 254 -5.93 26.01 -2.34
CA THR B 254 -5.66 25.13 -3.47
C THR B 254 -4.18 24.81 -3.54
N GLY B 255 -3.89 23.60 -3.99
CA GLY B 255 -2.51 23.16 -4.21
C GLY B 255 -2.33 22.66 -5.62
N SER B 256 -1.16 22.94 -6.20
CA SER B 256 -0.89 22.59 -7.59
C SER B 256 0.40 21.79 -7.74
N ASP B 257 0.82 21.57 -8.99
CA ASP B 257 2.03 20.83 -9.29
C ASP B 257 3.23 21.75 -9.49
N ASP B 258 3.07 23.05 -9.31
CA ASP B 258 4.15 24.01 -9.43
C ASP B 258 4.75 24.38 -8.08
N ALA B 259 4.53 23.56 -7.05
CA ALA B 259 5.11 23.74 -5.72
C ALA B 259 4.65 25.06 -5.10
N THR B 260 3.36 25.37 -5.24
CA THR B 260 2.77 26.56 -4.64
C THR B 260 1.42 26.21 -4.04
N CYS B 261 1.03 26.98 -3.03
CA CYS B 261 -0.29 26.89 -2.43
C CYS B 261 -0.94 28.26 -2.43
N ARG B 262 -2.23 28.32 -2.75
CA ARG B 262 -2.93 29.58 -2.88
C ARG B 262 -4.14 29.61 -1.97
N LEU B 263 -4.48 30.81 -1.48
CA LEU B 263 -5.62 31.03 -0.61
C LEU B 263 -6.53 32.07 -1.27
N PHE B 264 -7.70 31.64 -1.70
CA PHE B 264 -8.67 32.53 -2.34
C PHE B 264 -9.81 32.85 -1.39
N ASP B 265 -10.38 34.04 -1.57
CA ASP B 265 -11.51 34.52 -0.79
C ASP B 265 -12.72 34.69 -1.70
N LEU B 266 -13.86 34.15 -1.27
CA LEU B 266 -15.04 34.14 -2.13
C LEU B 266 -15.60 35.55 -2.34
N ARG B 267 -15.77 36.30 -1.25
CA ARG B 267 -16.38 37.62 -1.36
C ARG B 267 -15.52 38.58 -2.17
N ALA B 268 -14.20 38.56 -1.92
CA ALA B 268 -13.31 39.47 -2.64
C ALA B 268 -13.06 39.00 -4.07
N ASP B 269 -13.08 37.68 -4.30
CA ASP B 269 -12.81 37.08 -5.61
C ASP B 269 -11.43 37.51 -6.12
N GLN B 270 -10.41 37.17 -5.34
CA GLN B 270 -9.03 37.52 -5.65
C GLN B 270 -8.11 36.70 -4.75
N GLU B 271 -6.92 36.39 -5.27
CA GLU B 271 -5.93 35.67 -4.50
C GLU B 271 -5.43 36.53 -3.34
N LEU B 272 -5.07 35.87 -2.25
CA LEU B 272 -4.64 36.56 -1.04
C LEU B 272 -3.16 36.32 -0.71
N MET B 273 -2.75 35.06 -0.59
CA MET B 273 -1.38 34.72 -0.26
C MET B 273 -0.87 33.60 -1.16
N THR B 274 0.45 33.46 -1.21
CA THR B 274 1.11 32.38 -1.92
C THR B 274 2.11 31.72 -0.99
N TYR B 275 2.05 30.40 -0.90
CA TYR B 275 2.96 29.60 -0.07
C TYR B 275 3.89 28.86 -1.00
N SER B 276 5.16 29.26 -1.00
CA SER B 276 6.18 28.63 -1.83
C SER B 276 7.55 28.95 -1.25
N HIS B 277 8.52 28.08 -1.55
CA HIS B 277 9.88 28.26 -1.08
C HIS B 277 10.84 27.78 -2.16
N ASP B 278 12.03 28.38 -2.19
CA ASP B 278 13.02 28.06 -3.22
C ASP B 278 13.60 26.66 -3.07
N ASN B 279 13.49 26.05 -1.89
CA ASN B 279 14.00 24.70 -1.68
C ASN B 279 12.98 23.62 -2.00
N ILE B 280 11.77 24.00 -2.44
CA ILE B 280 10.70 23.05 -2.72
C ILE B 280 10.53 22.97 -4.24
N ILE B 281 10.73 21.77 -4.79
CA ILE B 281 10.56 21.55 -6.21
C ILE B 281 9.39 20.63 -6.52
N CYS B 282 9.13 19.61 -5.70
CA CYS B 282 8.05 18.67 -5.95
C CYS B 282 6.70 19.35 -5.73
N GLY B 283 5.64 18.67 -6.20
CA GLY B 283 4.30 19.21 -6.12
C GLY B 283 3.58 18.83 -4.84
N ILE B 284 2.36 19.34 -4.72
CA ILE B 284 1.50 19.10 -3.55
C ILE B 284 0.40 18.14 -3.94
N THR B 285 0.04 17.24 -3.02
CA THR B 285 -0.99 16.24 -3.28
C THR B 285 -2.20 16.37 -2.37
N SER B 286 -2.02 16.66 -1.09
CA SER B 286 -3.12 16.77 -0.15
C SER B 286 -2.97 18.05 0.66
N VAL B 287 -4.09 18.73 0.89
CA VAL B 287 -4.12 19.99 1.64
C VAL B 287 -5.28 19.93 2.62
N SER B 288 -5.04 20.41 3.84
CA SER B 288 -6.10 20.44 4.86
C SER B 288 -5.84 21.58 5.83
N PHE B 289 -6.88 21.95 6.55
CA PHE B 289 -6.83 23.00 7.56
C PHE B 289 -6.92 22.39 8.96
N SER B 290 -6.95 23.27 9.96
CA SER B 290 -7.13 22.89 11.35
C SER B 290 -8.51 23.32 11.83
N LYS B 291 -8.81 22.98 13.08
CA LYS B 291 -10.11 23.34 13.66
C LYS B 291 -10.28 24.86 13.74
N SER B 292 -9.23 25.56 14.15
CA SER B 292 -9.29 27.01 14.28
C SER B 292 -8.98 27.75 12.99
N GLY B 293 -8.59 27.04 11.94
CA GLY B 293 -8.23 27.70 10.70
C GLY B 293 -6.98 28.55 10.79
N ARG B 294 -5.98 28.11 11.55
CA ARG B 294 -4.72 28.80 11.71
C ARG B 294 -3.55 28.08 11.07
N LEU B 295 -3.54 26.75 11.10
CA LEU B 295 -2.49 25.94 10.50
C LEU B 295 -2.99 25.32 9.21
N LEU B 296 -2.12 25.30 8.20
CA LEU B 296 -2.42 24.68 6.91
C LEU B 296 -1.43 23.55 6.69
N LEU B 297 -1.92 22.31 6.63
CA LEU B 297 -1.08 21.13 6.49
C LEU B 297 -1.11 20.68 5.03
N ALA B 298 0.06 20.55 4.43
CA ALA B 298 0.14 20.18 3.02
C ALA B 298 1.20 19.09 2.84
N GLY B 299 0.85 18.08 2.06
CA GLY B 299 1.74 16.98 1.75
C GLY B 299 2.37 17.18 0.38
N TYR B 300 3.65 16.85 0.28
CA TYR B 300 4.41 17.03 -0.93
C TYR B 300 4.88 15.68 -1.46
N ASP B 301 5.47 15.72 -2.66
CA ASP B 301 5.92 14.49 -3.31
C ASP B 301 7.29 14.03 -2.82
N ASP B 302 8.04 14.89 -2.12
CA ASP B 302 9.37 14.52 -1.65
C ASP B 302 9.32 13.92 -0.24
N PHE B 303 8.42 12.96 -0.05
CA PHE B 303 8.37 12.10 1.14
C PHE B 303 8.11 12.86 2.43
N ASN B 304 7.84 14.16 2.35
CA ASN B 304 7.71 15.01 3.53
C ASN B 304 6.37 15.74 3.50
N CYS B 305 5.99 16.27 4.66
CA CYS B 305 4.77 17.05 4.82
C CYS B 305 5.09 18.30 5.62
N ASN B 306 4.53 19.43 5.20
CA ASN B 306 4.83 20.71 5.83
C ASN B 306 3.59 21.33 6.46
N VAL B 307 3.85 22.17 7.45
CA VAL B 307 2.80 22.92 8.16
C VAL B 307 3.11 24.40 8.00
N TRP B 308 2.14 25.15 7.48
CA TRP B 308 2.28 26.57 7.25
C TRP B 308 1.36 27.36 8.17
N ASP B 309 1.84 28.54 8.57
CA ASP B 309 1.02 29.49 9.32
C ASP B 309 0.26 30.33 8.29
N ALA B 310 -1.04 30.09 8.16
CA ALA B 310 -1.79 30.76 7.10
C ALA B 310 -2.19 32.16 7.52
N LEU B 311 -1.23 32.92 8.05
CA LEU B 311 -1.38 34.36 8.22
C LEU B 311 -0.10 35.14 7.92
N LYS B 312 1.06 34.49 7.84
CA LYS B 312 2.31 35.17 7.56
C LYS B 312 3.16 34.47 6.51
N ALA B 313 2.71 33.33 5.98
CA ALA B 313 3.44 32.58 4.95
C ALA B 313 4.84 32.21 5.42
N ASP B 314 4.92 31.60 6.61
CA ASP B 314 6.17 31.15 7.18
C ASP B 314 6.06 29.69 7.55
N ARG B 315 7.05 28.90 7.15
CA ARG B 315 7.06 27.48 7.48
C ARG B 315 7.28 27.28 8.98
N ALA B 316 6.67 26.23 9.52
CA ALA B 316 6.78 25.93 10.95
C ALA B 316 6.57 24.43 11.14
N GLY B 317 7.65 23.71 11.38
CA GLY B 317 7.57 22.29 11.67
C GLY B 317 7.36 21.41 10.46
N VAL B 318 7.97 20.22 10.48
CA VAL B 318 7.85 19.25 9.41
C VAL B 318 7.46 17.91 10.01
N LEU B 319 6.51 17.22 9.37
CA LEU B 319 6.07 15.90 9.82
C LEU B 319 6.77 14.82 9.00
N ALA B 320 8.09 14.74 9.19
CA ALA B 320 8.88 13.71 8.51
C ALA B 320 8.67 12.36 9.17
N GLY B 321 8.94 11.30 8.42
CA GLY B 321 8.78 9.97 8.95
C GLY B 321 8.27 8.93 7.95
N HIS B 322 7.89 9.36 6.76
CA HIS B 322 7.43 8.46 5.71
C HIS B 322 8.58 8.14 4.75
N ASP B 323 8.37 7.10 3.94
CA ASP B 323 9.39 6.62 3.01
C ASP B 323 9.07 6.98 1.57
N ASN B 324 7.89 6.63 1.08
CA ASN B 324 7.49 6.90 -0.29
C ASN B 324 6.53 8.09 -0.30
N ARG B 325 5.93 8.37 -1.45
CA ARG B 325 5.14 9.58 -1.64
C ARG B 325 3.93 9.61 -0.69
N VAL B 326 3.62 10.81 -0.22
CA VAL B 326 2.44 11.02 0.61
C VAL B 326 1.24 11.31 -0.29
N SER B 327 0.18 10.53 -0.12
CA SER B 327 -0.98 10.59 -0.99
C SER B 327 -2.21 11.20 -0.35
N CYS B 328 -2.47 10.92 0.92
CA CYS B 328 -3.69 11.35 1.58
C CYS B 328 -3.36 11.98 2.93
N LEU B 329 -4.22 12.91 3.35
CA LEU B 329 -4.04 13.64 4.60
C LEU B 329 -5.41 14.11 5.09
N GLY B 330 -5.63 14.01 6.39
CA GLY B 330 -6.90 14.42 6.95
C GLY B 330 -6.77 14.86 8.39
N VAL B 331 -7.76 15.64 8.82
CA VAL B 331 -7.82 16.18 10.18
C VAL B 331 -9.21 15.92 10.73
N THR B 332 -9.27 15.48 11.97
CA THR B 332 -10.55 15.14 12.60
C THR B 332 -11.37 16.39 12.86
N ASP B 333 -12.69 16.19 12.96
CA ASP B 333 -13.60 17.28 13.29
C ASP B 333 -13.30 17.84 14.67
N ASP B 334 -13.01 16.97 15.64
CA ASP B 334 -12.62 17.42 16.97
C ASP B 334 -11.25 18.06 16.99
N GLY B 335 -10.46 17.89 15.93
CA GLY B 335 -9.16 18.53 15.84
C GLY B 335 -8.16 18.08 16.89
N MET B 336 -8.09 16.78 17.15
CA MET B 336 -7.14 16.25 18.12
C MET B 336 -6.05 15.39 17.49
N ALA B 337 -6.13 15.10 16.20
CA ALA B 337 -5.13 14.27 15.54
C ALA B 337 -5.12 14.56 14.05
N VAL B 338 -4.02 14.19 13.40
CA VAL B 338 -3.87 14.30 11.96
C VAL B 338 -3.51 12.93 11.41
N ALA B 339 -4.24 12.47 10.39
CA ALA B 339 -4.01 11.17 9.79
C ALA B 339 -3.31 11.34 8.44
N THR B 340 -2.23 10.59 8.25
CA THR B 340 -1.43 10.69 7.05
C THR B 340 -1.18 9.31 6.46
N GLY B 341 -1.28 9.22 5.14
CA GLY B 341 -1.03 7.99 4.43
C GLY B 341 0.02 8.19 3.34
N SER B 342 0.51 7.07 2.81
CA SER B 342 1.58 7.11 1.82
C SER B 342 1.52 5.84 0.99
N TRP B 343 2.35 5.81 -0.05
CA TRP B 343 2.45 4.65 -0.94
C TRP B 343 3.28 3.51 -0.35
N ASP B 344 3.60 3.57 0.94
CA ASP B 344 4.32 2.51 1.63
C ASP B 344 3.38 1.56 2.36
N SER B 345 2.07 1.68 2.15
CA SER B 345 1.06 0.82 2.78
C SER B 345 1.07 0.99 4.30
N PHE B 346 1.16 2.24 4.76
CA PHE B 346 1.16 2.54 6.18
C PHE B 346 0.32 3.79 6.45
N LEU B 347 -0.27 3.84 7.63
CA LEU B 347 -1.05 4.99 8.09
C LEU B 347 -0.49 5.46 9.42
N LYS B 348 -0.28 6.77 9.55
CA LYS B 348 0.29 7.37 10.75
C LYS B 348 -0.67 8.37 11.34
N ILE B 349 -0.75 8.40 12.67
CA ILE B 349 -1.60 9.32 13.42
C ILE B 349 -0.70 10.22 14.23
N TRP B 350 -0.72 11.52 13.94
CA TRP B 350 0.13 12.50 14.58
C TRP B 350 -0.68 13.37 15.54
N ASN B 351 -0.04 13.75 16.64
CA ASN B 351 -0.68 14.58 17.66
C ASN B 351 0.29 15.63 18.18
N SER C 4 -19.39 25.25 -34.05
CA SER C 4 -18.47 25.81 -33.07
C SER C 4 -18.99 27.14 -32.53
N ILE C 5 -20.00 27.69 -33.20
CA ILE C 5 -20.58 28.96 -32.76
C ILE C 5 -21.33 28.79 -31.44
N ALA C 6 -21.90 27.60 -31.22
CA ALA C 6 -22.63 27.36 -29.97
C ALA C 6 -21.70 27.44 -28.77
N GLN C 7 -20.48 26.90 -28.89
CA GLN C 7 -19.53 26.97 -27.78
C GLN C 7 -19.15 28.42 -27.48
N ALA C 8 -18.91 29.21 -28.53
CA ALA C 8 -18.57 30.61 -28.33
C ALA C 8 -19.72 31.37 -27.67
N ARG C 9 -20.95 31.12 -28.11
CA ARG C 9 -22.10 31.78 -27.52
C ARG C 9 -22.26 31.38 -26.06
N LYS C 10 -22.06 30.10 -25.74
CA LYS C 10 -22.15 29.65 -24.35
C LYS C 10 -21.08 30.31 -23.49
N LEU C 11 -19.85 30.40 -24.01
CA LEU C 11 -18.78 31.06 -23.26
C LEU C 11 -19.10 32.52 -23.02
N VAL C 12 -19.61 33.21 -24.05
CA VAL C 12 -19.96 34.62 -23.90
C VAL C 12 -21.06 34.80 -22.86
N GLU C 13 -22.08 33.94 -22.90
CA GLU C 13 -23.16 34.03 -21.93
C GLU C 13 -22.66 33.75 -20.51
N GLN C 14 -21.77 32.76 -20.36
CA GLN C 14 -21.22 32.45 -19.04
C GLN C 14 -20.40 33.62 -18.50
N LEU C 15 -19.59 34.24 -19.36
CA LEU C 15 -18.83 35.40 -18.91
C LEU C 15 -19.73 36.58 -18.58
N LYS C 16 -20.81 36.76 -19.33
CA LYS C 16 -21.76 37.83 -19.05
C LYS C 16 -22.45 37.62 -17.71
N MET C 17 -22.84 36.38 -17.42
CA MET C 17 -23.54 36.09 -16.18
C MET C 17 -22.68 36.39 -14.95
N GLU C 18 -21.39 36.06 -15.02
CA GLU C 18 -20.46 36.27 -13.92
C GLU C 18 -19.69 37.57 -14.05
N ALA C 19 -20.30 38.59 -14.66
CA ALA C 19 -19.64 39.87 -14.88
C ALA C 19 -20.07 40.97 -13.93
N ASN C 20 -21.33 40.96 -13.47
CA ASN C 20 -21.87 41.99 -12.59
C ASN C 20 -22.26 41.34 -11.27
N ILE C 21 -21.32 41.29 -10.34
CA ILE C 21 -21.56 40.73 -9.01
C ILE C 21 -20.98 41.69 -7.97
N ASP C 22 -21.50 41.59 -6.76
CA ASP C 22 -21.06 42.45 -5.67
C ASP C 22 -19.70 41.98 -5.15
N ARG C 23 -18.79 42.93 -4.96
CA ARG C 23 -17.45 42.63 -4.46
C ARG C 23 -17.08 43.63 -3.39
N ILE C 24 -16.37 43.16 -2.36
CA ILE C 24 -15.94 43.99 -1.26
C ILE C 24 -14.42 44.18 -1.34
N LYS C 25 -13.93 45.16 -0.59
CA LYS C 25 -12.50 45.45 -0.56
C LYS C 25 -11.75 44.32 0.13
N VAL C 26 -10.47 44.15 -0.25
CA VAL C 26 -9.66 43.07 0.30
C VAL C 26 -9.44 43.28 1.80
N SER C 27 -9.30 44.53 2.23
CA SER C 27 -9.04 44.81 3.63
C SER C 27 -10.21 44.38 4.51
N LYS C 28 -11.44 44.60 4.06
CA LYS C 28 -12.60 44.23 4.85
C LYS C 28 -12.73 42.73 5.04
N ALA C 29 -12.38 41.94 4.02
CA ALA C 29 -12.39 40.49 4.16
C ALA C 29 -11.22 40.00 5.00
N ALA C 30 -10.05 40.62 4.85
CA ALA C 30 -8.90 40.24 5.66
C ALA C 30 -9.15 40.49 7.14
N ALA C 31 -9.78 41.62 7.48
CA ALA C 31 -10.07 41.92 8.88
C ALA C 31 -11.02 40.89 9.46
N ASP C 32 -12.06 40.51 8.70
CA ASP C 32 -12.99 39.50 9.17
C ASP C 32 -12.31 38.16 9.35
N LEU C 33 -11.43 37.79 8.41
CA LEU C 33 -10.69 36.54 8.54
C LEU C 33 -9.83 36.53 9.79
N MET C 34 -9.12 37.63 10.06
CA MET C 34 -8.30 37.73 11.26
C MET C 34 -9.16 37.65 12.51
N ALA C 35 -10.31 38.34 12.52
CA ALA C 35 -11.18 38.33 13.69
C ALA C 35 -11.71 36.92 13.96
N TYR C 36 -12.11 36.20 12.92
CA TYR C 36 -12.57 34.83 13.13
C TYR C 36 -11.44 33.93 13.60
N CYS C 37 -10.24 34.11 13.04
CA CYS C 37 -9.12 33.26 13.41
C CYS C 37 -8.71 33.49 14.87
N GLU C 38 -8.79 34.73 15.35
CA GLU C 38 -8.40 35.02 16.72
C GLU C 38 -9.49 34.72 17.73
N ALA C 39 -10.69 34.31 17.29
CA ALA C 39 -11.79 34.04 18.19
C ALA C 39 -11.87 32.58 18.61
N HIS C 40 -11.06 31.69 18.04
CA HIS C 40 -11.08 30.28 18.37
C HIS C 40 -9.69 29.76 18.70
N ALA C 41 -8.82 30.62 19.23
CA ALA C 41 -7.46 30.21 19.53
C ALA C 41 -7.40 29.23 20.70
N LYS C 42 -8.34 29.33 21.65
CA LYS C 42 -8.32 28.49 22.84
C LYS C 42 -8.98 27.13 22.64
N GLU C 43 -9.60 26.90 21.48
CA GLU C 43 -10.28 25.64 21.21
C GLU C 43 -9.55 24.79 20.18
N ASP C 44 -8.27 25.09 19.92
CA ASP C 44 -7.48 24.35 18.94
C ASP C 44 -6.41 23.55 19.66
N PRO C 45 -6.56 22.23 19.81
CA PRO C 45 -5.50 21.43 20.46
C PRO C 45 -4.18 21.47 19.72
N LEU C 46 -4.18 21.64 18.39
CA LEU C 46 -2.92 21.66 17.65
C LEU C 46 -2.10 22.90 17.99
N LEU C 47 -2.77 24.05 18.15
CA LEU C 47 -2.06 25.27 18.55
C LEU C 47 -1.46 25.11 19.94
N THR C 48 -2.30 24.93 20.95
CA THR C 48 -1.85 24.75 22.32
C THR C 48 -2.08 23.30 22.73
N PRO C 49 -1.03 22.53 22.99
CA PRO C 49 -1.21 21.11 23.31
C PRO C 49 -2.06 20.93 24.56
N VAL C 50 -2.91 19.90 24.53
CA VAL C 50 -3.78 19.55 25.65
C VAL C 50 -2.92 18.87 26.72
N PRO C 51 -3.25 19.00 28.00
CA PRO C 51 -2.53 18.23 29.02
C PRO C 51 -2.62 16.73 28.76
N ALA C 52 -1.56 16.02 29.15
CA ALA C 52 -1.45 14.60 28.81
C ALA C 52 -2.60 13.78 29.38
N SER C 53 -3.20 14.22 30.49
CA SER C 53 -4.32 13.48 31.06
C SER C 53 -5.51 13.46 30.11
N GLU C 54 -5.82 14.60 29.50
CA GLU C 54 -6.95 14.72 28.57
C GLU C 54 -6.51 14.51 27.13
N ASN C 55 -5.86 13.39 26.86
CA ASN C 55 -5.38 13.07 25.51
C ASN C 55 -5.72 11.63 25.19
N PRO C 56 -6.64 11.37 24.26
CA PRO C 56 -6.97 9.98 23.91
C PRO C 56 -5.79 9.20 23.36
N PHE C 57 -4.88 9.86 22.65
CA PHE C 57 -3.68 9.23 22.10
C PHE C 57 -2.53 9.52 23.06
N ARG C 58 -2.35 8.63 24.03
CA ARG C 58 -1.31 8.79 25.04
C ARG C 58 -0.16 7.82 24.81
N CYS D 22 49.61 -32.92 34.46
CA CYS D 22 49.31 -32.91 35.89
C CYS D 22 50.24 -31.95 36.64
N ILE D 23 49.96 -30.65 36.53
CA ILE D 23 50.69 -29.60 37.23
C ILE D 23 52.10 -29.52 36.66
N LYS D 24 52.85 -30.62 36.75
CA LYS D 24 54.21 -30.64 36.23
C LYS D 24 54.29 -30.22 34.77
N SER D 25 53.35 -30.66 33.95
CA SER D 25 53.29 -30.22 32.55
C SER D 25 53.12 -28.71 32.50
N SER D 26 53.94 -28.06 31.68
CA SER D 26 53.96 -26.61 31.63
C SER D 26 54.24 -26.16 30.20
N TYR D 27 53.60 -25.06 29.81
CA TYR D 27 53.76 -24.55 28.45
C TYR D 27 55.13 -23.91 28.26
N ALA D 28 55.72 -24.15 27.09
CA ALA D 28 57.00 -23.53 26.75
C ALA D 28 56.92 -22.02 26.51
N PRO D 29 55.80 -21.43 26.06
CA PRO D 29 55.76 -19.97 25.86
C PRO D 29 56.36 -19.16 27.00
N TRP D 30 56.87 -17.99 26.63
CA TRP D 30 57.66 -17.09 27.45
C TRP D 30 56.91 -15.75 27.53
N PRO D 31 57.37 -14.73 28.31
CA PRO D 31 56.46 -13.63 28.63
C PRO D 31 56.12 -12.73 27.45
N ARG D 32 56.62 -13.08 26.26
CA ARG D 32 56.05 -12.55 25.03
C ARG D 32 54.76 -13.32 24.76
N ALA D 33 53.65 -12.83 25.31
CA ALA D 33 52.36 -13.48 25.19
C ALA D 33 51.41 -12.60 24.40
N ILE D 34 51.91 -12.00 23.32
CA ILE D 34 51.07 -11.16 22.46
C ILE D 34 50.00 -11.96 21.76
N LEU D 35 50.15 -13.28 21.71
CA LEU D 35 49.11 -14.12 21.11
C LEU D 35 47.80 -14.07 21.88
N TYR D 36 47.81 -13.73 23.15
CA TYR D 36 46.55 -13.78 23.86
C TYR D 36 45.45 -13.00 23.18
N GLY D 37 45.80 -12.03 22.36
CA GLY D 37 44.78 -11.21 21.74
C GLY D 37 44.39 -11.64 20.34
N VAL D 38 45.31 -12.26 19.61
CA VAL D 38 45.04 -12.59 18.21
C VAL D 38 43.90 -13.61 18.11
N LEU D 39 43.92 -14.51 19.11
CA LEU D 39 42.90 -15.55 19.22
C LEU D 39 41.82 -15.11 20.15
N GLY D 40 42.04 -14.05 20.88
CA GLY D 40 41.06 -13.47 21.79
C GLY D 40 40.15 -12.49 21.07
N LEU D 41 40.70 -11.76 20.10
CA LEU D 41 39.87 -10.85 19.31
C LEU D 41 38.81 -11.61 18.52
N GLY D 42 39.18 -12.77 17.98
CA GLY D 42 38.18 -13.59 17.30
C GLY D 42 37.11 -14.08 18.26
N ALA D 43 37.49 -14.43 19.48
CA ALA D 43 36.51 -14.85 20.48
C ALA D 43 35.56 -13.71 20.84
N LEU D 44 36.10 -12.49 21.00
CA LEU D 44 35.24 -11.35 21.31
C LEU D 44 34.32 -11.01 20.15
N LEU D 45 34.84 -11.07 18.92
CA LEU D 45 34.02 -10.76 17.75
C LEU D 45 32.96 -11.82 17.50
N ALA D 46 33.23 -13.07 17.86
CA ALA D 46 32.28 -14.15 17.60
C ALA D 46 31.01 -14.04 18.44
N VAL D 47 31.07 -13.36 19.58
CA VAL D 47 29.93 -13.21 20.47
C VAL D 47 29.32 -11.82 20.36
N PHE D 48 30.15 -10.78 20.42
CA PHE D 48 29.63 -9.42 20.35
C PHE D 48 29.10 -9.11 18.96
N GLY D 49 29.78 -9.58 17.92
CA GLY D 49 29.37 -9.30 16.56
C GLY D 49 28.27 -10.18 16.02
N ASN D 50 27.89 -11.23 16.75
CA ASN D 50 26.82 -12.12 16.31
C ASN D 50 25.49 -11.87 17.00
N LEU D 51 25.50 -11.29 18.20
CA LEU D 51 24.25 -10.91 18.85
C LEU D 51 23.57 -9.75 18.14
N LEU D 52 24.35 -8.88 17.52
CA LEU D 52 23.78 -7.77 16.76
C LEU D 52 22.92 -8.28 15.62
N VAL D 53 23.37 -9.33 14.94
CA VAL D 53 22.62 -9.89 13.81
C VAL D 53 21.27 -10.41 14.28
N ILE D 54 21.26 -11.14 15.40
CA ILE D 54 20.01 -11.71 15.90
C ILE D 54 19.07 -10.61 16.37
N ILE D 55 19.62 -9.56 16.99
CA ILE D 55 18.78 -8.46 17.45
C ILE D 55 18.14 -7.76 16.26
N ALA D 56 18.93 -7.48 15.22
CA ALA D 56 18.40 -6.83 14.03
C ALA D 56 17.36 -7.69 13.33
N ILE D 57 17.60 -9.01 13.26
CA ILE D 57 16.63 -9.89 12.62
C ILE D 57 15.33 -9.96 13.40
N LEU D 58 15.40 -10.02 14.73
CA LEU D 58 14.20 -10.14 15.55
C LEU D 58 13.40 -8.84 15.67
N HIS D 59 14.07 -7.69 15.62
CA HIS D 59 13.38 -6.42 15.89
C HIS D 59 12.60 -5.91 14.67
N PHE D 60 13.29 -5.70 13.56
CA PHE D 60 12.66 -5.07 12.40
C PHE D 60 11.58 -5.96 11.81
N LYS D 61 10.43 -5.35 11.51
CA LYS D 61 9.30 -6.11 10.96
C LYS D 61 9.61 -6.64 9.56
N GLN D 62 10.34 -5.87 8.76
CA GLN D 62 10.82 -6.37 7.48
C GLN D 62 11.87 -7.44 7.70
N LEU D 63 12.48 -7.92 6.61
CA LEU D 63 13.51 -8.97 6.72
C LEU D 63 13.05 -10.16 7.55
N HIS D 64 11.78 -10.53 7.43
CA HIS D 64 11.24 -11.68 8.13
C HIS D 64 11.09 -12.91 7.23
N THR D 65 11.71 -12.88 6.06
CA THR D 65 11.61 -13.98 5.10
C THR D 65 12.34 -15.21 5.61
N PRO D 66 11.98 -16.40 5.10
CA PRO D 66 12.68 -17.62 5.54
C PRO D 66 14.18 -17.60 5.32
N THR D 67 14.64 -16.95 4.24
CA THR D 67 16.07 -16.84 4.00
C THR D 67 16.78 -16.17 5.16
N ASN D 68 16.12 -15.20 5.80
CA ASN D 68 16.68 -14.58 7.00
C ASN D 68 16.49 -15.43 8.24
N PHE D 69 15.46 -16.28 8.27
CA PHE D 69 15.32 -17.23 9.37
C PHE D 69 16.50 -18.20 9.41
N LEU D 70 16.94 -18.66 8.24
CA LEU D 70 18.09 -19.57 8.20
C LEU D 70 19.35 -18.88 8.71
N VAL D 71 19.56 -17.63 8.32
CA VAL D 71 20.72 -16.88 8.80
C VAL D 71 20.63 -16.66 10.30
N ALA D 72 19.42 -16.39 10.81
CA ALA D 72 19.25 -16.21 12.25
C ALA D 72 19.56 -17.50 13.00
N SER D 73 19.19 -18.63 12.47
CA SER D 73 19.55 -19.85 13.15
C SER D 73 21.02 -19.94 13.14
N LEU D 74 21.62 -19.88 11.98
CA LEU D 74 23.07 -20.03 11.93
C LEU D 74 23.75 -19.13 12.95
N ALA D 75 23.24 -17.90 13.10
CA ALA D 75 23.79 -17.00 14.12
C ALA D 75 23.57 -17.54 15.52
N CYS D 76 22.41 -18.15 15.76
CA CYS D 76 22.17 -18.82 17.05
C CYS D 76 23.18 -19.91 17.30
N ALA D 77 23.42 -20.76 16.29
CA ALA D 77 24.39 -21.83 16.45
C ALA D 77 25.79 -21.30 16.68
N ASP D 78 26.12 -20.18 16.05
CA ASP D 78 27.46 -19.60 16.18
C ASP D 78 27.65 -18.91 17.53
N PHE D 79 26.58 -18.33 18.08
CA PHE D 79 26.70 -17.57 19.32
C PHE D 79 27.01 -18.47 20.51
N LEU D 80 26.45 -19.69 20.53
CA LEU D 80 26.62 -20.57 21.68
C LEU D 80 28.04 -21.09 21.82
N VAL D 81 28.83 -21.09 20.74
CA VAL D 81 30.21 -21.56 20.81
C VAL D 81 31.19 -20.42 21.09
N GLY D 82 30.73 -19.18 21.00
CA GLY D 82 31.60 -18.04 21.24
C GLY D 82 31.78 -17.74 22.72
N VAL D 83 30.88 -18.27 23.55
CA VAL D 83 30.93 -18.02 24.99
C VAL D 83 31.08 -19.29 25.81
N THR D 84 30.78 -20.46 25.24
CA THR D 84 30.89 -21.71 25.98
C THR D 84 32.25 -22.38 25.76
N VAL D 85 32.65 -22.56 24.52
CA VAL D 85 33.87 -23.28 24.18
C VAL D 85 35.02 -22.33 23.90
N MET D 86 34.75 -21.26 23.15
CA MET D 86 35.82 -20.37 22.70
C MET D 86 36.67 -19.79 23.82
N PRO D 87 36.10 -19.22 24.89
CA PRO D 87 36.98 -18.62 25.91
C PRO D 87 37.54 -19.61 26.90
N PHE D 88 36.84 -20.73 27.15
CA PHE D 88 37.36 -21.72 28.08
C PHE D 88 38.52 -22.49 27.46
N SER D 89 38.40 -22.85 26.19
CA SER D 89 39.48 -23.57 25.50
C SER D 89 40.69 -22.69 25.24
N THR D 90 40.57 -21.37 25.42
CA THR D 90 41.71 -20.48 25.21
C THR D 90 42.86 -20.83 26.15
N VAL D 91 42.55 -21.06 27.44
CA VAL D 91 43.58 -21.40 28.40
C VAL D 91 44.22 -22.75 28.05
N ARG D 92 43.39 -23.73 27.69
CA ARG D 92 43.90 -25.05 27.33
C ARG D 92 44.78 -25.00 26.10
N SER D 93 44.52 -24.08 25.17
CA SER D 93 45.31 -23.96 23.97
C SER D 93 46.59 -23.16 24.17
N VAL D 94 46.81 -22.60 25.35
CA VAL D 94 48.02 -21.85 25.64
C VAL D 94 48.82 -22.55 26.72
N GLU D 95 48.18 -22.84 27.85
CA GLU D 95 48.87 -23.43 28.98
C GLU D 95 48.73 -24.94 29.07
N SER D 96 47.64 -25.50 28.54
CA SER D 96 47.40 -26.94 28.55
C SER D 96 47.42 -27.51 29.96
N CYS D 97 46.50 -27.00 30.78
CA CYS D 97 46.35 -27.45 32.16
C CYS D 97 44.94 -27.89 32.53
N TRP D 98 43.90 -27.23 32.02
CA TRP D 98 42.51 -27.58 32.31
C TRP D 98 42.24 -27.59 33.80
N TYR D 99 42.39 -26.42 34.42
CA TYR D 99 42.12 -26.27 35.84
C TYR D 99 40.64 -26.10 36.16
N PHE D 100 39.79 -26.05 35.13
CA PHE D 100 38.37 -25.79 35.36
C PHE D 100 37.68 -26.94 36.08
N GLY D 101 37.92 -28.17 35.64
CA GLY D 101 37.32 -29.31 36.30
C GLY D 101 37.21 -30.55 35.44
N GLU D 102 37.30 -31.72 36.09
CA GLU D 102 37.16 -32.98 35.36
C GLU D 102 35.71 -33.23 34.97
N SER D 103 34.76 -32.76 35.78
CA SER D 103 33.35 -32.99 35.48
C SER D 103 32.93 -32.29 34.21
N TYR D 104 33.44 -31.09 33.96
CA TYR D 104 33.08 -30.36 32.75
C TYR D 104 33.58 -31.05 31.51
N CYS D 105 34.62 -31.84 31.64
CA CYS D 105 35.19 -32.51 30.47
C CYS D 105 34.16 -33.36 29.75
N LYS D 106 33.27 -34.00 30.48
CA LYS D 106 32.21 -34.81 29.87
C LYS D 106 31.17 -33.96 29.15
N PHE D 107 31.18 -32.64 29.33
CA PHE D 107 30.22 -31.76 28.69
C PHE D 107 30.87 -30.84 27.65
N HIS D 108 32.09 -30.39 27.90
CA HIS D 108 32.79 -29.50 26.98
C HIS D 108 33.02 -30.19 25.65
N THR D 109 33.45 -31.45 25.70
CA THR D 109 33.67 -32.21 24.46
C THR D 109 32.36 -32.38 23.69
N CYS D 110 31.28 -32.69 24.40
CA CYS D 110 29.98 -32.83 23.76
C CYS D 110 29.45 -31.52 23.21
N PHE D 111 29.92 -30.38 23.73
CA PHE D 111 29.49 -29.07 23.25
C PHE D 111 30.37 -28.53 22.13
N ASP D 112 31.46 -29.24 21.79
CA ASP D 112 32.32 -28.84 20.69
C ASP D 112 32.02 -29.56 19.39
N THR D 113 31.71 -30.86 19.45
CA THR D 113 31.30 -31.60 18.27
C THR D 113 29.85 -31.38 17.90
N SER D 114 29.10 -30.79 18.79
CA SER D 114 27.74 -30.60 18.46
C SER D 114 27.57 -29.27 17.88
N PHE D 115 27.99 -28.26 18.60
CA PHE D 115 27.85 -26.96 18.07
C PHE D 115 28.54 -26.66 16.76
N CYS D 116 29.64 -27.31 16.39
CA CYS D 116 30.24 -27.00 15.13
C CYS D 116 29.54 -27.62 14.04
N PHE D 117 29.38 -28.89 14.10
CA PHE D 117 28.64 -29.57 13.03
C PHE D 117 27.25 -28.98 12.84
N ALA D 118 26.79 -28.12 13.75
CA ALA D 118 25.54 -27.42 13.57
C ALA D 118 25.67 -26.20 12.68
N SER D 119 26.89 -25.79 12.35
CA SER D 119 27.13 -24.64 11.50
C SER D 119 27.54 -25.05 10.13
N LEU D 120 27.57 -26.33 9.89
CA LEU D 120 27.99 -26.87 8.59
C LEU D 120 26.82 -27.22 7.69
N PHE D 121 25.81 -27.91 8.22
CA PHE D 121 24.62 -28.21 7.43
C PHE D 121 23.81 -26.97 7.13
N HIS D 122 23.94 -25.91 7.96
CA HIS D 122 23.24 -24.66 7.69
C HIS D 122 23.73 -24.01 6.40
N LEU D 123 25.04 -24.10 6.13
CA LEU D 123 25.58 -23.53 4.90
C LEU D 123 24.99 -24.22 3.68
N CYS D 124 24.88 -25.53 3.77
CA CYS D 124 24.22 -26.30 2.72
C CYS D 124 22.75 -25.91 2.49
N CYS D 125 22.00 -25.49 3.48
CA CYS D 125 20.63 -25.00 3.32
C CYS D 125 20.62 -23.59 2.75
N ILE D 126 21.54 -22.73 3.19
CA ILE D 126 21.64 -21.39 2.62
C ILE D 126 21.96 -21.48 1.12
N SER D 127 22.76 -22.43 0.77
CA SER D 127 23.16 -22.54 -0.59
C SER D 127 22.01 -22.98 -1.40
N ILE D 128 21.31 -23.99 -0.97
CA ILE D 128 20.19 -24.52 -1.74
C ILE D 128 19.09 -23.48 -1.87
N ASP D 129 18.90 -22.66 -0.84
CA ASP D 129 17.93 -21.57 -0.93
C ASP D 129 18.35 -20.56 -1.98
N ARG D 130 19.61 -20.15 -1.96
CA ARG D 130 20.11 -19.21 -2.96
C ARG D 130 20.02 -19.80 -4.36
N TYR D 131 20.22 -21.11 -4.50
CA TYR D 131 20.12 -21.75 -5.80
C TYR D 131 18.68 -21.75 -6.31
N ILE D 132 17.73 -22.11 -5.46
CA ILE D 132 16.34 -22.12 -5.88
C ILE D 132 15.85 -20.69 -6.13
N ALA D 133 16.52 -19.70 -5.55
CA ALA D 133 16.10 -18.31 -5.77
C ALA D 133 16.53 -17.81 -7.14
N VAL D 134 17.42 -18.51 -7.83
CA VAL D 134 17.95 -18.03 -9.10
C VAL D 134 17.52 -18.88 -10.29
N THR D 135 17.56 -20.21 -10.19
CA THR D 135 17.29 -21.07 -11.33
C THR D 135 15.81 -21.26 -11.61
N ASP D 136 14.92 -20.80 -10.73
CA ASP D 136 13.47 -20.91 -10.95
C ASP D 136 12.82 -19.73 -10.26
N PRO D 137 12.86 -18.55 -10.89
CA PRO D 137 12.43 -17.32 -10.20
C PRO D 137 10.92 -17.21 -10.03
N LEU D 138 10.15 -17.65 -11.03
CA LEU D 138 8.73 -17.40 -11.02
C LEU D 138 8.02 -18.08 -9.85
N THR D 139 8.40 -19.32 -9.55
CA THR D 139 7.72 -20.12 -8.55
C THR D 139 8.47 -20.16 -7.21
N TYR D 140 9.35 -19.18 -6.97
CA TYR D 140 10.08 -19.15 -5.72
C TYR D 140 9.19 -18.98 -4.48
N PRO D 141 8.26 -18.03 -4.43
CA PRO D 141 7.51 -17.84 -3.17
C PRO D 141 6.72 -19.05 -2.73
N THR D 142 6.15 -19.80 -3.67
CA THR D 142 5.32 -20.95 -3.31
C THR D 142 6.18 -22.13 -2.85
N LYS D 143 7.29 -22.39 -3.55
CA LYS D 143 8.09 -23.57 -3.25
C LYS D 143 8.77 -23.45 -1.89
N PHE D 144 9.41 -22.31 -1.63
CA PHE D 144 10.19 -22.11 -0.41
C PHE D 144 9.34 -21.34 0.59
N THR D 145 8.41 -22.06 1.21
CA THR D 145 7.47 -21.45 2.16
C THR D 145 8.15 -21.37 3.53
N VAL D 146 7.45 -20.79 4.51
CA VAL D 146 7.98 -20.67 5.87
C VAL D 146 8.13 -22.02 6.55
N SER D 147 7.22 -22.96 6.31
CA SER D 147 7.27 -24.28 6.92
C SER D 147 8.48 -25.08 6.46
N VAL D 148 8.95 -24.86 5.23
CA VAL D 148 10.10 -25.60 4.72
C VAL D 148 11.35 -25.28 5.54
N SER D 149 11.53 -24.00 5.88
CA SER D 149 12.67 -23.63 6.71
C SER D 149 12.57 -24.26 8.10
N GLY D 150 11.37 -24.61 8.53
CA GLY D 150 11.23 -25.35 9.77
C GLY D 150 11.92 -26.70 9.71
N LEU D 151 11.73 -27.43 8.61
CA LEU D 151 12.50 -28.64 8.38
C LEU D 151 13.98 -28.33 8.24
N CYS D 152 14.30 -27.23 7.55
CA CYS D 152 15.70 -26.85 7.36
C CYS D 152 16.36 -26.53 8.69
N ILE D 153 15.67 -25.78 9.56
CA ILE D 153 16.23 -25.40 10.86
C ILE D 153 16.33 -26.58 11.82
N ALA D 154 15.31 -27.44 11.87
CA ALA D 154 15.25 -28.49 12.88
C ALA D 154 16.03 -29.75 12.52
N LEU D 155 16.26 -30.01 11.23
CA LEU D 155 16.95 -31.25 10.86
C LEU D 155 18.43 -31.22 11.18
N SER D 156 19.10 -30.09 10.90
CA SER D 156 20.53 -29.99 11.17
C SER D 156 20.81 -30.11 12.66
N TRP D 157 20.01 -29.43 13.48
CA TRP D 157 20.16 -29.54 14.94
C TRP D 157 19.96 -30.97 15.39
N PHE D 158 18.97 -31.65 14.83
CA PHE D 158 18.67 -33.03 15.22
C PHE D 158 19.86 -33.94 14.90
N PHE D 159 20.35 -33.88 13.66
CA PHE D 159 21.47 -34.74 13.27
C PHE D 159 22.71 -34.44 14.12
N SER D 160 22.98 -33.15 14.37
CA SER D 160 24.13 -32.78 15.19
C SER D 160 23.98 -33.33 16.61
N VAL D 161 22.77 -33.26 17.17
CA VAL D 161 22.56 -33.74 18.53
C VAL D 161 22.77 -35.25 18.60
N THR D 162 22.18 -36.00 17.65
CA THR D 162 22.34 -37.46 17.71
C THR D 162 23.78 -37.89 17.48
N TYR D 163 24.49 -37.22 16.57
CA TYR D 163 25.89 -37.57 16.38
C TYR D 163 26.74 -37.17 17.56
N SER D 164 26.37 -36.11 18.28
CA SER D 164 27.22 -35.57 19.33
C SER D 164 27.31 -36.53 20.51
N PHE D 165 26.17 -37.01 21.00
CA PHE D 165 26.14 -37.82 22.21
C PHE D 165 26.28 -39.32 21.97
N SER D 166 26.01 -39.78 20.78
CA SER D 166 26.17 -41.19 20.49
C SER D 166 27.59 -41.64 20.38
N ILE D 167 28.47 -40.77 19.97
CA ILE D 167 29.86 -41.14 19.79
C ILE D 167 30.71 -40.71 20.99
N PHE D 168 30.49 -39.50 21.50
CA PHE D 168 31.34 -38.92 22.51
C PHE D 168 30.77 -39.07 23.92
N TYR D 169 29.53 -38.64 24.15
CA TYR D 169 28.95 -38.65 25.48
C TYR D 169 28.84 -40.08 26.02
N THR D 170 28.42 -41.01 25.18
CA THR D 170 28.33 -42.41 25.58
C THR D 170 29.68 -43.05 25.83
N GLY D 171 30.76 -42.41 25.39
CA GLY D 171 32.09 -42.97 25.61
C GLY D 171 32.32 -44.27 24.88
N ALA D 172 31.76 -44.41 23.69
CA ALA D 172 31.95 -45.60 22.87
C ALA D 172 33.11 -45.47 21.89
N ASN D 173 33.79 -44.32 21.87
CA ASN D 173 34.92 -44.09 20.98
C ASN D 173 36.26 -44.40 21.62
N GLU D 174 36.27 -44.82 22.88
CA GLU D 174 37.54 -45.08 23.57
C GLU D 174 38.22 -46.30 22.99
N GLU D 175 39.54 -46.24 22.88
CA GLU D 175 40.33 -47.34 22.34
C GLU D 175 41.63 -47.49 23.11
N THR D 185 46.01 -41.62 30.77
CA THR D 185 46.90 -40.51 31.08
C THR D 185 46.59 -39.93 32.45
N CYS D 186 47.08 -38.72 32.71
CA CYS D 186 46.91 -38.03 33.98
C CYS D 186 45.75 -37.05 33.89
N VAL D 187 45.53 -36.31 34.97
CA VAL D 187 44.46 -35.33 35.05
C VAL D 187 44.93 -34.03 34.42
N GLY D 188 44.49 -33.76 33.20
CA GLY D 188 44.85 -32.55 32.50
C GLY D 188 43.84 -32.15 31.46
N GLY D 189 44.31 -31.69 30.30
CA GLY D 189 43.43 -31.31 29.22
C GLY D 189 43.15 -32.46 28.27
N CYS D 190 42.01 -33.11 28.44
CA CYS D 190 41.68 -34.27 27.62
C CYS D 190 41.45 -33.86 26.17
N GLN D 191 42.03 -34.63 25.24
CA GLN D 191 41.93 -34.39 23.81
C GLN D 191 41.55 -35.69 23.11
N ALA D 192 40.51 -36.35 23.63
CA ALA D 192 40.13 -37.69 23.20
C ALA D 192 39.92 -37.74 21.69
N PRO D 193 40.75 -38.46 20.94
CA PRO D 193 40.54 -38.56 19.50
C PRO D 193 39.57 -39.66 19.14
N LEU D 194 39.31 -39.79 17.84
CA LEU D 194 38.43 -40.82 17.34
C LEU D 194 39.16 -42.17 17.28
N ASN D 195 38.40 -43.22 17.04
CA ASN D 195 38.93 -44.57 16.92
C ASN D 195 38.90 -45.01 15.46
N GLN D 196 39.26 -46.28 15.24
CA GLN D 196 39.29 -46.82 13.88
C GLN D 196 37.89 -46.90 13.28
N ASN D 197 36.91 -47.31 14.08
CA ASN D 197 35.57 -47.62 13.57
C ASN D 197 34.66 -46.40 13.50
N TRP D 198 35.08 -45.24 13.98
CA TRP D 198 34.24 -44.05 13.97
C TRP D 198 35.04 -42.85 13.50
N VAL D 199 35.85 -43.01 12.46
CA VAL D 199 36.57 -41.91 11.85
C VAL D 199 36.06 -41.57 10.46
N LEU D 200 35.50 -42.54 9.73
CA LEU D 200 34.85 -42.22 8.47
C LEU D 200 33.57 -41.44 8.68
N LEU D 201 32.80 -41.78 9.72
CA LEU D 201 31.56 -41.05 9.99
C LEU D 201 31.80 -39.58 10.26
N CYS D 202 33.02 -39.20 10.60
CA CYS D 202 33.40 -37.79 10.67
C CYS D 202 33.90 -37.26 9.34
N PHE D 203 33.97 -38.12 8.31
CA PHE D 203 34.46 -37.73 6.99
C PHE D 203 33.36 -37.61 5.95
N LEU D 204 32.43 -38.56 5.88
CA LEU D 204 31.34 -38.46 4.92
C LEU D 204 30.44 -37.27 5.22
N LEU D 205 30.18 -37.00 6.51
CA LEU D 205 29.32 -35.88 6.88
C LEU D 205 29.95 -34.55 6.49
N PHE D 206 31.28 -34.52 6.34
CA PHE D 206 31.92 -33.31 5.83
C PHE D 206 31.98 -33.32 4.32
N PHE D 207 32.11 -34.50 3.72
CA PHE D 207 32.29 -34.60 2.27
C PHE D 207 31.02 -34.23 1.51
N LEU D 208 29.87 -34.77 1.94
CA LEU D 208 28.66 -34.61 1.15
C LEU D 208 28.21 -33.15 1.02
N PRO D 209 28.02 -32.39 2.11
CA PRO D 209 27.58 -31.00 1.94
C PRO D 209 28.55 -30.14 1.15
N THR D 210 29.86 -30.39 1.28
CA THR D 210 30.83 -29.59 0.54
C THR D 210 30.66 -29.75 -0.96
N VAL D 211 30.54 -30.99 -1.43
CA VAL D 211 30.37 -31.22 -2.86
C VAL D 211 29.01 -30.70 -3.33
N VAL D 212 27.98 -30.81 -2.49
CA VAL D 212 26.67 -30.29 -2.88
C VAL D 212 26.74 -28.78 -3.08
N MET D 213 27.37 -28.08 -2.12
CA MET D 213 27.49 -26.64 -2.23
C MET D 213 28.33 -26.23 -3.44
N VAL D 214 29.42 -26.95 -3.69
CA VAL D 214 30.28 -26.63 -4.83
C VAL D 214 29.49 -26.76 -6.13
N PHE D 215 28.75 -27.86 -6.28
CA PHE D 215 27.97 -28.05 -7.50
C PHE D 215 26.92 -26.95 -7.67
N LEU D 216 26.19 -26.64 -6.59
CA LEU D 216 25.13 -25.64 -6.70
C LEU D 216 25.69 -24.27 -7.06
N TYR D 217 26.79 -23.87 -6.42
CA TYR D 217 27.34 -22.56 -6.72
C TYR D 217 28.01 -22.53 -8.09
N GLY D 218 28.51 -23.67 -8.58
CA GLY D 218 28.97 -23.73 -9.95
C GLY D 218 27.87 -23.48 -10.94
N ARG D 219 26.70 -24.09 -10.72
CA ARG D 219 25.57 -23.82 -11.60
C ARG D 219 25.13 -22.36 -11.51
N ILE D 220 25.15 -21.79 -10.31
CA ILE D 220 24.80 -20.38 -10.14
C ILE D 220 25.77 -19.50 -10.94
N PHE D 221 27.06 -19.81 -10.86
CA PHE D 221 28.05 -19.04 -11.62
C PHE D 221 27.83 -19.18 -13.12
N LEU D 222 27.47 -20.37 -13.58
CA LEU D 222 27.18 -20.54 -15.00
C LEU D 222 26.00 -19.68 -15.43
N VAL D 223 24.94 -19.64 -14.62
CA VAL D 223 23.78 -18.81 -14.95
C VAL D 223 24.17 -17.33 -14.99
N ALA D 224 24.97 -16.90 -14.00
CA ALA D 224 25.40 -15.51 -13.97
C ALA D 224 26.26 -15.17 -15.18
N LYS D 225 27.13 -16.07 -15.61
CA LYS D 225 27.93 -15.84 -16.80
C LYS D 225 27.05 -15.75 -18.05
N TYR D 226 26.04 -16.62 -18.14
CA TYR D 226 25.13 -16.57 -19.29
C TYR D 226 24.40 -15.23 -19.34
N GLN D 227 23.90 -14.76 -18.21
CA GLN D 227 23.14 -13.51 -18.21
C GLN D 227 24.00 -12.27 -18.41
N ALA D 228 25.32 -12.40 -18.32
CA ALA D 228 26.20 -11.25 -18.51
C ALA D 228 26.48 -10.95 -19.98
N ARG D 229 26.41 -11.94 -20.85
CA ARG D 229 26.69 -11.75 -22.27
C ARG D 229 25.49 -11.24 -23.04
N LYS D 230 24.28 -11.63 -22.64
CA LYS D 230 23.07 -11.17 -23.32
C LYS D 230 22.85 -9.67 -23.15
N ILE D 231 23.17 -9.13 -21.98
CA ILE D 231 23.05 -7.68 -21.77
C ILE D 231 23.98 -6.92 -22.69
N GLU D 232 25.22 -7.37 -22.82
CA GLU D 232 26.20 -6.70 -23.67
C GLU D 232 26.01 -7.15 -25.13
N GLY D 233 24.93 -6.64 -25.71
CA GLY D 233 24.59 -6.94 -27.10
C GLY D 233 24.06 -5.75 -27.86
N SER D 244 29.95 -10.63 -28.27
CA SER D 244 29.93 -9.70 -27.15
C SER D 244 31.29 -9.05 -26.96
N TYR D 245 31.30 -7.77 -26.60
CA TYR D 245 32.54 -7.06 -26.35
C TYR D 245 33.20 -7.57 -25.08
N LYS D 246 34.47 -7.92 -25.18
CA LYS D 246 35.23 -8.49 -24.06
C LYS D 246 35.91 -7.40 -23.23
N GLU D 247 35.14 -6.41 -22.79
CA GLU D 247 35.68 -5.35 -21.94
C GLU D 247 34.85 -5.22 -20.66
N ARG D 248 33.53 -5.38 -20.78
CA ARG D 248 32.64 -5.37 -19.62
C ARG D 248 32.22 -6.76 -19.19
N VAL D 249 32.22 -7.73 -20.12
CA VAL D 249 31.91 -9.11 -19.76
C VAL D 249 32.91 -9.63 -18.74
N ALA D 250 34.19 -9.32 -18.95
CA ALA D 250 35.20 -9.69 -17.96
C ALA D 250 34.95 -9.00 -16.63
N LYS D 251 34.46 -7.76 -16.65
CA LYS D 251 34.14 -7.06 -15.41
C LYS D 251 33.03 -7.77 -14.64
N ARG D 252 31.96 -8.16 -15.34
CA ARG D 252 30.87 -8.88 -14.69
C ARG D 252 31.35 -10.22 -14.15
N GLU D 253 32.17 -10.94 -14.93
CA GLU D 253 32.69 -12.21 -14.46
C GLU D 253 33.56 -12.04 -13.23
N ARG D 254 34.39 -10.99 -13.21
CA ARG D 254 35.22 -10.72 -12.04
C ARG D 254 34.37 -10.41 -10.82
N LYS D 255 33.30 -9.65 -11.00
CA LYS D 255 32.42 -9.36 -9.86
C LYS D 255 31.78 -10.63 -9.32
N ALA D 256 31.27 -11.48 -10.21
CA ALA D 256 30.63 -12.72 -9.76
C ALA D 256 31.64 -13.63 -9.04
N ALA D 257 32.85 -13.74 -9.60
CA ALA D 257 33.89 -14.55 -8.98
C ALA D 257 34.26 -13.99 -7.61
N LYS D 258 34.40 -12.68 -7.50
CA LYS D 258 34.74 -12.08 -6.22
C LYS D 258 33.63 -12.30 -5.20
N THR D 259 32.38 -12.35 -5.64
CA THR D 259 31.29 -12.56 -4.70
C THR D 259 31.21 -14.01 -4.21
N LEU D 260 31.45 -14.97 -5.10
CA LEU D 260 31.27 -16.38 -4.72
C LEU D 260 32.54 -17.02 -4.14
N GLY D 261 33.69 -16.80 -4.80
CA GLY D 261 34.91 -17.44 -4.38
C GLY D 261 35.35 -17.04 -2.99
N ILE D 262 34.98 -15.86 -2.52
CA ILE D 262 35.35 -15.46 -1.17
C ILE D 262 34.72 -16.40 -0.16
N ALA D 263 33.42 -16.68 -0.31
CA ALA D 263 32.75 -17.60 0.59
C ALA D 263 33.29 -19.01 0.44
N MET D 264 33.52 -19.45 -0.80
CA MET D 264 34.04 -20.81 -1.00
C MET D 264 35.40 -20.98 -0.35
N ALA D 265 36.29 -19.99 -0.53
CA ALA D 265 37.62 -20.08 0.07
C ALA D 265 37.56 -19.99 1.58
N ALA D 266 36.67 -19.14 2.11
CA ALA D 266 36.55 -19.03 3.56
C ALA D 266 36.10 -20.35 4.16
N PHE D 267 35.13 -21.02 3.54
CA PHE D 267 34.68 -22.31 4.05
C PHE D 267 35.79 -23.35 3.92
N LEU D 268 36.35 -23.50 2.73
CA LEU D 268 37.16 -24.68 2.40
C LEU D 268 38.60 -24.61 2.92
N VAL D 269 39.04 -23.47 3.44
CA VAL D 269 40.38 -23.35 3.99
C VAL D 269 40.43 -23.46 5.50
N SER D 270 39.30 -23.30 6.19
CA SER D 270 39.24 -23.40 7.64
C SER D 270 38.78 -24.77 8.12
N TRP D 271 38.56 -25.70 7.21
CA TRP D 271 38.06 -27.02 7.58
C TRP D 271 38.89 -28.16 7.01
N LEU D 272 39.50 -27.96 5.84
CA LEU D 272 40.26 -29.04 5.20
C LEU D 272 41.43 -29.55 6.03
N PRO D 273 42.28 -28.70 6.62
CA PRO D 273 43.43 -29.23 7.37
C PRO D 273 43.06 -30.19 8.49
N TYR D 274 41.98 -29.91 9.22
CA TYR D 274 41.60 -30.80 10.31
C TYR D 274 41.18 -32.17 9.80
N ILE D 275 40.39 -32.20 8.72
CA ILE D 275 39.97 -33.49 8.16
C ILE D 275 41.18 -34.24 7.61
N ILE D 276 42.11 -33.53 6.98
CA ILE D 276 43.32 -34.17 6.46
C ILE D 276 44.13 -34.78 7.59
N ASP D 277 44.29 -34.03 8.69
CA ASP D 277 45.04 -34.56 9.81
C ASP D 277 44.33 -35.75 10.45
N ALA D 278 42.99 -35.69 10.51
CA ALA D 278 42.23 -36.78 11.12
C ALA D 278 42.31 -38.06 10.30
N VAL D 279 42.31 -37.94 8.96
CA VAL D 279 42.44 -39.14 8.15
C VAL D 279 43.88 -39.63 8.13
N ILE D 280 44.84 -38.72 8.19
CA ILE D 280 46.25 -39.12 8.23
C ILE D 280 46.56 -39.79 9.57
N ASP D 281 46.12 -39.18 10.68
CA ASP D 281 46.39 -39.76 11.99
C ASP D 281 45.72 -41.12 12.13
N ALA D 282 44.48 -41.25 11.67
CA ALA D 282 43.83 -42.55 11.63
C ALA D 282 44.48 -43.42 10.57
N TYR D 283 44.30 -44.74 10.72
CA TYR D 283 44.92 -45.74 9.84
C TYR D 283 46.44 -45.59 9.79
N MET D 284 46.98 -44.85 10.77
CA MET D 284 48.44 -44.66 10.89
C MET D 284 48.80 -44.41 12.33
N ASN D 285 50.05 -44.02 12.57
CA ASN D 285 50.50 -43.71 13.92
C ASN D 285 50.07 -42.29 14.29
N PHE D 286 50.50 -41.83 15.46
CA PHE D 286 50.18 -40.49 15.97
C PHE D 286 51.38 -39.55 15.81
N ILE D 287 52.04 -39.62 14.66
CA ILE D 287 53.25 -38.84 14.37
C ILE D 287 52.99 -37.36 14.56
N THR D 288 51.73 -36.94 14.44
CA THR D 288 51.40 -35.54 14.63
C THR D 288 51.71 -35.12 16.06
N PRO D 289 52.36 -33.97 16.25
CA PRO D 289 52.67 -33.52 17.61
C PRO D 289 51.58 -32.66 18.22
N ALA D 290 51.78 -32.00 19.35
CA ALA D 290 50.64 -31.27 19.93
C ALA D 290 50.85 -29.85 19.64
N TYR D 291 51.95 -29.60 19.02
CA TYR D 291 52.28 -28.27 18.70
C TYR D 291 51.23 -27.78 17.76
N VAL D 292 50.75 -28.63 16.86
CA VAL D 292 49.84 -28.14 15.89
C VAL D 292 48.40 -28.57 16.02
N TYR D 293 48.08 -29.56 16.82
CA TYR D 293 46.68 -29.90 17.03
C TYR D 293 45.87 -28.68 17.47
N GLU D 294 46.44 -27.88 18.37
CA GLU D 294 45.76 -26.66 18.81
C GLU D 294 45.61 -25.67 17.67
N ILE D 295 46.61 -25.58 16.80
CA ILE D 295 46.52 -24.66 15.66
C ILE D 295 45.36 -25.04 14.76
N LEU D 296 45.38 -26.32 14.43
CA LEU D 296 44.31 -26.78 13.63
C LEU D 296 43.04 -26.58 14.40
N VAL D 297 42.95 -27.19 15.55
CA VAL D 297 41.71 -27.11 16.28
C VAL D 297 41.39 -25.67 16.42
N TRP D 298 42.33 -24.83 16.75
CA TRP D 298 41.90 -23.47 16.92
C TRP D 298 41.37 -22.95 15.62
N CYS D 299 42.09 -23.21 14.54
CA CYS D 299 41.69 -22.68 13.24
C CYS D 299 40.22 -22.91 12.93
N VAL D 300 39.71 -24.10 13.20
CA VAL D 300 38.37 -24.39 12.86
C VAL D 300 37.35 -23.53 13.50
N TYR D 301 37.58 -23.20 14.77
CA TYR D 301 36.68 -22.37 15.57
C TYR D 301 36.50 -20.99 14.98
N TYR D 302 37.60 -20.41 14.49
CA TYR D 302 37.57 -19.10 13.85
C TYR D 302 36.42 -18.85 12.90
N ASN D 303 36.14 -19.83 12.05
CA ASN D 303 35.07 -19.74 11.06
C ASN D 303 33.70 -19.38 11.65
N SER D 304 33.54 -19.50 12.97
CA SER D 304 32.26 -19.19 13.55
C SER D 304 32.32 -17.72 13.84
N ALA D 305 33.37 -17.06 13.33
CA ALA D 305 33.47 -15.68 13.59
C ALA D 305 33.25 -15.02 12.32
N MET D 306 33.68 -15.64 11.27
CA MET D 306 33.54 -15.04 9.95
C MET D 306 32.16 -15.23 9.34
N ASN D 307 31.37 -16.17 9.86
CA ASN D 307 30.02 -16.40 9.35
C ASN D 307 29.12 -15.17 9.40
N PRO D 308 29.02 -14.43 10.51
CA PRO D 308 28.17 -13.23 10.49
C PRO D 308 28.76 -12.08 9.71
N LEU D 309 30.06 -12.10 9.43
CA LEU D 309 30.71 -11.06 8.64
C LEU D 309 30.70 -11.37 7.15
N ILE D 310 30.23 -12.54 6.75
CA ILE D 310 30.20 -12.93 5.35
C ILE D 310 28.78 -13.10 4.81
N TYR D 311 27.83 -13.54 5.61
CA TYR D 311 26.46 -13.73 5.16
C TYR D 311 25.50 -12.66 5.64
N ALA D 312 25.92 -11.79 6.54
CA ALA D 312 25.08 -10.70 7.04
C ALA D 312 25.63 -9.33 6.69
N PHE D 313 26.85 -9.02 7.11
CA PHE D 313 27.40 -7.68 6.94
C PHE D 313 27.79 -7.35 5.50
N PHE D 314 27.75 -8.24 4.57
CA PHE D 314 28.21 -7.87 3.23
C PHE D 314 27.13 -7.28 2.38
N TYR D 315 25.88 -7.44 2.75
CA TYR D 315 24.82 -6.79 2.00
C TYR D 315 24.45 -5.44 2.62
N PRO D 316 24.07 -4.46 1.79
CA PRO D 316 23.85 -3.10 2.33
C PRO D 316 22.73 -2.98 3.35
N TRP D 317 21.64 -3.74 3.19
CA TRP D 317 20.49 -3.51 4.05
C TRP D 317 20.77 -3.92 5.49
N PHE D 318 21.49 -5.02 5.68
CA PHE D 318 21.89 -5.40 7.03
C PHE D 318 22.81 -4.35 7.64
N ARG D 319 23.68 -3.76 6.83
CA ARG D 319 24.56 -2.71 7.34
C ARG D 319 23.76 -1.49 7.79
N LYS D 320 22.76 -1.10 6.99
CA LYS D 320 21.93 0.04 7.38
C LYS D 320 21.13 -0.25 8.64
N ALA D 321 20.56 -1.46 8.73
CA ALA D 321 19.79 -1.82 9.91
C ALA D 321 20.68 -1.91 11.15
N ILE D 322 21.93 -2.32 10.98
CA ILE D 322 22.85 -2.40 12.10
C ILE D 322 23.32 -1.03 12.55
N LYS D 323 23.59 -0.12 11.61
CA LYS D 323 23.99 1.23 11.96
C LYS D 323 22.93 1.98 12.74
N LEU D 324 21.65 1.78 12.39
CA LEU D 324 20.57 2.44 13.12
C LEU D 324 20.54 2.03 14.58
N ILE D 325 21.02 0.81 14.89
CA ILE D 325 21.03 0.34 16.26
C ILE D 325 22.01 1.15 17.11
N VAL D 326 23.21 1.38 16.58
CA VAL D 326 24.25 2.10 17.33
C VAL D 326 23.88 3.55 17.60
N SER D 327 23.13 4.19 16.70
CA SER D 327 22.75 5.59 16.85
C SER D 327 21.84 5.85 18.04
N GLY D 328 21.14 4.81 18.44
CA GLY D 328 20.13 4.96 19.46
C GLY D 328 18.77 4.81 18.79
N LYS D 329 18.65 5.32 17.58
CA LYS D 329 17.35 5.76 17.11
C LYS D 329 16.30 4.74 17.31
N VAL D 330 16.67 3.45 17.33
CA VAL D 330 15.70 2.37 17.43
C VAL D 330 14.66 2.66 18.48
N PHE D 331 15.07 3.30 19.56
CA PHE D 331 14.15 3.51 20.68
C PHE D 331 12.93 4.31 20.26
N ARG D 332 13.12 5.30 19.37
CA ARG D 332 12.02 6.18 18.99
C ARG D 332 10.89 5.41 18.31
N ALA D 333 11.22 4.66 17.26
CA ALA D 333 10.22 3.91 16.51
C ALA D 333 10.95 2.94 15.58
N ASP D 334 10.19 2.29 14.71
CA ASP D 334 10.71 1.37 13.72
C ASP D 334 11.13 2.17 12.49
N SER D 335 11.50 1.47 11.42
CA SER D 335 11.95 2.10 10.18
C SER D 335 11.68 1.16 9.02
N SER D 336 12.27 1.48 7.87
CA SER D 336 12.17 0.65 6.66
C SER D 336 13.54 0.59 6.00
N THR D 337 14.21 -0.55 6.11
CA THR D 337 15.49 -0.73 5.45
C THR D 337 15.32 -0.64 3.94
N THR D 338 16.34 -0.09 3.28
CA THR D 338 16.24 0.20 1.85
C THR D 338 15.97 -1.05 1.02
N ASN D 339 16.38 -2.22 1.49
CA ASN D 339 16.11 -3.49 0.83
C ASN D 339 16.53 -3.49 -0.64
N VAL E 39 -34.34 -13.99 10.24
CA VAL E 39 -33.44 -15.02 10.75
C VAL E 39 -34.22 -16.09 11.48
N GLN E 40 -33.70 -17.32 11.47
CA GLN E 40 -34.35 -18.46 12.11
C GLN E 40 -33.33 -19.24 12.92
N LEU E 41 -33.73 -19.64 14.13
CA LEU E 41 -32.91 -20.44 15.02
C LEU E 41 -33.82 -21.47 15.68
N VAL E 42 -33.69 -22.73 15.26
CA VAL E 42 -34.59 -23.78 15.72
C VAL E 42 -33.79 -24.81 16.53
N GLU E 43 -34.38 -25.27 17.63
CA GLU E 43 -33.73 -26.15 18.59
C GLU E 43 -34.35 -27.53 18.54
N SER E 44 -33.51 -28.56 18.53
CA SER E 44 -33.94 -29.94 18.51
C SER E 44 -33.32 -30.68 19.69
N GLY E 45 -34.12 -31.58 20.26
CA GLY E 45 -33.73 -32.32 21.45
C GLY E 45 -34.84 -32.35 22.47
N GLY E 46 -34.48 -32.42 23.75
CA GLY E 46 -35.46 -32.35 24.81
C GLY E 46 -36.20 -33.66 25.01
N GLY E 47 -37.11 -33.64 25.99
CA GLY E 47 -37.90 -34.77 26.38
C GLY E 47 -37.71 -35.06 27.85
N LEU E 48 -38.10 -36.27 28.25
CA LEU E 48 -37.95 -36.73 29.62
C LEU E 48 -36.82 -37.75 29.68
N VAL E 49 -35.95 -37.60 30.68
CA VAL E 49 -34.77 -38.45 30.82
C VAL E 49 -34.62 -38.85 32.28
N GLN E 50 -34.29 -40.13 32.51
CA GLN E 50 -34.03 -40.60 33.86
C GLN E 50 -32.72 -40.01 34.37
N PRO E 51 -32.59 -39.84 35.69
CA PRO E 51 -31.35 -39.29 36.25
C PRO E 51 -30.15 -40.16 35.90
N GLY E 52 -29.02 -39.51 35.64
CA GLY E 52 -27.80 -40.21 35.32
C GLY E 52 -27.64 -40.59 33.86
N GLY E 53 -28.37 -39.96 32.96
CA GLY E 53 -28.31 -40.25 31.55
C GLY E 53 -27.41 -39.29 30.79
N SER E 54 -27.63 -39.23 29.48
CA SER E 54 -26.89 -38.32 28.60
C SER E 54 -27.79 -37.92 27.45
N ARG E 55 -27.68 -36.65 27.04
CA ARG E 55 -28.57 -36.12 26.01
C ARG E 55 -27.83 -35.10 25.16
N LYS E 56 -28.30 -34.95 23.92
CA LYS E 56 -27.71 -34.02 22.96
C LYS E 56 -28.77 -32.99 22.57
N LEU E 57 -28.39 -31.72 22.61
CA LEU E 57 -29.28 -30.63 22.22
C LEU E 57 -28.62 -29.81 21.12
N SER E 58 -29.34 -29.58 20.02
CA SER E 58 -28.76 -28.97 18.85
C SER E 58 -29.58 -27.77 18.40
N CYS E 59 -28.93 -26.62 18.27
CA CYS E 59 -29.53 -25.41 17.74
C CYS E 59 -28.98 -25.17 16.34
N SER E 60 -29.88 -25.10 15.36
CA SER E 60 -29.51 -24.87 13.97
C SER E 60 -30.01 -23.51 13.51
N ALA E 61 -29.19 -22.83 12.71
CA ALA E 61 -29.40 -21.45 12.31
C ALA E 61 -29.61 -21.36 10.80
N SER E 62 -30.39 -20.38 10.37
CA SER E 62 -30.59 -20.13 8.95
C SER E 62 -30.93 -18.66 8.75
N GLY E 63 -30.37 -18.08 7.69
CA GLY E 63 -30.66 -16.71 7.34
C GLY E 63 -29.59 -15.69 7.70
N PHE E 64 -28.45 -16.12 8.21
CA PHE E 64 -27.36 -15.20 8.54
C PHE E 64 -26.05 -15.97 8.58
N ALA E 65 -24.96 -15.22 8.49
CA ALA E 65 -23.61 -15.79 8.46
C ALA E 65 -23.26 -16.31 9.85
N PHE E 66 -23.43 -17.62 10.06
CA PHE E 66 -23.16 -18.22 11.36
C PHE E 66 -21.69 -18.14 11.73
N SER E 67 -20.80 -18.05 10.73
CA SER E 67 -19.37 -18.14 10.99
C SER E 67 -18.82 -16.95 11.77
N SER E 68 -19.56 -15.84 11.84
CA SER E 68 -19.05 -14.62 12.45
C SER E 68 -19.82 -14.20 13.69
N PHE E 69 -20.53 -15.12 14.33
CA PHE E 69 -21.32 -14.82 15.53
C PHE E 69 -20.93 -15.76 16.66
N GLY E 70 -20.67 -15.19 17.83
CA GLY E 70 -20.52 -16.01 19.03
C GLY E 70 -21.88 -16.41 19.58
N MET E 71 -21.92 -17.53 20.29
CA MET E 71 -23.18 -18.07 20.77
C MET E 71 -23.10 -18.45 22.24
N HIS E 72 -24.15 -18.12 22.98
CA HIS E 72 -24.30 -18.49 24.38
C HIS E 72 -25.41 -19.53 24.51
N TRP E 73 -25.62 -20.01 25.73
CA TRP E 73 -26.77 -20.86 26.06
C TRP E 73 -27.40 -20.33 27.34
N VAL E 74 -28.72 -20.16 27.34
CA VAL E 74 -29.43 -19.62 28.49
C VAL E 74 -30.57 -20.56 28.85
N ARG E 75 -30.62 -20.99 30.11
CA ARG E 75 -31.69 -21.87 30.57
C ARG E 75 -32.60 -21.13 31.53
N GLN E 76 -33.88 -21.50 31.49
CA GLN E 76 -34.90 -20.88 32.31
C GLN E 76 -35.64 -21.96 33.08
N ALA E 77 -35.69 -21.83 34.41
CA ALA E 77 -36.48 -22.71 35.23
C ALA E 77 -37.97 -22.45 34.98
N PRO E 78 -38.84 -23.41 35.33
CA PRO E 78 -40.28 -23.19 35.09
C PRO E 78 -40.82 -21.92 35.75
N GLU E 79 -40.34 -21.56 36.94
CA GLU E 79 -40.78 -20.33 37.58
C GLU E 79 -39.65 -19.63 38.32
N LYS E 80 -38.42 -19.72 37.82
CA LYS E 80 -37.29 -19.14 38.55
C LYS E 80 -36.25 -18.61 37.56
N GLY E 81 -36.37 -17.32 37.23
CA GLY E 81 -35.39 -16.47 36.57
C GLY E 81 -34.72 -17.09 35.37
N LEU E 82 -33.48 -16.65 35.13
CA LEU E 82 -32.68 -17.08 34.00
C LEU E 82 -31.25 -17.33 34.47
N GLU E 83 -30.52 -18.15 33.70
CA GLU E 83 -29.15 -18.49 34.06
C GLU E 83 -28.31 -18.61 32.79
N TRP E 84 -27.00 -18.47 32.98
CA TRP E 84 -26.02 -18.62 31.90
C TRP E 84 -25.21 -19.88 32.15
N VAL E 85 -25.09 -20.72 31.12
CA VAL E 85 -24.46 -22.03 31.29
C VAL E 85 -23.25 -22.25 30.39
N ALA E 86 -23.18 -21.65 29.21
CA ALA E 86 -22.07 -21.92 28.31
C ALA E 86 -21.94 -20.81 27.27
N TYR E 87 -20.72 -20.62 26.79
CA TYR E 87 -20.42 -19.59 25.80
C TYR E 87 -19.27 -20.05 24.91
N ILE E 88 -19.48 -19.89 23.59
CA ILE E 88 -18.49 -20.19 22.56
C ILE E 88 -18.31 -18.95 21.70
N SER E 89 -17.06 -18.63 21.40
CA SER E 89 -16.72 -17.44 20.62
C SER E 89 -16.57 -17.79 19.14
N SER E 90 -16.29 -16.78 18.33
CA SER E 90 -16.10 -16.96 16.91
C SER E 90 -14.72 -17.55 16.64
N GLY E 91 -14.65 -18.55 15.76
CA GLY E 91 -13.42 -19.23 15.47
C GLY E 91 -13.08 -20.36 16.42
N SER E 92 -13.94 -20.64 17.41
CA SER E 92 -13.74 -21.73 18.36
C SER E 92 -12.44 -21.58 19.14
N GLY E 93 -12.02 -20.34 19.38
CA GLY E 93 -10.78 -20.08 20.08
C GLY E 93 -10.91 -19.84 21.57
N THR E 94 -12.13 -19.71 22.08
CA THR E 94 -12.33 -19.39 23.48
C THR E 94 -13.58 -20.09 23.98
N ILE E 95 -13.53 -20.62 25.20
CA ILE E 95 -14.61 -21.42 25.78
C ILE E 95 -14.89 -20.88 27.18
N TYR E 96 -16.18 -20.83 27.55
CA TYR E 96 -16.52 -20.58 28.94
C TYR E 96 -17.75 -21.38 29.36
N TYR E 97 -17.75 -21.77 30.64
CA TYR E 97 -18.82 -22.57 31.22
C TYR E 97 -19.28 -21.90 32.51
N ALA E 98 -20.40 -22.40 33.04
CA ALA E 98 -20.87 -22.00 34.35
C ALA E 98 -20.23 -22.86 35.43
N ASP E 99 -20.34 -22.39 36.68
CA ASP E 99 -19.73 -23.11 37.79
C ASP E 99 -20.44 -24.42 38.09
N THR E 100 -21.77 -24.47 37.92
CA THR E 100 -22.53 -25.67 38.24
C THR E 100 -22.48 -26.72 37.13
N VAL E 101 -22.00 -26.37 35.95
CA VAL E 101 -21.93 -27.31 34.83
C VAL E 101 -20.50 -27.35 34.29
N LYS E 102 -19.53 -27.10 35.19
CA LYS E 102 -18.15 -26.94 34.76
C LYS E 102 -17.59 -28.20 34.13
N GLY E 103 -18.01 -29.38 34.60
CA GLY E 103 -17.40 -30.61 34.12
C GLY E 103 -18.38 -31.65 33.61
N ARG E 104 -19.65 -31.28 33.45
CA ARG E 104 -20.67 -32.22 33.00
C ARG E 104 -21.17 -31.95 31.59
N PHE E 105 -21.16 -30.70 31.14
CA PHE E 105 -21.64 -30.35 29.81
C PHE E 105 -20.47 -29.99 28.91
N THR E 106 -20.64 -30.25 27.61
CA THR E 106 -19.67 -29.82 26.61
C THR E 106 -20.40 -29.20 25.43
N ILE E 107 -19.77 -28.22 24.80
CA ILE E 107 -20.37 -27.45 23.72
C ILE E 107 -19.46 -27.52 22.49
N SER E 108 -20.07 -27.49 21.31
CA SER E 108 -19.30 -27.52 20.06
C SER E 108 -20.15 -26.92 18.96
N ARG E 109 -19.49 -26.55 17.86
CA ARG E 109 -20.17 -25.98 16.71
C ARG E 109 -19.56 -26.54 15.42
N ASP E 110 -20.38 -26.55 14.37
CA ASP E 110 -19.96 -26.92 13.03
C ASP E 110 -20.34 -25.77 12.10
N ASP E 111 -19.33 -25.01 11.68
CA ASP E 111 -19.55 -23.87 10.78
C ASP E 111 -20.04 -24.29 9.40
N PRO E 112 -19.39 -25.22 8.69
CA PRO E 112 -19.88 -25.56 7.34
C PRO E 112 -21.30 -26.10 7.33
N LYS E 113 -21.71 -26.83 8.36
CA LYS E 113 -23.08 -27.31 8.47
C LYS E 113 -24.02 -26.31 9.13
N ASN E 114 -23.48 -25.21 9.66
CA ASN E 114 -24.27 -24.16 10.32
C ASN E 114 -25.10 -24.73 11.46
N THR E 115 -24.40 -25.31 12.44
CA THR E 115 -25.09 -25.95 13.56
C THR E 115 -24.26 -25.76 14.81
N LEU E 116 -24.93 -25.78 15.97
CA LEU E 116 -24.24 -25.82 17.25
C LEU E 116 -24.93 -26.87 18.10
N PHE E 117 -24.18 -27.54 18.98
CA PHE E 117 -24.79 -28.58 19.81
C PHE E 117 -23.99 -28.76 21.08
N LEU E 118 -24.70 -29.19 22.12
CA LEU E 118 -24.10 -29.48 23.41
C LEU E 118 -24.52 -30.86 23.89
N GLN E 119 -23.56 -31.56 24.50
CA GLN E 119 -23.73 -32.85 25.12
C GLN E 119 -23.81 -32.68 26.63
N MET E 120 -24.88 -33.21 27.21
CA MET E 120 -25.14 -33.11 28.64
C MET E 120 -25.04 -34.49 29.27
N THR E 121 -24.26 -34.60 30.33
CA THR E 121 -24.02 -35.86 31.02
C THR E 121 -24.31 -35.71 32.50
N SER E 122 -24.74 -36.81 33.13
CA SER E 122 -25.04 -36.84 34.56
C SER E 122 -26.12 -35.81 34.91
N LEU E 123 -27.29 -36.00 34.31
CA LEU E 123 -28.40 -35.07 34.50
C LEU E 123 -29.03 -35.26 35.87
N ARG E 124 -28.98 -34.21 36.69
CA ARG E 124 -29.60 -34.24 38.01
C ARG E 124 -31.02 -33.69 37.90
N SER E 125 -31.64 -33.42 39.05
CA SER E 125 -32.99 -32.86 39.06
C SER E 125 -33.00 -31.34 38.89
N GLU E 126 -31.84 -30.71 38.83
CA GLU E 126 -31.74 -29.26 38.64
C GLU E 126 -31.74 -28.87 37.16
N ASP E 127 -31.67 -29.83 36.25
CA ASP E 127 -31.60 -29.55 34.82
C ASP E 127 -32.94 -29.78 34.12
N THR E 128 -34.04 -29.46 34.78
CA THR E 128 -35.38 -29.54 34.20
C THR E 128 -35.79 -28.11 33.87
N ALA E 129 -35.56 -27.70 32.63
CA ALA E 129 -35.68 -26.29 32.28
C ALA E 129 -35.86 -26.16 30.78
N MET E 130 -36.08 -24.92 30.33
CA MET E 130 -36.21 -24.60 28.92
C MET E 130 -34.95 -23.87 28.45
N TYR E 131 -34.35 -24.36 27.37
CA TYR E 131 -33.07 -23.87 26.89
C TYR E 131 -33.24 -23.03 25.64
N TYR E 132 -32.47 -21.94 25.57
CA TYR E 132 -32.46 -21.00 24.46
C TYR E 132 -31.03 -20.82 23.97
N CYS E 133 -30.88 -20.80 22.64
CA CYS E 133 -29.61 -20.54 21.99
C CYS E 133 -29.61 -19.10 21.48
N VAL E 134 -28.75 -18.27 22.05
CA VAL E 134 -28.70 -16.84 21.76
C VAL E 134 -27.38 -16.51 21.08
N ARG E 135 -27.42 -15.50 20.21
CA ARG E 135 -26.27 -15.09 19.42
C ARG E 135 -25.84 -13.68 19.81
N SER E 136 -24.56 -13.39 19.61
CA SER E 136 -24.01 -12.08 19.92
C SER E 136 -22.76 -11.85 19.09
N ILE E 137 -22.52 -10.60 18.73
CA ILE E 137 -21.34 -10.18 17.99
C ILE E 137 -20.72 -8.99 18.72
N TYR E 138 -19.39 -8.97 18.80
CA TYR E 138 -18.68 -8.00 19.62
C TYR E 138 -17.75 -7.16 18.75
N TYR E 139 -18.05 -5.87 18.65
CA TYR E 139 -17.15 -4.88 18.09
C TYR E 139 -17.66 -3.51 18.50
N TYR E 140 -16.91 -2.47 18.13
CA TYR E 140 -17.29 -1.11 18.50
C TYR E 140 -18.64 -0.75 17.89
N GLY E 141 -19.63 -0.52 18.74
CA GLY E 141 -20.96 -0.17 18.30
C GLY E 141 -21.91 -1.33 18.08
N SER E 142 -21.50 -2.55 18.39
CA SER E 142 -22.34 -3.72 18.18
C SER E 142 -23.39 -3.83 19.29
N SER E 143 -24.39 -4.67 19.05
CA SER E 143 -25.48 -4.90 20.00
C SER E 143 -25.55 -6.39 20.30
N PRO E 144 -24.86 -6.84 21.34
CA PRO E 144 -24.92 -8.26 21.71
C PRO E 144 -26.30 -8.64 22.25
N PHE E 145 -26.60 -9.93 22.15
CA PHE E 145 -27.89 -10.49 22.57
C PHE E 145 -29.03 -9.84 21.79
N ASP E 146 -28.96 -9.94 20.47
CA ASP E 146 -29.92 -9.28 19.58
C ASP E 146 -31.01 -10.21 19.07
N PHE E 147 -30.95 -11.51 19.38
CA PHE E 147 -31.96 -12.44 18.90
C PHE E 147 -31.97 -13.68 19.78
N TRP E 148 -33.16 -14.17 20.09
CA TRP E 148 -33.35 -15.37 20.88
C TRP E 148 -34.20 -16.37 20.11
N GLY E 149 -33.93 -17.66 20.33
CA GLY E 149 -34.66 -18.72 19.68
C GLY E 149 -35.92 -19.11 20.42
N GLN E 150 -36.61 -20.12 19.87
CA GLN E 150 -37.84 -20.59 20.49
C GLN E 150 -37.55 -21.36 21.78
N GLY E 151 -36.55 -22.22 21.77
CA GLY E 151 -36.16 -22.95 22.96
C GLY E 151 -36.78 -24.33 23.02
N THR E 152 -36.15 -25.21 23.80
CA THR E 152 -36.64 -26.57 23.95
C THR E 152 -36.61 -26.95 25.43
N THR E 153 -37.62 -27.69 25.87
CA THR E 153 -37.77 -28.05 27.27
C THR E 153 -37.20 -29.43 27.53
N LEU E 154 -36.64 -29.60 28.73
CA LEU E 154 -36.04 -30.86 29.15
C LEU E 154 -36.46 -31.15 30.58
N THR E 155 -36.93 -32.38 30.83
CA THR E 155 -37.42 -32.79 32.14
C THR E 155 -36.68 -34.05 32.58
N VAL E 156 -36.44 -34.14 33.89
CA VAL E 156 -35.79 -35.29 34.49
C VAL E 156 -36.78 -35.95 35.44
N SER E 157 -37.03 -37.24 35.25
CA SER E 157 -37.97 -37.97 36.09
C SER E 157 -37.34 -38.35 37.43
N ASP E 175 -19.63 -13.88 43.30
CA ASP E 175 -19.69 -13.10 42.07
C ASP E 175 -20.62 -11.90 42.21
N ILE E 176 -20.90 -11.23 41.08
CA ILE E 176 -21.73 -10.04 41.10
C ILE E 176 -23.19 -10.44 41.27
N VAL E 177 -23.85 -9.85 42.26
CA VAL E 177 -25.24 -10.18 42.59
C VAL E 177 -26.09 -8.91 42.46
N MET E 178 -27.24 -9.04 41.80
CA MET E 178 -28.18 -7.94 41.65
C MET E 178 -29.44 -8.20 42.46
N THR E 179 -29.92 -7.17 43.15
CA THR E 179 -31.16 -7.22 43.89
C THR E 179 -32.15 -6.24 43.26
N GLN E 180 -33.23 -6.77 42.71
CA GLN E 180 -34.31 -5.97 42.15
C GLN E 180 -35.64 -6.54 42.61
N ALA E 181 -35.70 -6.95 43.88
CA ALA E 181 -36.86 -7.62 44.44
C ALA E 181 -37.97 -6.62 44.70
N THR E 182 -38.54 -6.11 43.61
CA THR E 182 -39.72 -5.25 43.67
C THR E 182 -41.02 -6.01 43.43
N SER E 183 -40.94 -7.30 43.11
CA SER E 183 -42.10 -8.19 42.95
C SER E 183 -42.98 -7.63 41.84
N SER E 184 -44.28 -7.44 42.07
CA SER E 184 -45.21 -7.01 41.03
C SER E 184 -45.67 -5.59 41.30
N VAL E 185 -45.72 -4.77 40.26
CA VAL E 185 -46.22 -3.42 40.35
C VAL E 185 -47.31 -3.23 39.29
N PRO E 186 -48.53 -3.69 39.53
CA PRO E 186 -49.59 -3.52 38.53
C PRO E 186 -49.92 -2.07 38.30
N VAL E 187 -50.28 -1.75 37.05
CA VAL E 187 -50.55 -0.38 36.63
C VAL E 187 -51.57 -0.39 35.50
N THR E 188 -52.37 0.70 35.41
CA THR E 188 -53.37 0.93 34.40
C THR E 188 -52.72 1.45 33.10
N PRO E 189 -53.32 1.17 31.95
CA PRO E 189 -52.73 1.64 30.68
C PRO E 189 -52.96 3.13 30.49
N GLY E 190 -51.88 3.86 30.29
CA GLY E 190 -51.98 5.29 30.01
C GLY E 190 -50.97 6.15 30.75
N GLU E 191 -50.50 5.67 31.90
CA GLU E 191 -49.58 6.42 32.74
C GLU E 191 -48.17 5.85 32.63
N SER E 192 -47.20 6.65 33.08
CA SER E 192 -45.81 6.26 33.05
C SER E 192 -45.48 5.32 34.21
N VAL E 193 -44.41 4.55 34.04
CA VAL E 193 -43.94 3.61 35.06
C VAL E 193 -42.43 3.76 35.20
N SER E 194 -41.89 3.05 36.20
CA SER E 194 -40.46 3.10 36.47
C SER E 194 -40.06 1.85 37.24
N ILE E 195 -38.97 1.22 36.81
CA ILE E 195 -38.42 0.04 37.46
C ILE E 195 -36.99 0.34 37.87
N SER E 196 -36.67 0.10 39.13
CA SER E 196 -35.35 0.39 39.69
C SER E 196 -34.55 -0.89 39.87
N CYS E 197 -33.23 -0.73 39.99
CA CYS E 197 -32.33 -1.87 40.15
C CYS E 197 -31.05 -1.40 40.82
N ARG E 198 -30.47 -2.27 41.63
CA ARG E 198 -29.23 -2.01 42.34
C ARG E 198 -28.23 -3.12 42.05
N SER E 199 -26.95 -2.75 42.09
CA SER E 199 -25.86 -3.68 41.79
C SER E 199 -24.92 -3.78 43.00
N SER E 200 -24.33 -4.96 43.16
CA SER E 200 -23.42 -5.19 44.28
C SER E 200 -22.19 -4.29 44.20
N LYS E 201 -21.63 -4.13 43.01
CA LYS E 201 -20.44 -3.32 42.80
C LYS E 201 -20.64 -2.44 41.57
N SER E 202 -19.92 -1.32 41.54
CA SER E 202 -20.02 -0.40 40.43
C SER E 202 -19.57 -1.05 39.14
N LEU E 203 -20.38 -0.92 38.09
CA LEU E 203 -20.10 -1.53 36.80
C LEU E 203 -19.34 -0.61 35.86
N LEU E 204 -19.11 0.64 36.24
CA LEU E 204 -18.35 1.56 35.40
C LEU E 204 -16.89 1.13 35.34
N HIS E 205 -16.28 1.28 34.17
CA HIS E 205 -14.90 0.90 33.94
C HIS E 205 -14.15 2.10 33.39
N SER E 206 -12.82 2.00 33.37
CA SER E 206 -11.97 3.10 32.92
C SER E 206 -12.15 3.43 31.44
N ASN E 207 -12.81 2.57 30.67
CA ASN E 207 -13.06 2.84 29.26
C ASN E 207 -14.27 3.74 29.04
N GLY E 208 -15.03 4.06 30.08
CA GLY E 208 -16.15 4.96 29.99
C GLY E 208 -17.51 4.30 29.90
N ASN E 209 -17.57 3.02 29.56
CA ASN E 209 -18.84 2.33 29.43
C ASN E 209 -19.34 1.87 30.79
N THR E 210 -20.54 1.27 30.78
CA THR E 210 -21.18 0.80 32.00
C THR E 210 -21.56 -0.67 31.98
N TYR E 211 -21.85 -1.24 30.81
CA TYR E 211 -22.17 -2.67 30.67
C TYR E 211 -23.42 -3.04 31.48
N LEU E 212 -24.54 -2.44 31.10
CA LEU E 212 -25.85 -2.80 31.63
C LEU E 212 -26.79 -3.11 30.49
N TYR E 213 -27.50 -4.23 30.60
CA TYR E 213 -28.42 -4.68 29.56
C TYR E 213 -29.80 -4.90 30.16
N TRP E 214 -30.83 -4.60 29.38
CA TRP E 214 -32.21 -4.79 29.79
C TRP E 214 -32.90 -5.76 28.85
N PHE E 215 -33.82 -6.54 29.40
CA PHE E 215 -34.54 -7.54 28.63
C PHE E 215 -36.01 -7.56 29.05
N LEU E 216 -36.87 -7.89 28.09
CA LEU E 216 -38.30 -8.00 28.33
C LEU E 216 -38.80 -9.31 27.73
N GLN E 217 -39.62 -10.03 28.49
CA GLN E 217 -40.21 -11.29 28.06
C GLN E 217 -41.72 -11.15 28.14
N ARG E 218 -42.37 -11.11 26.98
CA ARG E 218 -43.81 -11.16 26.91
C ARG E 218 -44.30 -12.56 27.28
N PRO E 219 -45.49 -12.68 27.87
CA PRO E 219 -45.94 -14.01 28.30
C PRO E 219 -46.40 -14.88 27.14
N GLY E 220 -45.58 -15.88 26.79
CA GLY E 220 -45.94 -16.81 25.74
C GLY E 220 -44.88 -17.04 24.68
N GLN E 221 -43.82 -16.23 24.68
CA GLN E 221 -42.79 -16.34 23.65
C GLN E 221 -41.44 -16.01 24.27
N SER E 222 -40.42 -15.92 23.41
CA SER E 222 -39.06 -15.70 23.85
C SER E 222 -38.83 -14.23 24.22
N PRO E 223 -37.80 -13.95 25.02
CA PRO E 223 -37.50 -12.55 25.38
C PRO E 223 -36.93 -11.74 24.23
N GLN E 224 -36.67 -10.46 24.47
CA GLN E 224 -36.10 -9.59 23.45
C GLN E 224 -35.33 -8.47 24.14
N LEU E 225 -34.43 -7.85 23.38
CA LEU E 225 -33.55 -6.81 23.90
C LEU E 225 -34.20 -5.44 23.80
N LEU E 226 -34.04 -4.63 24.84
CA LEU E 226 -34.57 -3.28 24.88
C LEU E 226 -33.49 -2.21 24.92
N ILE E 227 -32.58 -2.28 25.89
CA ILE E 227 -31.56 -1.27 26.10
C ILE E 227 -30.23 -1.97 26.37
N TYR E 228 -29.17 -1.46 25.74
CA TYR E 228 -27.83 -2.00 25.97
C TYR E 228 -26.88 -0.85 26.32
N ARG E 229 -25.99 -1.13 27.27
CA ARG E 229 -25.01 -0.15 27.77
C ARG E 229 -25.68 1.06 28.44
N MET E 230 -26.91 0.86 28.90
CA MET E 230 -27.59 1.75 29.85
C MET E 230 -28.04 3.06 29.19
N SER E 231 -27.63 3.28 27.95
CA SER E 231 -28.02 4.53 27.29
C SER E 231 -28.58 4.31 25.89
N ASN E 232 -28.00 3.39 25.12
CA ASN E 232 -28.41 3.22 23.73
C ASN E 232 -29.75 2.50 23.64
N LEU E 233 -30.42 2.70 22.52
CA LEU E 233 -31.73 2.13 22.25
C LEU E 233 -31.62 1.06 21.17
N ALA E 234 -32.45 0.04 21.28
CA ALA E 234 -32.43 -1.06 20.32
C ALA E 234 -33.00 -0.61 18.98
N SER E 235 -33.04 -1.53 18.02
CA SER E 235 -33.44 -1.19 16.66
C SER E 235 -34.96 -1.14 16.53
N GLY E 236 -35.64 -2.27 16.77
CA GLY E 236 -37.07 -2.34 16.53
C GLY E 236 -37.94 -1.81 17.65
N VAL E 237 -37.35 -1.45 18.79
CA VAL E 237 -38.12 -0.96 19.93
C VAL E 237 -38.47 0.50 19.71
N PRO E 238 -39.58 1.00 20.26
CA PRO E 238 -39.94 2.40 20.08
C PRO E 238 -39.08 3.31 20.93
N ASP E 239 -39.32 4.62 20.76
CA ASP E 239 -38.64 5.65 21.54
C ASP E 239 -39.29 5.88 22.90
N ARG E 240 -40.41 5.20 23.16
CA ARG E 240 -41.13 5.40 24.42
C ARG E 240 -40.30 4.93 25.62
N PHE E 241 -39.56 3.84 25.46
CA PHE E 241 -38.69 3.38 26.53
C PHE E 241 -37.50 4.31 26.70
N SER E 242 -37.02 4.43 27.95
CA SER E 242 -35.80 5.17 28.24
C SER E 242 -35.14 4.56 29.45
N GLY E 243 -33.84 4.79 29.59
CA GLY E 243 -33.09 4.22 30.69
C GLY E 243 -32.04 5.17 31.20
N SER E 244 -31.68 5.00 32.47
CA SER E 244 -30.64 5.85 33.06
C SER E 244 -30.02 5.12 34.24
N GLY E 245 -28.90 5.66 34.72
CA GLY E 245 -28.21 5.07 35.85
C GLY E 245 -27.05 5.94 36.29
N SER E 246 -26.40 5.52 37.37
CA SER E 246 -25.29 6.26 37.92
C SER E 246 -24.11 5.40 38.35
N GLY E 247 -24.15 4.09 38.11
CA GLY E 247 -23.05 3.23 38.49
C GLY E 247 -23.45 2.10 39.42
N THR E 248 -24.37 2.37 40.33
CA THR E 248 -24.86 1.35 41.26
C THR E 248 -26.38 1.29 41.24
N ALA E 249 -27.02 2.44 41.03
CA ALA E 249 -28.47 2.53 40.95
C ALA E 249 -28.88 2.83 39.52
N PHE E 250 -29.83 2.05 39.01
CA PHE E 250 -30.27 2.19 37.62
C PHE E 250 -31.78 2.15 37.57
N THR E 251 -32.34 2.72 36.50
CA THR E 251 -33.79 2.75 36.34
C THR E 251 -34.16 2.71 34.86
N LEU E 252 -35.34 2.13 34.62
CA LEU E 252 -35.95 2.00 33.30
C LEU E 252 -37.33 2.64 33.36
N THR E 253 -37.62 3.53 32.43
CA THR E 253 -38.83 4.34 32.45
C THR E 253 -39.61 4.19 31.15
N ILE E 254 -40.92 4.00 31.28
CA ILE E 254 -41.84 4.01 30.15
C ILE E 254 -42.79 5.18 30.36
N SER E 255 -42.70 6.18 29.47
CA SER E 255 -43.52 7.38 29.62
C SER E 255 -44.97 7.09 29.26
N ARG E 256 -45.21 6.38 28.17
CA ARG E 256 -46.55 6.03 27.74
C ARG E 256 -46.65 4.52 27.59
N LEU E 257 -47.61 3.92 28.29
CA LEU E 257 -47.76 2.48 28.32
C LEU E 257 -48.93 2.04 27.46
N GLU E 258 -48.71 1.00 26.67
CA GLU E 258 -49.72 0.43 25.79
C GLU E 258 -50.04 -0.98 26.25
N ALA E 259 -51.20 -1.49 25.79
CA ALA E 259 -51.74 -2.74 26.30
C ALA E 259 -50.85 -3.94 26.02
N GLU E 260 -49.90 -3.84 25.10
CA GLU E 260 -49.01 -4.95 24.76
C GLU E 260 -47.70 -4.92 25.53
N ASP E 261 -47.60 -4.07 26.56
CA ASP E 261 -46.38 -3.93 27.35
C ASP E 261 -46.38 -4.81 28.59
N VAL E 262 -47.36 -5.70 28.74
CA VAL E 262 -47.39 -6.62 29.88
C VAL E 262 -46.36 -7.71 29.68
N GLY E 263 -45.64 -8.04 30.75
CA GLY E 263 -44.61 -9.07 30.69
C GLY E 263 -43.70 -8.97 31.90
N VAL E 264 -42.54 -9.61 31.77
CA VAL E 264 -41.54 -9.64 32.84
C VAL E 264 -40.29 -8.94 32.35
N TYR E 265 -39.69 -8.13 33.21
CA TYR E 265 -38.50 -7.36 32.87
C TYR E 265 -37.31 -7.90 33.67
N TYR E 266 -36.21 -8.17 32.97
CA TYR E 266 -34.98 -8.65 33.58
C TYR E 266 -33.86 -7.64 33.37
N CYS E 267 -32.67 -7.98 33.85
CA CYS E 267 -31.49 -7.15 33.66
C CYS E 267 -30.26 -8.06 33.53
N MET E 268 -29.15 -7.46 33.12
CA MET E 268 -27.93 -8.21 32.85
C MET E 268 -26.72 -7.31 33.01
N GLN E 269 -25.63 -7.88 33.49
CA GLN E 269 -24.32 -7.24 33.48
C GLN E 269 -23.38 -8.05 32.61
N HIS E 270 -22.39 -7.38 32.03
CA HIS E 270 -21.39 -8.04 31.22
C HIS E 270 -19.98 -7.62 31.60
N LEU E 271 -19.77 -7.05 32.79
CA LEU E 271 -18.43 -6.68 33.22
C LEU E 271 -17.55 -7.90 33.51
N GLU E 272 -18.15 -8.99 33.99
CA GLU E 272 -17.41 -10.21 34.30
C GLU E 272 -18.09 -11.39 33.63
N TYR E 273 -17.28 -12.38 33.28
CA TYR E 273 -17.74 -13.56 32.57
C TYR E 273 -18.76 -14.37 33.36
N PRO E 274 -18.61 -14.54 34.68
CA PRO E 274 -19.74 -15.06 35.47
C PRO E 274 -20.94 -14.14 35.34
N LEU E 275 -22.01 -14.66 34.73
CA LEU E 275 -23.13 -13.85 34.31
C LEU E 275 -24.34 -14.12 35.21
N THR E 276 -24.91 -13.05 35.77
CA THR E 276 -26.08 -13.15 36.63
C THR E 276 -27.19 -12.24 36.10
N PHE E 277 -28.42 -12.75 36.13
CA PHE E 277 -29.55 -12.02 35.56
C PHE E 277 -30.28 -11.18 36.60
N GLY E 278 -30.84 -11.82 37.62
CA GLY E 278 -31.68 -11.15 38.59
C GLY E 278 -33.04 -11.81 38.70
N ALA E 279 -33.75 -11.43 39.76
CA ALA E 279 -35.05 -12.04 40.04
C ALA E 279 -36.08 -11.66 38.98
N GLY E 280 -36.14 -10.39 38.63
CA GLY E 280 -37.09 -9.89 37.64
C GLY E 280 -38.21 -9.10 38.30
N THR E 281 -39.16 -8.68 37.47
CA THR E 281 -40.31 -7.91 37.93
C THR E 281 -41.48 -8.13 36.98
N LYS E 282 -42.69 -8.11 37.54
CA LYS E 282 -43.91 -8.33 36.78
C LYS E 282 -44.79 -7.07 36.83
N LEU E 283 -45.39 -6.74 35.69
CA LEU E 283 -46.31 -5.61 35.62
C LEU E 283 -47.76 -6.09 35.60
N GLN F 1 -4.00 34.18 -15.61
CA GLN F 1 -4.40 33.25 -16.65
C GLN F 1 -3.31 33.11 -17.71
N VAL F 2 -2.84 31.89 -17.93
CA VAL F 2 -1.81 31.64 -18.92
C VAL F 2 -2.39 31.80 -20.32
N GLN F 3 -1.57 32.27 -21.25
CA GLN F 3 -1.98 32.44 -22.63
C GLN F 3 -0.76 32.37 -23.53
N LEU F 4 -0.99 32.00 -24.79
CA LEU F 4 0.07 31.86 -25.78
C LEU F 4 -0.42 32.48 -27.08
N GLN F 5 0.25 33.54 -27.54
CA GLN F 5 -0.13 34.25 -28.74
C GLN F 5 0.89 33.99 -29.83
N GLU F 6 0.42 33.51 -30.99
CA GLU F 6 1.31 33.23 -32.12
C GLU F 6 1.28 34.40 -33.10
N SER F 7 2.21 34.39 -34.04
CA SER F 7 2.25 35.39 -35.11
C SER F 7 3.09 34.81 -36.25
N GLY F 8 3.29 35.61 -37.29
CA GLY F 8 4.11 35.23 -38.42
C GLY F 8 3.42 34.46 -39.52
N GLY F 9 2.11 34.26 -39.42
CA GLY F 9 1.41 33.52 -40.45
C GLY F 9 1.23 34.33 -41.73
N GLY F 10 0.86 33.63 -42.79
CA GLY F 10 0.62 34.29 -44.07
C GLY F 10 0.75 33.32 -45.22
N LEU F 11 0.79 33.90 -46.42
CA LEU F 11 0.96 33.18 -47.66
C LEU F 11 2.34 33.48 -48.25
N VAL F 12 2.95 32.45 -48.83
CA VAL F 12 4.30 32.58 -49.36
C VAL F 12 4.43 31.73 -50.61
N GLN F 13 5.34 32.12 -51.50
CA GLN F 13 5.66 31.34 -52.67
C GLN F 13 6.55 30.15 -52.30
N PRO F 14 6.52 29.08 -53.10
CA PRO F 14 7.39 27.93 -52.82
C PRO F 14 8.86 28.32 -52.85
N GLY F 15 9.63 27.70 -51.95
CA GLY F 15 11.04 27.96 -51.86
C GLY F 15 11.43 29.19 -51.06
N GLY F 16 10.48 29.86 -50.43
CA GLY F 16 10.76 31.07 -49.68
C GLY F 16 11.15 30.78 -48.24
N SER F 17 11.20 31.84 -47.45
CA SER F 17 11.55 31.78 -46.04
C SER F 17 10.47 32.44 -45.20
N LEU F 18 10.38 32.04 -43.94
CA LEU F 18 9.33 32.56 -43.07
C LEU F 18 9.76 32.44 -41.61
N ARG F 19 9.15 33.28 -40.78
CA ARG F 19 9.42 33.31 -39.35
C ARG F 19 8.11 33.19 -38.59
N LEU F 20 8.19 32.54 -37.42
CA LEU F 20 7.05 32.41 -36.53
C LEU F 20 7.48 32.78 -35.11
N SER F 21 6.63 33.55 -34.44
CA SER F 21 6.90 34.03 -33.10
C SER F 21 5.79 33.61 -32.16
N CYS F 22 6.16 33.19 -30.96
CA CYS F 22 5.22 32.79 -29.91
C CYS F 22 5.54 33.56 -28.65
N ALA F 23 4.55 34.26 -28.11
CA ALA F 23 4.69 35.06 -26.90
C ALA F 23 3.84 34.44 -25.80
N ALA F 24 4.39 34.43 -24.58
CA ALA F 24 3.75 33.78 -23.44
C ALA F 24 3.74 34.71 -22.23
N SER F 25 2.77 34.51 -21.36
CA SER F 25 2.65 35.31 -20.15
C SER F 25 1.94 34.49 -19.07
N GLY F 26 2.12 34.92 -17.83
CA GLY F 26 1.47 34.28 -16.71
C GLY F 26 2.24 33.18 -16.03
N PHE F 27 3.40 32.80 -16.57
CA PHE F 27 4.19 31.73 -15.97
C PHE F 27 5.66 32.01 -16.22
N THR F 28 6.51 31.37 -15.41
CA THR F 28 7.96 31.50 -15.56
C THR F 28 8.40 30.75 -16.80
N PHE F 29 8.90 31.49 -17.80
CA PHE F 29 9.27 30.89 -19.08
C PHE F 29 10.56 30.08 -19.01
N SER F 30 11.34 30.22 -17.95
CA SER F 30 12.66 29.60 -17.88
C SER F 30 12.65 28.20 -17.25
N ASN F 31 11.47 27.68 -16.90
CA ASN F 31 11.37 26.39 -16.24
C ASN F 31 10.45 25.41 -16.96
N TYR F 32 10.23 25.61 -18.26
CA TYR F 32 9.36 24.72 -19.03
C TYR F 32 9.96 24.45 -20.40
N LYS F 33 9.59 23.31 -20.96
CA LYS F 33 10.02 22.89 -22.30
C LYS F 33 8.92 23.20 -23.30
N MET F 34 9.28 23.82 -24.41
CA MET F 34 8.32 24.25 -25.41
C MET F 34 8.38 23.37 -26.66
N ASN F 35 7.23 23.23 -27.31
CA ASN F 35 7.08 22.38 -28.49
C ASN F 35 6.30 23.15 -29.56
N TRP F 36 6.46 22.68 -30.80
CA TRP F 36 5.69 23.20 -31.93
C TRP F 36 4.83 22.08 -32.48
N VAL F 37 3.59 22.41 -32.87
CA VAL F 37 2.64 21.43 -33.37
C VAL F 37 1.94 22.02 -34.59
N ARG F 38 1.65 21.17 -35.58
CA ARG F 38 0.94 21.62 -36.78
C ARG F 38 -0.21 20.67 -37.07
N GLN F 39 -1.22 21.19 -37.75
CA GLN F 39 -2.42 20.43 -38.10
C GLN F 39 -2.71 20.61 -39.59
N ALA F 40 -2.46 19.57 -40.38
CA ALA F 40 -2.79 19.62 -41.79
C ALA F 40 -4.29 19.42 -41.99
N PRO F 41 -4.84 19.93 -43.10
CA PRO F 41 -6.28 19.74 -43.36
C PRO F 41 -6.60 18.25 -43.53
N GLY F 42 -7.65 17.83 -42.83
CA GLY F 42 -8.10 16.45 -42.91
C GLY F 42 -7.24 15.45 -42.17
N LYS F 43 -6.28 15.91 -41.36
CA LYS F 43 -5.39 15.03 -40.62
C LYS F 43 -5.28 15.53 -39.18
N GLY F 44 -4.85 14.62 -38.30
CA GLY F 44 -4.67 14.96 -36.90
C GLY F 44 -3.42 15.77 -36.64
N LEU F 45 -3.29 16.22 -35.40
CA LEU F 45 -2.14 17.01 -35.00
C LEU F 45 -0.87 16.16 -35.01
N GLU F 46 0.25 16.81 -35.32
CA GLU F 46 1.53 16.13 -35.41
C GLU F 46 2.61 16.95 -34.73
N TRP F 47 3.64 16.27 -34.24
CA TRP F 47 4.75 16.90 -33.55
C TRP F 47 5.84 17.27 -34.55
N VAL F 48 6.45 18.44 -34.32
CA VAL F 48 7.46 18.95 -35.24
C VAL F 48 8.81 19.06 -34.54
N SER F 49 8.88 19.86 -33.48
CA SER F 49 10.15 20.08 -32.80
C SER F 49 9.89 20.53 -31.37
N ASP F 50 10.93 20.46 -30.55
CA ASP F 50 10.87 20.90 -29.17
C ASP F 50 12.23 21.45 -28.76
N ILE F 51 12.23 22.29 -27.72
CA ILE F 51 13.44 22.91 -27.21
C ILE F 51 13.44 22.83 -25.70
N SER F 52 14.60 22.46 -25.14
CA SER F 52 14.72 22.22 -23.70
C SER F 52 14.80 23.55 -22.94
N GLN F 53 15.06 23.47 -21.64
CA GLN F 53 15.09 24.67 -20.81
C GLN F 53 16.22 25.61 -21.22
N SER F 54 17.40 25.07 -21.47
CA SER F 54 18.57 25.86 -21.83
C SER F 54 18.91 25.78 -23.32
N GLY F 55 18.11 25.07 -24.10
CA GLY F 55 18.38 24.93 -25.52
C GLY F 55 19.50 23.98 -25.87
N ALA F 56 20.00 23.20 -24.90
CA ALA F 56 21.08 22.26 -25.19
C ALA F 56 20.59 21.10 -26.05
N SER F 57 19.40 20.59 -25.77
CA SER F 57 18.83 19.48 -26.51
C SER F 57 17.77 19.99 -27.48
N ILE F 58 17.91 19.62 -28.74
CA ILE F 58 17.00 20.03 -29.80
C ILE F 58 16.74 18.85 -30.72
N SER F 59 15.47 18.65 -31.08
CA SER F 59 15.07 17.54 -31.94
C SER F 59 14.12 18.04 -33.02
N TYR F 60 14.11 17.35 -34.16
CA TYR F 60 13.25 17.70 -35.27
C TYR F 60 12.60 16.44 -35.83
N THR F 61 11.45 16.63 -36.47
CA THR F 61 10.82 15.57 -37.24
C THR F 61 11.62 15.33 -38.51
N GLY F 62 11.72 14.05 -38.90
CA GLY F 62 12.55 13.70 -40.05
C GLY F 62 12.12 14.40 -41.33
N SER F 63 10.82 14.54 -41.53
CA SER F 63 10.32 15.15 -42.76
C SER F 63 10.71 16.62 -42.89
N VAL F 64 11.02 17.29 -41.79
CA VAL F 64 11.37 18.71 -41.80
C VAL F 64 12.80 18.95 -41.35
N LYS F 65 13.61 17.90 -41.27
CA LYS F 65 14.99 18.04 -40.82
C LYS F 65 15.83 18.77 -41.87
N GLY F 66 16.69 19.68 -41.40
CA GLY F 66 17.60 20.40 -42.25
C GLY F 66 17.09 21.71 -42.80
N ARG F 67 15.81 22.03 -42.58
CA ARG F 67 15.22 23.26 -43.09
C ARG F 67 14.62 24.16 -42.02
N PHE F 68 14.25 23.62 -40.87
CA PHE F 68 13.61 24.39 -39.81
C PHE F 68 14.56 24.52 -38.62
N THR F 69 14.55 25.70 -38.00
CA THR F 69 15.37 25.95 -36.81
C THR F 69 14.50 26.53 -35.70
N ILE F 70 14.82 26.14 -34.46
CA ILE F 70 14.06 26.52 -33.28
C ILE F 70 14.98 27.23 -32.31
N SER F 71 14.47 28.26 -31.64
CA SER F 71 15.24 29.00 -30.65
C SER F 71 14.28 29.63 -29.64
N ARG F 72 14.84 29.99 -28.48
CA ARG F 72 14.07 30.64 -27.43
C ARG F 72 14.87 31.78 -26.83
N ASP F 73 14.16 32.79 -26.33
CA ASP F 73 14.74 33.92 -25.61
C ASP F 73 14.08 33.96 -24.24
N ASN F 74 14.85 33.60 -23.20
CA ASN F 74 14.31 33.57 -21.85
C ASN F 74 14.17 34.98 -21.29
N ALA F 75 15.09 35.89 -21.63
CA ALA F 75 15.00 37.25 -21.15
C ALA F 75 13.74 37.94 -21.68
N LYS F 76 13.42 37.73 -22.95
CA LYS F 76 12.25 38.34 -23.57
C LYS F 76 11.02 37.46 -23.52
N ASN F 77 11.13 36.24 -22.97
CA ASN F 77 9.99 35.31 -22.87
C ASN F 77 9.36 35.07 -24.23
N THR F 78 10.17 34.64 -25.19
CA THR F 78 9.70 34.49 -26.56
C THR F 78 10.23 33.20 -27.16
N LEU F 79 9.47 32.61 -28.07
CA LEU F 79 9.88 31.44 -28.82
C LEU F 79 9.87 31.75 -30.31
N TYR F 80 10.86 31.26 -31.04
CA TYR F 80 11.02 31.58 -32.45
C TYR F 80 11.10 30.31 -33.28
N LEU F 81 10.69 30.42 -34.54
CA LEU F 81 10.83 29.34 -35.50
C LEU F 81 11.19 29.93 -36.86
N GLN F 82 12.19 29.35 -37.51
CA GLN F 82 12.65 29.78 -38.82
C GLN F 82 12.44 28.65 -39.81
N MET F 83 11.76 28.95 -40.92
CA MET F 83 11.47 27.96 -41.95
C MET F 83 12.05 28.42 -43.27
N ASN F 84 12.70 27.48 -43.97
CA ASN F 84 13.35 27.77 -45.25
C ASN F 84 12.96 26.72 -46.28
N SER F 85 12.83 27.14 -47.53
CA SER F 85 12.56 26.26 -48.66
C SER F 85 11.30 25.43 -48.43
N LEU F 86 10.16 26.14 -48.36
CA LEU F 86 8.89 25.48 -48.10
C LEU F 86 8.48 24.60 -49.28
N LYS F 87 7.57 23.67 -48.99
CA LYS F 87 7.03 22.73 -49.95
C LYS F 87 5.51 22.78 -49.91
N PRO F 88 4.84 22.39 -51.00
CA PRO F 88 3.37 22.51 -51.03
C PRO F 88 2.67 21.72 -49.94
N GLU F 89 3.28 20.67 -49.41
CA GLU F 89 2.68 19.90 -48.33
C GLU F 89 2.84 20.57 -46.97
N ASP F 90 3.56 21.69 -46.90
CA ASP F 90 3.87 22.35 -45.63
C ASP F 90 2.95 23.51 -45.33
N THR F 91 1.67 23.42 -45.73
CA THR F 91 0.66 24.42 -45.39
C THR F 91 -0.25 23.85 -44.31
N ALA F 92 -0.42 24.60 -43.22
CA ALA F 92 -1.16 24.08 -42.07
C ALA F 92 -1.35 25.18 -41.03
N VAL F 93 -2.02 24.81 -39.95
CA VAL F 93 -2.21 25.66 -38.78
C VAL F 93 -1.17 25.29 -37.73
N TYR F 94 -0.51 26.29 -37.18
CA TYR F 94 0.63 26.14 -36.29
C TYR F 94 0.25 26.57 -34.88
N TYR F 95 0.71 25.81 -33.88
CA TYR F 95 0.53 26.10 -32.48
C TYR F 95 1.85 25.94 -31.74
N CYS F 96 2.04 26.75 -30.71
CA CYS F 96 3.18 26.64 -29.79
C CYS F 96 2.65 26.17 -28.44
N ALA F 97 3.15 25.02 -27.98
CA ALA F 97 2.62 24.36 -26.80
C ALA F 97 3.70 24.25 -25.73
N ARG F 98 3.25 23.97 -24.50
CA ARG F 98 4.13 23.92 -23.34
C ARG F 98 3.89 22.63 -22.57
N CYS F 99 4.96 22.06 -22.03
CA CYS F 99 4.84 20.84 -21.24
C CYS F 99 4.03 21.12 -19.98
N PRO F 100 3.24 20.15 -19.52
CA PRO F 100 2.38 20.39 -18.34
C PRO F 100 3.14 20.59 -17.05
N ALA F 101 4.10 19.71 -16.75
CA ALA F 101 4.77 19.72 -15.46
C ALA F 101 6.18 20.28 -15.59
N PRO F 102 6.57 21.22 -14.74
CA PRO F 102 7.93 21.76 -14.79
C PRO F 102 8.96 20.74 -14.31
N PHE F 103 10.20 20.95 -14.77
CA PHE F 103 11.35 20.14 -14.36
C PHE F 103 11.13 18.66 -14.68
N THR F 104 10.71 18.39 -15.92
CA THR F 104 10.46 17.03 -16.39
C THR F 104 11.11 16.86 -17.75
N ARG F 105 11.06 15.62 -18.25
CA ARG F 105 11.64 15.28 -19.54
C ARG F 105 10.63 14.70 -20.51
N ASP F 106 9.35 14.63 -20.15
CA ASP F 106 8.33 14.06 -21.01
C ASP F 106 7.07 14.91 -20.94
N CYS F 107 6.26 14.83 -21.99
CA CYS F 107 5.01 15.57 -22.04
C CYS F 107 4.00 14.82 -22.90
N PHE F 108 2.72 15.11 -22.65
CA PHE F 108 1.60 14.53 -23.39
C PHE F 108 0.77 15.71 -23.90
N ASP F 109 1.14 16.23 -25.08
CA ASP F 109 0.62 17.50 -25.56
C ASP F 109 -0.12 17.42 -26.89
N VAL F 110 -0.03 16.30 -27.60
CA VAL F 110 -0.75 16.11 -28.85
C VAL F 110 -2.08 15.45 -28.48
N THR F 111 -3.14 16.26 -28.37
CA THR F 111 -4.43 15.78 -27.92
C THR F 111 -5.51 16.37 -28.82
N SER F 112 -6.61 15.62 -28.98
CA SER F 112 -7.68 16.00 -29.90
C SER F 112 -8.48 17.15 -29.29
N THR F 113 -7.96 18.36 -29.45
CA THR F 113 -8.65 19.60 -29.07
C THR F 113 -9.05 19.59 -27.59
N THR F 114 -8.25 18.95 -26.75
CA THR F 114 -8.52 18.90 -25.32
C THR F 114 -7.42 19.54 -24.48
N TYR F 115 -6.19 19.61 -25.00
CA TYR F 115 -5.11 20.24 -24.25
C TYR F 115 -5.42 21.71 -23.97
N ALA F 116 -5.17 22.13 -22.75
CA ALA F 116 -5.54 23.47 -22.31
C ALA F 116 -4.41 24.48 -22.47
N TYR F 117 -3.16 24.03 -22.38
CA TYR F 117 -2.01 24.93 -22.47
C TYR F 117 -1.50 25.02 -23.91
N ARG F 118 -2.40 25.44 -24.79
CA ARG F 118 -2.10 25.58 -26.20
C ARG F 118 -2.66 26.91 -26.70
N GLY F 119 -2.04 27.44 -27.75
CA GLY F 119 -2.44 28.71 -28.31
C GLY F 119 -3.61 28.56 -29.27
N GLN F 120 -3.94 29.67 -29.92
CA GLN F 120 -5.05 29.68 -30.86
C GLN F 120 -4.64 29.09 -32.21
N GLY F 121 -3.50 29.51 -32.73
CA GLY F 121 -2.99 28.95 -33.97
C GLY F 121 -2.90 29.95 -35.11
N THR F 122 -1.92 29.79 -35.99
CA THR F 122 -1.77 30.65 -37.15
C THR F 122 -1.76 29.82 -38.43
N GLN F 123 -2.48 30.29 -39.44
CA GLN F 123 -2.57 29.60 -40.72
C GLN F 123 -1.42 30.05 -41.63
N VAL F 124 -0.64 29.09 -42.10
CA VAL F 124 0.46 29.35 -43.02
C VAL F 124 0.22 28.56 -44.29
N THR F 125 0.23 29.25 -45.43
CA THR F 125 -0.04 28.63 -46.72
C THR F 125 1.03 28.98 -47.73
N VAL F 126 1.38 27.99 -48.55
CA VAL F 126 2.37 28.14 -49.62
C VAL F 126 1.77 27.60 -50.90
N SER F 127 1.95 28.34 -51.99
CA SER F 127 1.45 27.93 -53.30
C SER F 127 2.13 28.73 -54.41
#